data_1IJR
# 
_entry.id   1IJR 
# 
_audit_conform.dict_name       mmcif_pdbx.dic 
_audit_conform.dict_version    5.386 
_audit_conform.dict_location   http://mmcif.pdb.org/dictionaries/ascii/mmcif_pdbx.dic 
# 
loop_
_database_2.database_id 
_database_2.database_code 
_database_2.pdbx_database_accession 
_database_2.pdbx_DOI 
PDB   1IJR         pdb_00001ijr 10.2210/pdb1ijr/pdb 
RCSB  RCSB013343   ?            ?                   
WWPDB D_1000013343 ?            ?                   
# 
loop_
_pdbx_audit_revision_history.ordinal 
_pdbx_audit_revision_history.data_content_type 
_pdbx_audit_revision_history.major_revision 
_pdbx_audit_revision_history.minor_revision 
_pdbx_audit_revision_history.revision_date 
1 'Structure model' 1 0 2002-05-01 
2 'Structure model' 1 1 2008-04-27 
3 'Structure model' 1 2 2011-07-13 
4 'Structure model' 1 3 2024-02-07 
# 
_pdbx_audit_revision_details.ordinal             1 
_pdbx_audit_revision_details.revision_ordinal    1 
_pdbx_audit_revision_details.data_content_type   'Structure model' 
_pdbx_audit_revision_details.provider            repository 
_pdbx_audit_revision_details.type                'Initial release' 
_pdbx_audit_revision_details.description         ? 
_pdbx_audit_revision_details.details             ? 
# 
loop_
_pdbx_audit_revision_group.ordinal 
_pdbx_audit_revision_group.revision_ordinal 
_pdbx_audit_revision_group.data_content_type 
_pdbx_audit_revision_group.group 
1 2 'Structure model' 'Version format compliance' 
2 3 'Structure model' 'Version format compliance' 
3 4 'Structure model' 'Data collection'           
4 4 'Structure model' 'Database references'       
5 4 'Structure model' 'Derived calculations'      
# 
loop_
_pdbx_audit_revision_category.ordinal 
_pdbx_audit_revision_category.revision_ordinal 
_pdbx_audit_revision_category.data_content_type 
_pdbx_audit_revision_category.category 
1 4 'Structure model' chem_comp_atom     
2 4 'Structure model' chem_comp_bond     
3 4 'Structure model' database_2         
4 4 'Structure model' struct_ref_seq_dif 
5 4 'Structure model' struct_site        
# 
loop_
_pdbx_audit_revision_item.ordinal 
_pdbx_audit_revision_item.revision_ordinal 
_pdbx_audit_revision_item.data_content_type 
_pdbx_audit_revision_item.item 
1 4 'Structure model' '_database_2.pdbx_DOI'                
2 4 'Structure model' '_database_2.pdbx_database_accession' 
3 4 'Structure model' '_struct_ref_seq_dif.details'         
4 4 'Structure model' '_struct_site.pdbx_auth_asym_id'      
5 4 'Structure model' '_struct_site.pdbx_auth_comp_id'      
6 4 'Structure model' '_struct_site.pdbx_auth_seq_id'       
# 
_pdbx_database_status.status_code                     REL 
_pdbx_database_status.entry_id                        1IJR 
_pdbx_database_status.recvd_initial_deposition_date   2001-04-27 
_pdbx_database_status.deposit_site                    RCSB 
_pdbx_database_status.process_site                    RCSB 
_pdbx_database_status.SG_entry                        . 
_pdbx_database_status.pdb_format_compatible           Y 
_pdbx_database_status.status_code_mr                  ? 
_pdbx_database_status.status_code_sf                  ? 
_pdbx_database_status.status_code_cs                  ? 
_pdbx_database_status.status_code_nmr_data            ? 
_pdbx_database_status.methods_development_category    ? 
# 
loop_
_audit_author.name 
_audit_author.pdbx_ordinal 
'Kawahata, N.H.'     1 
'Yang, M.H.'         2 
'Luke, G.P.'         3 
'Shakespeare, W.C.'  4 
'Sundaramoorthi, R.' 5 
# 
_citation.id                        primary 
_citation.title                     
;A novel phosphotyrosine mimetic 4'-carboxymethyloxy-3'-phosphonophenylalanine (Cpp): exploitation in the design of nonpeptide inhibitors of pp60(Src) SH2 domain.
;
_citation.journal_abbrev            Bioorg.Med.Chem.Lett. 
_citation.journal_volume            11 
_citation.page_first                2319 
_citation.page_last                 2323 
_citation.year                      2001 
_citation.journal_id_ASTM           BMCLE8 
_citation.country                   UK 
_citation.journal_id_ISSN           0960-894X 
_citation.journal_id_CSD            1127 
_citation.book_publisher            ? 
_citation.pdbx_database_id_PubMed   11527723 
_citation.pdbx_database_id_DOI      '10.1016/S0960-894X(01)00446-2' 
# 
loop_
_citation_author.citation_id 
_citation_author.name 
_citation_author.ordinal 
_citation_author.identifier_ORCID 
primary 'Kawahata, N.'       1  ? 
primary 'Yang, M.G.'         2  ? 
primary 'Luke, G.P.'         3  ? 
primary 'Shakespeare, W.C.'  4  ? 
primary 'Sundaramoorthi, R.' 5  ? 
primary 'Wang, Y.'           6  ? 
primary 'Johnson, D.'        7  ? 
primary 'Merry, T.'          8  ? 
primary 'Violette, S.'       9  ? 
primary 'Guan, W.'           10 ? 
primary 'Bartlett, C.'       11 ? 
primary 'Smith, J.'          12 ? 
primary 'Hatada, M.'         13 ? 
primary 'Lu, X.'             14 ? 
primary 'Dalgarno, D.C.'     15 ? 
primary 'Eyermann, C.J.'     16 ? 
primary 'Bohacek, R.S.'      17 ? 
primary 'Sawyer, T.K.'       18 ? 
# 
loop_
_entity.id 
_entity.type 
_entity.src_method 
_entity.pdbx_description 
_entity.formula_weight 
_entity.pdbx_number_of_molecules 
_entity.pdbx_ec 
_entity.pdbx_mutation 
_entity.pdbx_fragment 
_entity.details 
1 polymer     man 'PROTO-ONCOGENE TYROSINE-PROTEIN KINASE LCK' 11830.244 1 2.7.1.112 ? 'SH2 DOMAIN' ? 
2 non-polymer syn 
'(4-{2-ACETYLAMINO-2-[1-(3-CARBAMOYL-4-CYCLOHEXYLMETHOXY-PHENYL)-ETHYLCARBAMOYL}-ETHYL}-2-PHOSPHONO-PHENOXY)-ACETIC ACID' 619.600 
1 ?         ? ?            ? 
# 
_entity_poly.entity_id                      1 
_entity_poly.type                           'polypeptide(L)' 
_entity_poly.nstd_linkage                   no 
_entity_poly.nstd_monomer                   no 
_entity_poly.pdbx_seq_one_letter_code       
;APEPWFFKNLSRKDAERQLLAPGNTHGSFLIRESESTAGSFCLSVRDFDQNQGEVVKHYKIRNLDNGGFYISPRITFPGL
HELVRHYTNASDGLCTRLSRPCQT
;
_entity_poly.pdbx_seq_one_letter_code_can   
;APEPWFFKNLSRKDAERQLLAPGNTHGSFLIRESESTAGSFCLSVRDFDQNQGEVVKHYKIRNLDNGGFYISPRITFPGL
HELVRHYTNASDGLCTRLSRPCQT
;
_entity_poly.pdbx_strand_id                 A 
_entity_poly.pdbx_target_identifier         ? 
# 
_pdbx_entity_nonpoly.entity_id   2 
_pdbx_entity_nonpoly.name        
'(4-{2-ACETYLAMINO-2-[1-(3-CARBAMOYL-4-CYCLOHEXYLMETHOXY-PHENYL)-ETHYLCARBAMOYL}-ETHYL}-2-PHOSPHONO-PHENOXY)-ACETIC ACID' 
_pdbx_entity_nonpoly.comp_id     CC0 
# 
loop_
_entity_poly_seq.entity_id 
_entity_poly_seq.num 
_entity_poly_seq.mon_id 
_entity_poly_seq.hetero 
1 1   ALA n 
1 2   PRO n 
1 3   GLU n 
1 4   PRO n 
1 5   TRP n 
1 6   PHE n 
1 7   PHE n 
1 8   LYS n 
1 9   ASN n 
1 10  LEU n 
1 11  SER n 
1 12  ARG n 
1 13  LYS n 
1 14  ASP n 
1 15  ALA n 
1 16  GLU n 
1 17  ARG n 
1 18  GLN n 
1 19  LEU n 
1 20  LEU n 
1 21  ALA n 
1 22  PRO n 
1 23  GLY n 
1 24  ASN n 
1 25  THR n 
1 26  HIS n 
1 27  GLY n 
1 28  SER n 
1 29  PHE n 
1 30  LEU n 
1 31  ILE n 
1 32  ARG n 
1 33  GLU n 
1 34  SER n 
1 35  GLU n 
1 36  SER n 
1 37  THR n 
1 38  ALA n 
1 39  GLY n 
1 40  SER n 
1 41  PHE n 
1 42  CYS n 
1 43  LEU n 
1 44  SER n 
1 45  VAL n 
1 46  ARG n 
1 47  ASP n 
1 48  PHE n 
1 49  ASP n 
1 50  GLN n 
1 51  ASN n 
1 52  GLN n 
1 53  GLY n 
1 54  GLU n 
1 55  VAL n 
1 56  VAL n 
1 57  LYS n 
1 58  HIS n 
1 59  TYR n 
1 60  LYS n 
1 61  ILE n 
1 62  ARG n 
1 63  ASN n 
1 64  LEU n 
1 65  ASP n 
1 66  ASN n 
1 67  GLY n 
1 68  GLY n 
1 69  PHE n 
1 70  TYR n 
1 71  ILE n 
1 72  SER n 
1 73  PRO n 
1 74  ARG n 
1 75  ILE n 
1 76  THR n 
1 77  PHE n 
1 78  PRO n 
1 79  GLY n 
1 80  LEU n 
1 81  HIS n 
1 82  GLU n 
1 83  LEU n 
1 84  VAL n 
1 85  ARG n 
1 86  HIS n 
1 87  TYR n 
1 88  THR n 
1 89  ASN n 
1 90  ALA n 
1 91  SER n 
1 92  ASP n 
1 93  GLY n 
1 94  LEU n 
1 95  CYS n 
1 96  THR n 
1 97  ARG n 
1 98  LEU n 
1 99  SER n 
1 100 ARG n 
1 101 PRO n 
1 102 CYS n 
1 103 GLN n 
1 104 THR n 
# 
_entity_src_gen.entity_id                          1 
_entity_src_gen.pdbx_src_id                        1 
_entity_src_gen.pdbx_alt_source_flag               sample 
_entity_src_gen.pdbx_seq_type                      ? 
_entity_src_gen.pdbx_beg_seq_num                   ? 
_entity_src_gen.pdbx_end_seq_num                   ? 
_entity_src_gen.gene_src_common_name               human 
_entity_src_gen.gene_src_genus                     Homo 
_entity_src_gen.pdbx_gene_src_gene                 ? 
_entity_src_gen.gene_src_species                   ? 
_entity_src_gen.gene_src_strain                    ? 
_entity_src_gen.gene_src_tissue                    ? 
_entity_src_gen.gene_src_tissue_fraction           ? 
_entity_src_gen.gene_src_details                   ? 
_entity_src_gen.pdbx_gene_src_fragment             ? 
_entity_src_gen.pdbx_gene_src_scientific_name      'Homo sapiens' 
_entity_src_gen.pdbx_gene_src_ncbi_taxonomy_id     9606 
_entity_src_gen.pdbx_gene_src_variant              ? 
_entity_src_gen.pdbx_gene_src_cell_line            ? 
_entity_src_gen.pdbx_gene_src_atcc                 ? 
_entity_src_gen.pdbx_gene_src_organ                ? 
_entity_src_gen.pdbx_gene_src_organelle            ? 
_entity_src_gen.pdbx_gene_src_cell                 ? 
_entity_src_gen.pdbx_gene_src_cellular_location    ? 
_entity_src_gen.host_org_common_name               ? 
_entity_src_gen.pdbx_host_org_scientific_name      'Escherichia coli' 
_entity_src_gen.pdbx_host_org_ncbi_taxonomy_id     562 
_entity_src_gen.host_org_genus                     Escherichia 
_entity_src_gen.pdbx_host_org_gene                 ? 
_entity_src_gen.pdbx_host_org_organ                ? 
_entity_src_gen.host_org_species                   ? 
_entity_src_gen.pdbx_host_org_tissue               ? 
_entity_src_gen.pdbx_host_org_tissue_fraction      ? 
_entity_src_gen.pdbx_host_org_strain               ? 
_entity_src_gen.pdbx_host_org_variant              ? 
_entity_src_gen.pdbx_host_org_cell_line            ? 
_entity_src_gen.pdbx_host_org_atcc                 ? 
_entity_src_gen.pdbx_host_org_culture_collection   ? 
_entity_src_gen.pdbx_host_org_cell                 ? 
_entity_src_gen.pdbx_host_org_organelle            ? 
_entity_src_gen.pdbx_host_org_cellular_location    ? 
_entity_src_gen.pdbx_host_org_vector_type          ? 
_entity_src_gen.pdbx_host_org_vector               ? 
_entity_src_gen.host_org_details                   ? 
_entity_src_gen.expression_system_id               ? 
_entity_src_gen.plasmid_name                       ? 
_entity_src_gen.plasmid_details                    ? 
_entity_src_gen.pdbx_description                   ? 
# 
loop_
_chem_comp.id 
_chem_comp.type 
_chem_comp.mon_nstd_flag 
_chem_comp.name 
_chem_comp.pdbx_synonyms 
_chem_comp.formula 
_chem_comp.formula_weight 
ALA 'L-peptide linking' y ALANINE ? 'C3 H7 N O2'       89.093  
ARG 'L-peptide linking' y ARGININE ? 'C6 H15 N4 O2 1'   175.209 
ASN 'L-peptide linking' y ASPARAGINE ? 'C4 H8 N2 O3'      132.118 
ASP 'L-peptide linking' y 'ASPARTIC ACID' ? 'C4 H7 N O4'       133.103 
CC0 non-polymer         . 
'(4-{2-ACETYLAMINO-2-[1-(3-CARBAMOYL-4-CYCLOHEXYLMETHOXY-PHENYL)-ETHYLCARBAMOYL}-ETHYL}-2-PHOSPHONO-PHENOXY)-ACETIC ACID' ? 
'C29 H38 N3 O10 P' 619.600 
CYS 'L-peptide linking' y CYSTEINE ? 'C3 H7 N O2 S'     121.158 
GLN 'L-peptide linking' y GLUTAMINE ? 'C5 H10 N2 O3'     146.144 
GLU 'L-peptide linking' y 'GLUTAMIC ACID' ? 'C5 H9 N O4'       147.129 
GLY 'peptide linking'   y GLYCINE ? 'C2 H5 N O2'       75.067  
HIS 'L-peptide linking' y HISTIDINE ? 'C6 H10 N3 O2 1'   156.162 
ILE 'L-peptide linking' y ISOLEUCINE ? 'C6 H13 N O2'      131.173 
LEU 'L-peptide linking' y LEUCINE ? 'C6 H13 N O2'      131.173 
LYS 'L-peptide linking' y LYSINE ? 'C6 H15 N2 O2 1'   147.195 
PHE 'L-peptide linking' y PHENYLALANINE ? 'C9 H11 N O2'      165.189 
PRO 'L-peptide linking' y PROLINE ? 'C5 H9 N O2'       115.130 
SER 'L-peptide linking' y SERINE ? 'C3 H7 N O3'       105.093 
THR 'L-peptide linking' y THREONINE ? 'C4 H9 N O3'       119.119 
TRP 'L-peptide linking' y TRYPTOPHAN ? 'C11 H12 N2 O2'    204.225 
TYR 'L-peptide linking' y TYROSINE ? 'C9 H11 N O3'      181.189 
VAL 'L-peptide linking' y VALINE ? 'C5 H11 N O2'      117.146 
# 
loop_
_pdbx_poly_seq_scheme.asym_id 
_pdbx_poly_seq_scheme.entity_id 
_pdbx_poly_seq_scheme.seq_id 
_pdbx_poly_seq_scheme.mon_id 
_pdbx_poly_seq_scheme.ndb_seq_num 
_pdbx_poly_seq_scheme.pdb_seq_num 
_pdbx_poly_seq_scheme.auth_seq_num 
_pdbx_poly_seq_scheme.pdb_mon_id 
_pdbx_poly_seq_scheme.auth_mon_id 
_pdbx_poly_seq_scheme.pdb_strand_id 
_pdbx_poly_seq_scheme.pdb_ins_code 
_pdbx_poly_seq_scheme.hetero 
A 1 1   ALA 1   1   1   ALA ALA A . n 
A 1 2   PRO 2   2   2   PRO PRO A . n 
A 1 3   GLU 3   3   3   GLU GLU A . n 
A 1 4   PRO 4   4   4   PRO PRO A . n 
A 1 5   TRP 5   5   5   TRP TRP A . n 
A 1 6   PHE 6   6   6   PHE PHE A . n 
A 1 7   PHE 7   7   7   PHE PHE A . n 
A 1 8   LYS 8   8   8   LYS LYS A . n 
A 1 9   ASN 9   9   9   ASN ASN A . n 
A 1 10  LEU 10  10  10  LEU LEU A . n 
A 1 11  SER 11  11  11  SER SER A . n 
A 1 12  ARG 12  12  12  ARG ARG A . n 
A 1 13  LYS 13  13  13  LYS LYS A . n 
A 1 14  ASP 14  14  14  ASP ASP A . n 
A 1 15  ALA 15  15  15  ALA ALA A . n 
A 1 16  GLU 16  16  16  GLU GLU A . n 
A 1 17  ARG 17  17  17  ARG ARG A . n 
A 1 18  GLN 18  18  18  GLN GLN A . n 
A 1 19  LEU 19  19  19  LEU LEU A . n 
A 1 20  LEU 20  20  20  LEU LEU A . n 
A 1 21  ALA 21  21  21  ALA ALA A . n 
A 1 22  PRO 22  22  22  PRO PRO A . n 
A 1 23  GLY 23  23  23  GLY GLY A . n 
A 1 24  ASN 24  24  24  ASN ASN A . n 
A 1 25  THR 25  25  25  THR THR A . n 
A 1 26  HIS 26  26  26  HIS HIS A . n 
A 1 27  GLY 27  27  27  GLY GLY A . n 
A 1 28  SER 28  28  28  SER SER A . n 
A 1 29  PHE 29  29  29  PHE PHE A . n 
A 1 30  LEU 30  30  30  LEU LEU A . n 
A 1 31  ILE 31  31  31  ILE ILE A . n 
A 1 32  ARG 32  32  32  ARG ARG A . n 
A 1 33  GLU 33  33  33  GLU GLU A . n 
A 1 34  SER 34  34  34  SER SER A . n 
A 1 35  GLU 35  35  35  GLU GLU A . n 
A 1 36  SER 36  36  36  SER SER A . n 
A 1 37  THR 37  37  37  THR THR A . n 
A 1 38  ALA 38  38  38  ALA ALA A . n 
A 1 39  GLY 39  39  39  GLY GLY A . n 
A 1 40  SER 40  40  40  SER SER A . n 
A 1 41  PHE 41  41  41  PHE PHE A . n 
A 1 42  CYS 42  42  42  CYS CYS A . n 
A 1 43  LEU 43  43  43  LEU LEU A . n 
A 1 44  SER 44  44  44  SER SER A . n 
A 1 45  VAL 45  45  45  VAL VAL A . n 
A 1 46  ARG 46  46  46  ARG ARG A . n 
A 1 47  ASP 47  47  47  ASP ASP A . n 
A 1 48  PHE 48  48  48  PHE PHE A . n 
A 1 49  ASP 49  49  49  ASP ASP A . n 
A 1 50  GLN 50  50  50  GLN GLN A . n 
A 1 51  ASN 51  51  51  ASN ASN A . n 
A 1 52  GLN 52  52  52  GLN GLN A . n 
A 1 53  GLY 53  53  53  GLY GLY A . n 
A 1 54  GLU 54  54  54  GLU GLU A . n 
A 1 55  VAL 55  55  55  VAL VAL A . n 
A 1 56  VAL 56  56  56  VAL VAL A . n 
A 1 57  LYS 57  57  57  LYS LYS A . n 
A 1 58  HIS 58  58  58  HIS HIS A . n 
A 1 59  TYR 59  59  59  TYR TYR A . n 
A 1 60  LYS 60  60  60  LYS LYS A . n 
A 1 61  ILE 61  61  61  ILE ILE A . n 
A 1 62  ARG 62  62  62  ARG ARG A . n 
A 1 63  ASN 63  63  63  ASN ASN A . n 
A 1 64  LEU 64  64  64  LEU LEU A . n 
A 1 65  ASP 65  65  65  ASP ASP A . n 
A 1 66  ASN 66  66  66  ASN ASN A . n 
A 1 67  GLY 67  67  67  GLY GLY A . n 
A 1 68  GLY 68  68  68  GLY GLY A . n 
A 1 69  PHE 69  69  69  PHE PHE A . n 
A 1 70  TYR 70  70  70  TYR TYR A . n 
A 1 71  ILE 71  71  71  ILE ILE A . n 
A 1 72  SER 72  72  72  SER SER A . n 
A 1 73  PRO 73  73  73  PRO PRO A . n 
A 1 74  ARG 74  74  74  ARG ARG A . n 
A 1 75  ILE 75  75  75  ILE ILE A . n 
A 1 76  THR 76  76  76  THR THR A . n 
A 1 77  PHE 77  77  77  PHE PHE A . n 
A 1 78  PRO 78  78  78  PRO PRO A . n 
A 1 79  GLY 79  79  79  GLY GLY A . n 
A 1 80  LEU 80  80  80  LEU LEU A . n 
A 1 81  HIS 81  81  81  HIS HIS A . n 
A 1 82  GLU 82  82  82  GLU GLU A . n 
A 1 83  LEU 83  83  83  LEU LEU A . n 
A 1 84  VAL 84  84  84  VAL VAL A . n 
A 1 85  ARG 85  85  85  ARG ARG A . n 
A 1 86  HIS 86  86  86  HIS HIS A . n 
A 1 87  TYR 87  87  87  TYR TYR A . n 
A 1 88  THR 88  88  88  THR THR A . n 
A 1 89  ASN 89  89  89  ASN ASN A . n 
A 1 90  ALA 90  90  90  ALA ALA A . n 
A 1 91  SER 91  91  91  SER SER A . n 
A 1 92  ASP 92  92  92  ASP ASP A . n 
A 1 93  GLY 93  93  93  GLY GLY A . n 
A 1 94  LEU 94  94  94  LEU LEU A . n 
A 1 95  CYS 95  95  95  CYS CYS A . n 
A 1 96  THR 96  96  96  THR THR A . n 
A 1 97  ARG 97  97  97  ARG ARG A . n 
A 1 98  LEU 98  98  98  LEU LEU A . n 
A 1 99  SER 99  99  99  SER SER A . n 
A 1 100 ARG 100 100 100 ARG ARG A . n 
A 1 101 PRO 101 101 101 PRO PRO A . n 
A 1 102 CYS 102 102 102 CYS CYS A . n 
A 1 103 GLN 103 103 103 GLN GLN A . n 
A 1 104 THR 104 104 104 THR THR A . n 
# 
_pdbx_nonpoly_scheme.asym_id         B 
_pdbx_nonpoly_scheme.entity_id       2 
_pdbx_nonpoly_scheme.mon_id          CC0 
_pdbx_nonpoly_scheme.ndb_seq_num     1 
_pdbx_nonpoly_scheme.pdb_seq_num     150 
_pdbx_nonpoly_scheme.auth_seq_num    150 
_pdbx_nonpoly_scheme.pdb_mon_id      CC0 
_pdbx_nonpoly_scheme.auth_mon_id     CCY 
_pdbx_nonpoly_scheme.pdb_strand_id   A 
_pdbx_nonpoly_scheme.pdb_ins_code    . 
# 
loop_
_software.name 
_software.classification 
_software.version 
_software.citation_id 
_software.pdbx_ordinal 
AMoRE     phasing          .     ? 1 
X-PLOR    refinement       3.851 ? 2 
DENZO     'data reduction' .     ? 3 
SCALEPACK 'data scaling'   .     ? 4 
# 
_cell.entry_id           1IJR 
_cell.length_a           61.6 
_cell.length_b           61.6 
_cell.length_c           93.5 
_cell.angle_alpha        90. 
_cell.angle_beta         90. 
_cell.angle_gamma        90. 
_cell.Z_PDB              8 
_cell.pdbx_unique_axis   ? 
# 
_symmetry.entry_id                         1IJR 
_symmetry.space_group_name_H-M             'P 43 21 2' 
_symmetry.pdbx_full_space_group_name_H-M   ? 
_symmetry.cell_setting                     ? 
_symmetry.Int_Tables_number                96 
# 
_exptl.entry_id          1IJR 
_exptl.method            'X-RAY DIFFRACTION' 
_exptl.crystals_number   1 
# 
_exptl_crystal.id                    1 
_exptl_crystal.density_meas          ? 
_exptl_crystal.density_Matthews      3.75 
_exptl_crystal.density_percent_sol   67.17 
_exptl_crystal.description           ? 
# 
_diffrn.id                     1 
_diffrn.ambient_temp           298.0 
_diffrn.ambient_temp_details   ? 
_diffrn.crystal_id             1 
# 
_diffrn_detector.diffrn_id              1 
_diffrn_detector.detector               'IMAGE PLATE' 
_diffrn_detector.type                   'RIGAKU RAXIS II' 
_diffrn_detector.pdbx_collection_date   ? 
_diffrn_detector.details                Monochromator 
# 
_diffrn_radiation.diffrn_id                        1 
_diffrn_radiation.wavelength_id                    1 
_diffrn_radiation.pdbx_monochromatic_or_laue_m_l   M 
_diffrn_radiation.monochromator                    Graphite 
_diffrn_radiation.pdbx_diffrn_protocol             'SINGLE WAVELENGTH' 
_diffrn_radiation.pdbx_scattering_type             x-ray 
# 
_diffrn_radiation_wavelength.id           1 
_diffrn_radiation_wavelength.wavelength   1.5418 
_diffrn_radiation_wavelength.wt           1.0 
# 
_diffrn_source.diffrn_id                   1 
_diffrn_source.source                      'ROTATING ANODE' 
_diffrn_source.type                        'RIGAKU RU200' 
_diffrn_source.pdbx_synchrotron_site       ? 
_diffrn_source.pdbx_synchrotron_beamline   ? 
_diffrn_source.pdbx_wavelength             ? 
_diffrn_source.pdbx_wavelength_list        1.5418 
# 
_reflns.entry_id                     1IJR 
_reflns.observed_criterion_sigma_I   2.0 
_reflns.observed_criterion_sigma_F   ? 
_reflns.d_resolution_low             50.0 
_reflns.d_resolution_high            2.20 
_reflns.number_obs                   8409 
_reflns.number_all                   ? 
_reflns.percent_possible_obs         85.0 
_reflns.pdbx_Rmerge_I_obs            0.0400000 
_reflns.pdbx_Rsym_value              ? 
_reflns.pdbx_netI_over_sigmaI        20.0 
_reflns.B_iso_Wilson_estimate        ? 
_reflns.pdbx_redundancy              5.5 
_reflns.R_free_details               ? 
_reflns.limit_h_max                  ? 
_reflns.limit_h_min                  ? 
_reflns.limit_k_max                  ? 
_reflns.limit_k_min                  ? 
_reflns.limit_l_max                  ? 
_reflns.limit_l_min                  ? 
_reflns.observed_criterion_F_max     ? 
_reflns.observed_criterion_F_min     ? 
_reflns.pdbx_diffrn_id               1 
_reflns.pdbx_ordinal                 1 
# 
_refine.entry_id                                 1IJR 
_refine.ls_number_reflns_obs                     8402 
_refine.ls_number_reflns_all                     8798 
_refine.pdbx_ls_sigma_I                          ? 
_refine.pdbx_ls_sigma_F                          2.0 
_refine.pdbx_data_cutoff_high_absF               ? 
_refine.pdbx_data_cutoff_low_absF                ? 
_refine.ls_d_res_low                             10.0 
_refine.ls_d_res_high                            2.2 
_refine.ls_percent_reflns_obs                    ? 
_refine.ls_R_factor_obs                          ? 
_refine.ls_R_factor_all                          ? 
_refine.ls_R_factor_R_work                       0.2300000 
_refine.ls_R_factor_R_free                       0.2800000 
_refine.ls_R_factor_R_free_error                 ? 
_refine.ls_R_factor_R_free_error_details         ? 
_refine.ls_percent_reflns_R_free                 ? 
_refine.ls_number_reflns_R_free                  900 
_refine.ls_number_parameters                     ? 
_refine.ls_number_restraints                     ? 
_refine.occupancy_min                            ? 
_refine.occupancy_max                            ? 
_refine.B_iso_mean                               ? 
_refine.aniso_B[1][1]                            ? 
_refine.aniso_B[2][2]                            ? 
_refine.aniso_B[3][3]                            ? 
_refine.aniso_B[1][2]                            ? 
_refine.aniso_B[1][3]                            ? 
_refine.aniso_B[2][3]                            ? 
_refine.solvent_model_details                    ? 
_refine.solvent_model_param_ksol                 ? 
_refine.solvent_model_param_bsol                 ? 
_refine.pdbx_ls_cross_valid_method               ? 
_refine.details                                  ? 
_refine.pdbx_starting_model                      ? 
_refine.pdbx_method_to_determine_struct          'MOLECULAR REPLACEMENT' 
_refine.pdbx_isotropic_thermal_model             ? 
_refine.pdbx_stereochemistry_target_values       'Engh and Huber' 
_refine.pdbx_stereochem_target_val_spec_case     ? 
_refine.pdbx_R_Free_selection_details            RANDOM 
_refine.pdbx_overall_ESU_R_Free                  ? 
_refine.overall_SU_B                             ? 
_refine.ls_redundancy_reflns_obs                 ? 
_refine.B_iso_min                                ? 
_refine.B_iso_max                                ? 
_refine.correlation_coeff_Fo_to_Fc               ? 
_refine.overall_SU_R_Cruickshank_DPI             ? 
_refine.overall_SU_R_free                        ? 
_refine.overall_SU_ML                            ? 
_refine.pdbx_overall_ESU_R                       ? 
_refine.pdbx_data_cutoff_high_rms_absF           ? 
_refine.correlation_coeff_Fo_to_Fc_free          ? 
_refine.pdbx_solvent_vdw_probe_radii             ? 
_refine.pdbx_solvent_ion_probe_radii             ? 
_refine.pdbx_solvent_shrinkage_radii             ? 
_refine.pdbx_refine_id                           'X-RAY DIFFRACTION' 
_refine.pdbx_diffrn_id                           1 
_refine.pdbx_TLS_residual_ADP_flag               ? 
_refine.pdbx_overall_phase_error                 ? 
_refine.pdbx_overall_SU_R_free_Cruickshank_DPI   ? 
_refine.pdbx_overall_SU_R_Blow_DPI               ? 
_refine.pdbx_overall_SU_R_free_Blow_DPI          ? 
# 
_refine_hist.pdbx_refine_id                   'X-RAY DIFFRACTION' 
_refine_hist.cycle_id                         LAST 
_refine_hist.pdbx_number_atoms_protein        834 
_refine_hist.pdbx_number_atoms_nucleic_acid   0 
_refine_hist.pdbx_number_atoms_ligand         43 
_refine_hist.number_atoms_solvent             0 
_refine_hist.number_atoms_total               877 
_refine_hist.d_res_high                       2.2 
_refine_hist.d_res_low                        10.0 
# 
_struct.entry_id                  1IJR 
_struct.title                     'Crystal structure of LCK SH2 complexed with nonpeptide phosphotyrosine mimetic' 
_struct.pdbx_model_details        ? 
_struct.pdbx_CASP_flag            ? 
_struct.pdbx_model_type_details   ? 
# 
_struct_keywords.entry_id        1IJR 
_struct_keywords.pdbx_keywords   'TRANSFERASE/SIGNALING PROTEIN' 
_struct_keywords.text            'Tyrosine-protein kinase, TRANSFERASE-SIGNALING PROTEIN COMPLEX' 
# 
loop_
_struct_asym.id 
_struct_asym.pdbx_blank_PDB_chainid_flag 
_struct_asym.pdbx_modified 
_struct_asym.entity_id 
_struct_asym.details 
A N N 1 ? 
B N N 2 ? 
# 
_struct_ref.id                         1 
_struct_ref.db_name                    UNP 
_struct_ref.db_code                    LCK_HUMAN 
_struct_ref.entity_id                  1 
_struct_ref.pdbx_seq_one_letter_code   
;EPEPWFFKNLSRKDAERQLLAPGNTHGSFLIRESESTAGSFSLSVRDFDQNQGEVVKHYKIRNLDNGGFYISPRITFPGL
HELVRHYTNASDGLCTRLSRPCQT
;
_struct_ref.pdbx_align_begin           123 
_struct_ref.pdbx_db_accession          P06239 
_struct_ref.pdbx_db_isoform            ? 
# 
_struct_ref_seq.align_id                      1 
_struct_ref_seq.ref_id                        1 
_struct_ref_seq.pdbx_PDB_id_code              1IJR 
_struct_ref_seq.pdbx_strand_id                A 
_struct_ref_seq.seq_align_beg                 1 
_struct_ref_seq.pdbx_seq_align_beg_ins_code   ? 
_struct_ref_seq.seq_align_end                 104 
_struct_ref_seq.pdbx_seq_align_end_ins_code   ? 
_struct_ref_seq.pdbx_db_accession             P06239 
_struct_ref_seq.db_align_beg                  123 
_struct_ref_seq.pdbx_db_align_beg_ins_code    ? 
_struct_ref_seq.db_align_end                  226 
_struct_ref_seq.pdbx_db_align_end_ins_code    ? 
_struct_ref_seq.pdbx_auth_seq_align_beg       1 
_struct_ref_seq.pdbx_auth_seq_align_end       104 
# 
loop_
_struct_ref_seq_dif.align_id 
_struct_ref_seq_dif.pdbx_pdb_id_code 
_struct_ref_seq_dif.mon_id 
_struct_ref_seq_dif.pdbx_pdb_strand_id 
_struct_ref_seq_dif.seq_num 
_struct_ref_seq_dif.pdbx_pdb_ins_code 
_struct_ref_seq_dif.pdbx_seq_db_name 
_struct_ref_seq_dif.pdbx_seq_db_accession_code 
_struct_ref_seq_dif.db_mon_id 
_struct_ref_seq_dif.pdbx_seq_db_seq_num 
_struct_ref_seq_dif.details 
_struct_ref_seq_dif.pdbx_auth_seq_num 
_struct_ref_seq_dif.pdbx_ordinal 
1 1IJR ALA A 1  ? UNP P06239 GLU 123 conflict 1  1 
1 1IJR CYS A 42 ? UNP P06239 SER 164 conflict 42 2 
# 
_pdbx_struct_assembly.id                   1 
_pdbx_struct_assembly.details              author_defined_assembly 
_pdbx_struct_assembly.method_details       ? 
_pdbx_struct_assembly.oligomeric_details   monomeric 
_pdbx_struct_assembly.oligomeric_count     1 
# 
_pdbx_struct_assembly_gen.assembly_id       1 
_pdbx_struct_assembly_gen.oper_expression   1 
_pdbx_struct_assembly_gen.asym_id_list      A,B 
# 
_pdbx_struct_oper_list.id                   1 
_pdbx_struct_oper_list.type                 'identity operation' 
_pdbx_struct_oper_list.name                 1_555 
_pdbx_struct_oper_list.symmetry_operation   x,y,z 
_pdbx_struct_oper_list.matrix[1][1]         1.0000000000 
_pdbx_struct_oper_list.matrix[1][2]         0.0000000000 
_pdbx_struct_oper_list.matrix[1][3]         0.0000000000 
_pdbx_struct_oper_list.vector[1]            0.0000000000 
_pdbx_struct_oper_list.matrix[2][1]         0.0000000000 
_pdbx_struct_oper_list.matrix[2][2]         1.0000000000 
_pdbx_struct_oper_list.matrix[2][3]         0.0000000000 
_pdbx_struct_oper_list.vector[2]            0.0000000000 
_pdbx_struct_oper_list.matrix[3][1]         0.0000000000 
_pdbx_struct_oper_list.matrix[3][2]         0.0000000000 
_pdbx_struct_oper_list.matrix[3][3]         1.0000000000 
_pdbx_struct_oper_list.vector[3]            0.0000000000 
# 
_struct_biol.id                    1 
_struct_biol.pdbx_parent_biol_id   ? 
_struct_biol.details               ? 
# 
loop_
_struct_conf.conf_type_id 
_struct_conf.id 
_struct_conf.pdbx_PDB_helix_id 
_struct_conf.beg_label_comp_id 
_struct_conf.beg_label_asym_id 
_struct_conf.beg_label_seq_id 
_struct_conf.pdbx_beg_PDB_ins_code 
_struct_conf.end_label_comp_id 
_struct_conf.end_label_asym_id 
_struct_conf.end_label_seq_id 
_struct_conf.pdbx_end_PDB_ins_code 
_struct_conf.beg_auth_comp_id 
_struct_conf.beg_auth_asym_id 
_struct_conf.beg_auth_seq_id 
_struct_conf.end_auth_comp_id 
_struct_conf.end_auth_asym_id 
_struct_conf.end_auth_seq_id 
_struct_conf.pdbx_PDB_helix_class 
_struct_conf.details 
_struct_conf.pdbx_PDB_helix_length 
HELX_P HELX_P1 1 SER A 11 ? ALA A 21 ? SER A 11 ALA A 21 1 ? 11 
HELX_P HELX_P2 2 GLY A 79 ? ALA A 90 ? GLY A 79 ALA A 90 1 ? 12 
# 
_struct_conf_type.id          HELX_P 
_struct_conf_type.criteria    ? 
_struct_conf_type.reference   ? 
# 
_struct_sheet.id               A 
_struct_sheet.type             ? 
_struct_sheet.number_strands   4 
_struct_sheet.details          ? 
# 
loop_
_struct_sheet_order.sheet_id 
_struct_sheet_order.range_id_1 
_struct_sheet_order.range_id_2 
_struct_sheet_order.offset 
_struct_sheet_order.sense 
A 1 2 ? anti-parallel 
A 2 3 ? anti-parallel 
A 3 4 ? anti-parallel 
# 
loop_
_struct_sheet_range.sheet_id 
_struct_sheet_range.id 
_struct_sheet_range.beg_label_comp_id 
_struct_sheet_range.beg_label_asym_id 
_struct_sheet_range.beg_label_seq_id 
_struct_sheet_range.pdbx_beg_PDB_ins_code 
_struct_sheet_range.end_label_comp_id 
_struct_sheet_range.end_label_asym_id 
_struct_sheet_range.end_label_seq_id 
_struct_sheet_range.pdbx_end_PDB_ins_code 
_struct_sheet_range.beg_auth_comp_id 
_struct_sheet_range.beg_auth_asym_id 
_struct_sheet_range.beg_auth_seq_id 
_struct_sheet_range.end_auth_comp_id 
_struct_sheet_range.end_auth_asym_id 
_struct_sheet_range.end_auth_seq_id 
A 1 PHE A 29 ? GLU A 33 ? PHE A 29 GLU A 33 
A 2 PHE A 41 ? PHE A 48 ? PHE A 41 PHE A 48 
A 3 GLU A 54 ? ASN A 63 ? GLU A 54 ASN A 63 
A 4 PHE A 69 ? TYR A 70 ? PHE A 69 TYR A 70 
# 
loop_
_pdbx_struct_sheet_hbond.sheet_id 
_pdbx_struct_sheet_hbond.range_id_1 
_pdbx_struct_sheet_hbond.range_id_2 
_pdbx_struct_sheet_hbond.range_1_label_atom_id 
_pdbx_struct_sheet_hbond.range_1_label_comp_id 
_pdbx_struct_sheet_hbond.range_1_label_asym_id 
_pdbx_struct_sheet_hbond.range_1_label_seq_id 
_pdbx_struct_sheet_hbond.range_1_PDB_ins_code 
_pdbx_struct_sheet_hbond.range_1_auth_atom_id 
_pdbx_struct_sheet_hbond.range_1_auth_comp_id 
_pdbx_struct_sheet_hbond.range_1_auth_asym_id 
_pdbx_struct_sheet_hbond.range_1_auth_seq_id 
_pdbx_struct_sheet_hbond.range_2_label_atom_id 
_pdbx_struct_sheet_hbond.range_2_label_comp_id 
_pdbx_struct_sheet_hbond.range_2_label_asym_id 
_pdbx_struct_sheet_hbond.range_2_label_seq_id 
_pdbx_struct_sheet_hbond.range_2_PDB_ins_code 
_pdbx_struct_sheet_hbond.range_2_auth_atom_id 
_pdbx_struct_sheet_hbond.range_2_auth_comp_id 
_pdbx_struct_sheet_hbond.range_2_auth_asym_id 
_pdbx_struct_sheet_hbond.range_2_auth_seq_id 
A 1 2 O ARG A 32 ? O ARG A 32 N CYS A 42 ? N CYS A 42 
A 2 3 N ASP A 47 ? N ASP A 47 O VAL A 55 ? O VAL A 55 
A 3 4 N ARG A 62 ? N ARG A 62 O TYR A 70 ? O TYR A 70 
# 
_struct_site.id                   AC1 
_struct_site.pdbx_evidence_code   Software 
_struct_site.pdbx_auth_asym_id    A 
_struct_site.pdbx_auth_comp_id    CC0 
_struct_site.pdbx_auth_seq_id     150 
_struct_site.pdbx_auth_ins_code   ? 
_struct_site.pdbx_num_residues    15 
_struct_site.details              'BINDING SITE FOR RESIDUE CC0 A 150' 
# 
loop_
_struct_site_gen.id 
_struct_site_gen.site_id 
_struct_site_gen.pdbx_num_res 
_struct_site_gen.label_comp_id 
_struct_site_gen.label_asym_id 
_struct_site_gen.label_seq_id 
_struct_site_gen.pdbx_auth_ins_code 
_struct_site_gen.auth_comp_id 
_struct_site_gen.auth_asym_id 
_struct_site_gen.auth_seq_id 
_struct_site_gen.label_atom_id 
_struct_site_gen.label_alt_id 
_struct_site_gen.symmetry 
_struct_site_gen.details 
1  AC1 15 LEU A 10 ? LEU A 10 . ? 4_565 ? 
2  AC1 15 ARG A 12 ? ARG A 12 . ? 1_555 ? 
3  AC1 15 ASP A 14 ? ASP A 14 . ? 4_565 ? 
4  AC1 15 ARG A 17 ? ARG A 17 . ? 4_565 ? 
5  AC1 15 GLN A 18 ? GLN A 18 . ? 4_565 ? 
6  AC1 15 ARG A 32 ? ARG A 32 . ? 1_555 ? 
7  AC1 15 SER A 34 ? SER A 34 . ? 1_555 ? 
8  AC1 15 GLU A 35 ? GLU A 35 . ? 1_555 ? 
9  AC1 15 SER A 36 ? SER A 36 . ? 1_555 ? 
10 AC1 15 CYS A 42 ? CYS A 42 . ? 1_555 ? 
11 AC1 15 HIS A 58 ? HIS A 58 . ? 1_555 ? 
12 AC1 15 TYR A 59 ? TYR A 59 . ? 1_555 ? 
13 AC1 15 LYS A 60 ? LYS A 60 . ? 1_555 ? 
14 AC1 15 ILE A 71 ? ILE A 71 . ? 1_555 ? 
15 AC1 15 GLY A 93 ? GLY A 93 . ? 1_555 ? 
# 
_pdbx_validate_rmsd_angle.id                         1 
_pdbx_validate_rmsd_angle.PDB_model_num              1 
_pdbx_validate_rmsd_angle.auth_atom_id_1             C 
_pdbx_validate_rmsd_angle.auth_asym_id_1             A 
_pdbx_validate_rmsd_angle.auth_comp_id_1             GLU 
_pdbx_validate_rmsd_angle.auth_seq_id_1              3 
_pdbx_validate_rmsd_angle.PDB_ins_code_1             ? 
_pdbx_validate_rmsd_angle.label_alt_id_1             ? 
_pdbx_validate_rmsd_angle.auth_atom_id_2             N 
_pdbx_validate_rmsd_angle.auth_asym_id_2             A 
_pdbx_validate_rmsd_angle.auth_comp_id_2             PRO 
_pdbx_validate_rmsd_angle.auth_seq_id_2              4 
_pdbx_validate_rmsd_angle.PDB_ins_code_2             ? 
_pdbx_validate_rmsd_angle.label_alt_id_2             ? 
_pdbx_validate_rmsd_angle.auth_atom_id_3             CA 
_pdbx_validate_rmsd_angle.auth_asym_id_3             A 
_pdbx_validate_rmsd_angle.auth_comp_id_3             PRO 
_pdbx_validate_rmsd_angle.auth_seq_id_3              4 
_pdbx_validate_rmsd_angle.PDB_ins_code_3             ? 
_pdbx_validate_rmsd_angle.label_alt_id_3             ? 
_pdbx_validate_rmsd_angle.angle_value                128.83 
_pdbx_validate_rmsd_angle.angle_target_value         119.30 
_pdbx_validate_rmsd_angle.angle_deviation            9.53 
_pdbx_validate_rmsd_angle.angle_standard_deviation   1.50 
_pdbx_validate_rmsd_angle.linker_flag                Y 
# 
loop_
_pdbx_validate_torsion.id 
_pdbx_validate_torsion.PDB_model_num 
_pdbx_validate_torsion.auth_comp_id 
_pdbx_validate_torsion.auth_asym_id 
_pdbx_validate_torsion.auth_seq_id 
_pdbx_validate_torsion.PDB_ins_code 
_pdbx_validate_torsion.label_alt_id 
_pdbx_validate_torsion.phi 
_pdbx_validate_torsion.psi 
1 1 PRO A 2  ? ? -50.88  99.94   
2 1 LYS A 8  ? ? -38.73  -81.30  
3 1 LEU A 10 ? ? -168.03 114.84  
4 1 ASN A 51 ? ? -70.48  -100.37 
5 1 SER A 99 ? ? -115.39 -105.43 
# 
loop_
_chem_comp_atom.comp_id 
_chem_comp_atom.atom_id 
_chem_comp_atom.type_symbol 
_chem_comp_atom.pdbx_aromatic_flag 
_chem_comp_atom.pdbx_stereo_config 
_chem_comp_atom.pdbx_ordinal 
ALA N    N N N 1   
ALA CA   C N S 2   
ALA C    C N N 3   
ALA O    O N N 4   
ALA CB   C N N 5   
ALA OXT  O N N 6   
ALA H    H N N 7   
ALA H2   H N N 8   
ALA HA   H N N 9   
ALA HB1  H N N 10  
ALA HB2  H N N 11  
ALA HB3  H N N 12  
ALA HXT  H N N 13  
ARG N    N N N 14  
ARG CA   C N S 15  
ARG C    C N N 16  
ARG O    O N N 17  
ARG CB   C N N 18  
ARG CG   C N N 19  
ARG CD   C N N 20  
ARG NE   N N N 21  
ARG CZ   C N N 22  
ARG NH1  N N N 23  
ARG NH2  N N N 24  
ARG OXT  O N N 25  
ARG H    H N N 26  
ARG H2   H N N 27  
ARG HA   H N N 28  
ARG HB2  H N N 29  
ARG HB3  H N N 30  
ARG HG2  H N N 31  
ARG HG3  H N N 32  
ARG HD2  H N N 33  
ARG HD3  H N N 34  
ARG HE   H N N 35  
ARG HH11 H N N 36  
ARG HH12 H N N 37  
ARG HH21 H N N 38  
ARG HH22 H N N 39  
ARG HXT  H N N 40  
ASN N    N N N 41  
ASN CA   C N S 42  
ASN C    C N N 43  
ASN O    O N N 44  
ASN CB   C N N 45  
ASN CG   C N N 46  
ASN OD1  O N N 47  
ASN ND2  N N N 48  
ASN OXT  O N N 49  
ASN H    H N N 50  
ASN H2   H N N 51  
ASN HA   H N N 52  
ASN HB2  H N N 53  
ASN HB3  H N N 54  
ASN HD21 H N N 55  
ASN HD22 H N N 56  
ASN HXT  H N N 57  
ASP N    N N N 58  
ASP CA   C N S 59  
ASP C    C N N 60  
ASP O    O N N 61  
ASP CB   C N N 62  
ASP CG   C N N 63  
ASP OD1  O N N 64  
ASP OD2  O N N 65  
ASP OXT  O N N 66  
ASP H    H N N 67  
ASP H2   H N N 68  
ASP HA   H N N 69  
ASP HB2  H N N 70  
ASP HB3  H N N 71  
ASP HD2  H N N 72  
ASP HXT  H N N 73  
CC0 P1   P N N 74  
CC0 OR1  O N N 75  
CC0 OR2  O N N 76  
CC0 O10  O N N 77  
CC0 C1   C N S 78  
CC0 N1   N N N 79  
CC0 C0   C N S 80  
CC0 C3   C N N 81  
CC0 O2   O N N 82  
CC0 N2   N N N 83  
CC0 C4   C N N 84  
CC0 C5   C Y N 85  
CC0 C6   C Y N 86  
CC0 C7   C Y N 87  
CC0 C8   C Y N 88  
CC0 C9   C Y N 89  
CC0 C10  C Y N 90  
CC0 O3   O N N 91  
CC0 C11  C N N 92  
CC0 C12  C N N 93  
CC0 C13  C N N 94  
CC0 O4   O N N 95  
CC0 O5   O N N 96  
CC0 C14  C Y N 97  
CC0 C15  C Y N 98  
CC0 C16  C Y N 99  
CC0 C17  C Y N 100 
CC0 C18  C Y N 101 
CC0 C19  C Y N 102 
CC0 C20  C N N 103 
CC0 C21  C N N 104 
CC0 C22  C N N 105 
CC0 C23  C N N 106 
CC0 C24  C N N 107 
CC0 C25  C N N 108 
CC0 C26  C N N 109 
CC0 C27  C N N 110 
CC0 N3   N N N 111 
CC0 O6   O N N 112 
CC0 C28  C N N 113 
CC0 C29  C N N 114 
CC0 O7   O N N 115 
CC0 O8   O N N 116 
CC0 HR1  H N N 117 
CC0 H10  H N N 118 
CC0 HC11 H N N 119 
CC0 HN11 H N N 120 
CC0 HC01 H N N 121 
CC0 HN21 H N N 122 
CC0 HC41 H N N 123 
CC0 HC42 H N N 124 
CC0 HC61 H N N 125 
CC0 HC71 H N N 126 
CC0 HC91 H N N 127 
CC0 H111 H N N 128 
CC0 H112 H N N 129 
CC0 H113 H N N 130 
CC0 H131 H N N 131 
CC0 H132 H N N 132 
CC0 H133 H N N 133 
CC0 H151 H N N 134 
CC0 H181 H N N 135 
CC0 H191 H N N 136 
CC0 H201 H N N 137 
CC0 H202 H N N 138 
CC0 H211 H N N 139 
CC0 H221 H N N 140 
CC0 H222 H N N 141 
CC0 H231 H N N 142 
CC0 H232 H N N 143 
CC0 H241 H N N 144 
CC0 H242 H N N 145 
CC0 H251 H N N 146 
CC0 H252 H N N 147 
CC0 H261 H N N 148 
CC0 H262 H N N 149 
CC0 HN31 H N N 150 
CC0 HN32 H N N 151 
CC0 H281 H N N 152 
CC0 H282 H N N 153 
CC0 HXT  H N N 154 
CYS N    N N N 155 
CYS CA   C N R 156 
CYS C    C N N 157 
CYS O    O N N 158 
CYS CB   C N N 159 
CYS SG   S N N 160 
CYS OXT  O N N 161 
CYS H    H N N 162 
CYS H2   H N N 163 
CYS HA   H N N 164 
CYS HB2  H N N 165 
CYS HB3  H N N 166 
CYS HG   H N N 167 
CYS HXT  H N N 168 
GLN N    N N N 169 
GLN CA   C N S 170 
GLN C    C N N 171 
GLN O    O N N 172 
GLN CB   C N N 173 
GLN CG   C N N 174 
GLN CD   C N N 175 
GLN OE1  O N N 176 
GLN NE2  N N N 177 
GLN OXT  O N N 178 
GLN H    H N N 179 
GLN H2   H N N 180 
GLN HA   H N N 181 
GLN HB2  H N N 182 
GLN HB3  H N N 183 
GLN HG2  H N N 184 
GLN HG3  H N N 185 
GLN HE21 H N N 186 
GLN HE22 H N N 187 
GLN HXT  H N N 188 
GLU N    N N N 189 
GLU CA   C N S 190 
GLU C    C N N 191 
GLU O    O N N 192 
GLU CB   C N N 193 
GLU CG   C N N 194 
GLU CD   C N N 195 
GLU OE1  O N N 196 
GLU OE2  O N N 197 
GLU OXT  O N N 198 
GLU H    H N N 199 
GLU H2   H N N 200 
GLU HA   H N N 201 
GLU HB2  H N N 202 
GLU HB3  H N N 203 
GLU HG2  H N N 204 
GLU HG3  H N N 205 
GLU HE2  H N N 206 
GLU HXT  H N N 207 
GLY N    N N N 208 
GLY CA   C N N 209 
GLY C    C N N 210 
GLY O    O N N 211 
GLY OXT  O N N 212 
GLY H    H N N 213 
GLY H2   H N N 214 
GLY HA2  H N N 215 
GLY HA3  H N N 216 
GLY HXT  H N N 217 
HIS N    N N N 218 
HIS CA   C N S 219 
HIS C    C N N 220 
HIS O    O N N 221 
HIS CB   C N N 222 
HIS CG   C Y N 223 
HIS ND1  N Y N 224 
HIS CD2  C Y N 225 
HIS CE1  C Y N 226 
HIS NE2  N Y N 227 
HIS OXT  O N N 228 
HIS H    H N N 229 
HIS H2   H N N 230 
HIS HA   H N N 231 
HIS HB2  H N N 232 
HIS HB3  H N N 233 
HIS HD1  H N N 234 
HIS HD2  H N N 235 
HIS HE1  H N N 236 
HIS HE2  H N N 237 
HIS HXT  H N N 238 
ILE N    N N N 239 
ILE CA   C N S 240 
ILE C    C N N 241 
ILE O    O N N 242 
ILE CB   C N S 243 
ILE CG1  C N N 244 
ILE CG2  C N N 245 
ILE CD1  C N N 246 
ILE OXT  O N N 247 
ILE H    H N N 248 
ILE H2   H N N 249 
ILE HA   H N N 250 
ILE HB   H N N 251 
ILE HG12 H N N 252 
ILE HG13 H N N 253 
ILE HG21 H N N 254 
ILE HG22 H N N 255 
ILE HG23 H N N 256 
ILE HD11 H N N 257 
ILE HD12 H N N 258 
ILE HD13 H N N 259 
ILE HXT  H N N 260 
LEU N    N N N 261 
LEU CA   C N S 262 
LEU C    C N N 263 
LEU O    O N N 264 
LEU CB   C N N 265 
LEU CG   C N N 266 
LEU CD1  C N N 267 
LEU CD2  C N N 268 
LEU OXT  O N N 269 
LEU H    H N N 270 
LEU H2   H N N 271 
LEU HA   H N N 272 
LEU HB2  H N N 273 
LEU HB3  H N N 274 
LEU HG   H N N 275 
LEU HD11 H N N 276 
LEU HD12 H N N 277 
LEU HD13 H N N 278 
LEU HD21 H N N 279 
LEU HD22 H N N 280 
LEU HD23 H N N 281 
LEU HXT  H N N 282 
LYS N    N N N 283 
LYS CA   C N S 284 
LYS C    C N N 285 
LYS O    O N N 286 
LYS CB   C N N 287 
LYS CG   C N N 288 
LYS CD   C N N 289 
LYS CE   C N N 290 
LYS NZ   N N N 291 
LYS OXT  O N N 292 
LYS H    H N N 293 
LYS H2   H N N 294 
LYS HA   H N N 295 
LYS HB2  H N N 296 
LYS HB3  H N N 297 
LYS HG2  H N N 298 
LYS HG3  H N N 299 
LYS HD2  H N N 300 
LYS HD3  H N N 301 
LYS HE2  H N N 302 
LYS HE3  H N N 303 
LYS HZ1  H N N 304 
LYS HZ2  H N N 305 
LYS HZ3  H N N 306 
LYS HXT  H N N 307 
PHE N    N N N 308 
PHE CA   C N S 309 
PHE C    C N N 310 
PHE O    O N N 311 
PHE CB   C N N 312 
PHE CG   C Y N 313 
PHE CD1  C Y N 314 
PHE CD2  C Y N 315 
PHE CE1  C Y N 316 
PHE CE2  C Y N 317 
PHE CZ   C Y N 318 
PHE OXT  O N N 319 
PHE H    H N N 320 
PHE H2   H N N 321 
PHE HA   H N N 322 
PHE HB2  H N N 323 
PHE HB3  H N N 324 
PHE HD1  H N N 325 
PHE HD2  H N N 326 
PHE HE1  H N N 327 
PHE HE2  H N N 328 
PHE HZ   H N N 329 
PHE HXT  H N N 330 
PRO N    N N N 331 
PRO CA   C N S 332 
PRO C    C N N 333 
PRO O    O N N 334 
PRO CB   C N N 335 
PRO CG   C N N 336 
PRO CD   C N N 337 
PRO OXT  O N N 338 
PRO H    H N N 339 
PRO HA   H N N 340 
PRO HB2  H N N 341 
PRO HB3  H N N 342 
PRO HG2  H N N 343 
PRO HG3  H N N 344 
PRO HD2  H N N 345 
PRO HD3  H N N 346 
PRO HXT  H N N 347 
SER N    N N N 348 
SER CA   C N S 349 
SER C    C N N 350 
SER O    O N N 351 
SER CB   C N N 352 
SER OG   O N N 353 
SER OXT  O N N 354 
SER H    H N N 355 
SER H2   H N N 356 
SER HA   H N N 357 
SER HB2  H N N 358 
SER HB3  H N N 359 
SER HG   H N N 360 
SER HXT  H N N 361 
THR N    N N N 362 
THR CA   C N S 363 
THR C    C N N 364 
THR O    O N N 365 
THR CB   C N R 366 
THR OG1  O N N 367 
THR CG2  C N N 368 
THR OXT  O N N 369 
THR H    H N N 370 
THR H2   H N N 371 
THR HA   H N N 372 
THR HB   H N N 373 
THR HG1  H N N 374 
THR HG21 H N N 375 
THR HG22 H N N 376 
THR HG23 H N N 377 
THR HXT  H N N 378 
TRP N    N N N 379 
TRP CA   C N S 380 
TRP C    C N N 381 
TRP O    O N N 382 
TRP CB   C N N 383 
TRP CG   C Y N 384 
TRP CD1  C Y N 385 
TRP CD2  C Y N 386 
TRP NE1  N Y N 387 
TRP CE2  C Y N 388 
TRP CE3  C Y N 389 
TRP CZ2  C Y N 390 
TRP CZ3  C Y N 391 
TRP CH2  C Y N 392 
TRP OXT  O N N 393 
TRP H    H N N 394 
TRP H2   H N N 395 
TRP HA   H N N 396 
TRP HB2  H N N 397 
TRP HB3  H N N 398 
TRP HD1  H N N 399 
TRP HE1  H N N 400 
TRP HE3  H N N 401 
TRP HZ2  H N N 402 
TRP HZ3  H N N 403 
TRP HH2  H N N 404 
TRP HXT  H N N 405 
TYR N    N N N 406 
TYR CA   C N S 407 
TYR C    C N N 408 
TYR O    O N N 409 
TYR CB   C N N 410 
TYR CG   C Y N 411 
TYR CD1  C Y N 412 
TYR CD2  C Y N 413 
TYR CE1  C Y N 414 
TYR CE2  C Y N 415 
TYR CZ   C Y N 416 
TYR OH   O N N 417 
TYR OXT  O N N 418 
TYR H    H N N 419 
TYR H2   H N N 420 
TYR HA   H N N 421 
TYR HB2  H N N 422 
TYR HB3  H N N 423 
TYR HD1  H N N 424 
TYR HD2  H N N 425 
TYR HE1  H N N 426 
TYR HE2  H N N 427 
TYR HH   H N N 428 
TYR HXT  H N N 429 
VAL N    N N N 430 
VAL CA   C N S 431 
VAL C    C N N 432 
VAL O    O N N 433 
VAL CB   C N N 434 
VAL CG1  C N N 435 
VAL CG2  C N N 436 
VAL OXT  O N N 437 
VAL H    H N N 438 
VAL H2   H N N 439 
VAL HA   H N N 440 
VAL HB   H N N 441 
VAL HG11 H N N 442 
VAL HG12 H N N 443 
VAL HG13 H N N 444 
VAL HG21 H N N 445 
VAL HG22 H N N 446 
VAL HG23 H N N 447 
VAL HXT  H N N 448 
# 
loop_
_chem_comp_bond.comp_id 
_chem_comp_bond.atom_id_1 
_chem_comp_bond.atom_id_2 
_chem_comp_bond.value_order 
_chem_comp_bond.pdbx_aromatic_flag 
_chem_comp_bond.pdbx_stereo_config 
_chem_comp_bond.pdbx_ordinal 
ALA N   CA   sing N N 1   
ALA N   H    sing N N 2   
ALA N   H2   sing N N 3   
ALA CA  C    sing N N 4   
ALA CA  CB   sing N N 5   
ALA CA  HA   sing N N 6   
ALA C   O    doub N N 7   
ALA C   OXT  sing N N 8   
ALA CB  HB1  sing N N 9   
ALA CB  HB2  sing N N 10  
ALA CB  HB3  sing N N 11  
ALA OXT HXT  sing N N 12  
ARG N   CA   sing N N 13  
ARG N   H    sing N N 14  
ARG N   H2   sing N N 15  
ARG CA  C    sing N N 16  
ARG CA  CB   sing N N 17  
ARG CA  HA   sing N N 18  
ARG C   O    doub N N 19  
ARG C   OXT  sing N N 20  
ARG CB  CG   sing N N 21  
ARG CB  HB2  sing N N 22  
ARG CB  HB3  sing N N 23  
ARG CG  CD   sing N N 24  
ARG CG  HG2  sing N N 25  
ARG CG  HG3  sing N N 26  
ARG CD  NE   sing N N 27  
ARG CD  HD2  sing N N 28  
ARG CD  HD3  sing N N 29  
ARG NE  CZ   sing N N 30  
ARG NE  HE   sing N N 31  
ARG CZ  NH1  sing N N 32  
ARG CZ  NH2  doub N N 33  
ARG NH1 HH11 sing N N 34  
ARG NH1 HH12 sing N N 35  
ARG NH2 HH21 sing N N 36  
ARG NH2 HH22 sing N N 37  
ARG OXT HXT  sing N N 38  
ASN N   CA   sing N N 39  
ASN N   H    sing N N 40  
ASN N   H2   sing N N 41  
ASN CA  C    sing N N 42  
ASN CA  CB   sing N N 43  
ASN CA  HA   sing N N 44  
ASN C   O    doub N N 45  
ASN C   OXT  sing N N 46  
ASN CB  CG   sing N N 47  
ASN CB  HB2  sing N N 48  
ASN CB  HB3  sing N N 49  
ASN CG  OD1  doub N N 50  
ASN CG  ND2  sing N N 51  
ASN ND2 HD21 sing N N 52  
ASN ND2 HD22 sing N N 53  
ASN OXT HXT  sing N N 54  
ASP N   CA   sing N N 55  
ASP N   H    sing N N 56  
ASP N   H2   sing N N 57  
ASP CA  C    sing N N 58  
ASP CA  CB   sing N N 59  
ASP CA  HA   sing N N 60  
ASP C   O    doub N N 61  
ASP C   OXT  sing N N 62  
ASP CB  CG   sing N N 63  
ASP CB  HB2  sing N N 64  
ASP CB  HB3  sing N N 65  
ASP CG  OD1  doub N N 66  
ASP CG  OD2  sing N N 67  
ASP OD2 HD2  sing N N 68  
ASP OXT HXT  sing N N 69  
CC0 P1  OR1  sing N N 70  
CC0 P1  OR2  doub N N 71  
CC0 P1  O10  sing N N 72  
CC0 P1  C8   sing N N 73  
CC0 OR1 HR1  sing N N 74  
CC0 O10 H10  sing N N 75  
CC0 C1  N1   sing N N 76  
CC0 C1  C11  sing N N 77  
CC0 C1  C14  sing N N 78  
CC0 C1  HC11 sing N N 79  
CC0 N1  C3   sing N N 80  
CC0 N1  HN11 sing N N 81  
CC0 C0  C3   sing N N 82  
CC0 C0  N2   sing N N 83  
CC0 C0  C4   sing N N 84  
CC0 C0  HC01 sing N N 85  
CC0 C3  O2   doub N N 86  
CC0 N2  C12  sing N N 87  
CC0 N2  HN21 sing N N 88  
CC0 C4  C5   sing N N 89  
CC0 C4  HC41 sing N N 90  
CC0 C4  HC42 sing N N 91  
CC0 C5  C6   doub Y N 92  
CC0 C5  C7   sing Y N 93  
CC0 C6  C8   sing Y N 94  
CC0 C6  HC61 sing N N 95  
CC0 C7  C9   doub Y N 96  
CC0 C7  HC71 sing N N 97  
CC0 C8  C10  doub Y N 98  
CC0 C9  C10  sing Y N 99  
CC0 C9  HC91 sing N N 100 
CC0 C10 O3   sing N N 101 
CC0 O3  C28  sing N N 102 
CC0 C11 H111 sing N N 103 
CC0 C11 H112 sing N N 104 
CC0 C11 H113 sing N N 105 
CC0 C12 C13  sing N N 106 
CC0 C12 O4   doub N N 107 
CC0 C13 H131 sing N N 108 
CC0 C13 H132 sing N N 109 
CC0 C13 H133 sing N N 110 
CC0 O5  C17  sing N N 111 
CC0 O5  C20  sing N N 112 
CC0 C14 C15  doub Y N 113 
CC0 C14 C19  sing Y N 114 
CC0 C15 C16  sing Y N 115 
CC0 C15 H151 sing N N 116 
CC0 C16 C17  doub Y N 117 
CC0 C16 C27  sing N N 118 
CC0 C17 C18  sing Y N 119 
CC0 C18 C19  doub Y N 120 
CC0 C18 H181 sing N N 121 
CC0 C19 H191 sing N N 122 
CC0 C20 C21  sing N N 123 
CC0 C20 H201 sing N N 124 
CC0 C20 H202 sing N N 125 
CC0 C21 C22  sing N N 126 
CC0 C21 C26  sing N N 127 
CC0 C21 H211 sing N N 128 
CC0 C22 C23  sing N N 129 
CC0 C22 H221 sing N N 130 
CC0 C22 H222 sing N N 131 
CC0 C23 C24  sing N N 132 
CC0 C23 H231 sing N N 133 
CC0 C23 H232 sing N N 134 
CC0 C24 C25  sing N N 135 
CC0 C24 H241 sing N N 136 
CC0 C24 H242 sing N N 137 
CC0 C25 C26  sing N N 138 
CC0 C25 H251 sing N N 139 
CC0 C25 H252 sing N N 140 
CC0 C26 H261 sing N N 141 
CC0 C26 H262 sing N N 142 
CC0 C27 N3   sing N N 143 
CC0 C27 O6   doub N N 144 
CC0 N3  HN31 sing N N 145 
CC0 N3  HN32 sing N N 146 
CC0 C28 C29  sing N N 147 
CC0 C28 H281 sing N N 148 
CC0 C28 H282 sing N N 149 
CC0 C29 O7   doub N N 150 
CC0 C29 O8   sing N N 151 
CC0 O8  HXT  sing N N 152 
CYS N   CA   sing N N 153 
CYS N   H    sing N N 154 
CYS N   H2   sing N N 155 
CYS CA  C    sing N N 156 
CYS CA  CB   sing N N 157 
CYS CA  HA   sing N N 158 
CYS C   O    doub N N 159 
CYS C   OXT  sing N N 160 
CYS CB  SG   sing N N 161 
CYS CB  HB2  sing N N 162 
CYS CB  HB3  sing N N 163 
CYS SG  HG   sing N N 164 
CYS OXT HXT  sing N N 165 
GLN N   CA   sing N N 166 
GLN N   H    sing N N 167 
GLN N   H2   sing N N 168 
GLN CA  C    sing N N 169 
GLN CA  CB   sing N N 170 
GLN CA  HA   sing N N 171 
GLN C   O    doub N N 172 
GLN C   OXT  sing N N 173 
GLN CB  CG   sing N N 174 
GLN CB  HB2  sing N N 175 
GLN CB  HB3  sing N N 176 
GLN CG  CD   sing N N 177 
GLN CG  HG2  sing N N 178 
GLN CG  HG3  sing N N 179 
GLN CD  OE1  doub N N 180 
GLN CD  NE2  sing N N 181 
GLN NE2 HE21 sing N N 182 
GLN NE2 HE22 sing N N 183 
GLN OXT HXT  sing N N 184 
GLU N   CA   sing N N 185 
GLU N   H    sing N N 186 
GLU N   H2   sing N N 187 
GLU CA  C    sing N N 188 
GLU CA  CB   sing N N 189 
GLU CA  HA   sing N N 190 
GLU C   O    doub N N 191 
GLU C   OXT  sing N N 192 
GLU CB  CG   sing N N 193 
GLU CB  HB2  sing N N 194 
GLU CB  HB3  sing N N 195 
GLU CG  CD   sing N N 196 
GLU CG  HG2  sing N N 197 
GLU CG  HG3  sing N N 198 
GLU CD  OE1  doub N N 199 
GLU CD  OE2  sing N N 200 
GLU OE2 HE2  sing N N 201 
GLU OXT HXT  sing N N 202 
GLY N   CA   sing N N 203 
GLY N   H    sing N N 204 
GLY N   H2   sing N N 205 
GLY CA  C    sing N N 206 
GLY CA  HA2  sing N N 207 
GLY CA  HA3  sing N N 208 
GLY C   O    doub N N 209 
GLY C   OXT  sing N N 210 
GLY OXT HXT  sing N N 211 
HIS N   CA   sing N N 212 
HIS N   H    sing N N 213 
HIS N   H2   sing N N 214 
HIS CA  C    sing N N 215 
HIS CA  CB   sing N N 216 
HIS CA  HA   sing N N 217 
HIS C   O    doub N N 218 
HIS C   OXT  sing N N 219 
HIS CB  CG   sing N N 220 
HIS CB  HB2  sing N N 221 
HIS CB  HB3  sing N N 222 
HIS CG  ND1  sing Y N 223 
HIS CG  CD2  doub Y N 224 
HIS ND1 CE1  doub Y N 225 
HIS ND1 HD1  sing N N 226 
HIS CD2 NE2  sing Y N 227 
HIS CD2 HD2  sing N N 228 
HIS CE1 NE2  sing Y N 229 
HIS CE1 HE1  sing N N 230 
HIS NE2 HE2  sing N N 231 
HIS OXT HXT  sing N N 232 
ILE N   CA   sing N N 233 
ILE N   H    sing N N 234 
ILE N   H2   sing N N 235 
ILE CA  C    sing N N 236 
ILE CA  CB   sing N N 237 
ILE CA  HA   sing N N 238 
ILE C   O    doub N N 239 
ILE C   OXT  sing N N 240 
ILE CB  CG1  sing N N 241 
ILE CB  CG2  sing N N 242 
ILE CB  HB   sing N N 243 
ILE CG1 CD1  sing N N 244 
ILE CG1 HG12 sing N N 245 
ILE CG1 HG13 sing N N 246 
ILE CG2 HG21 sing N N 247 
ILE CG2 HG22 sing N N 248 
ILE CG2 HG23 sing N N 249 
ILE CD1 HD11 sing N N 250 
ILE CD1 HD12 sing N N 251 
ILE CD1 HD13 sing N N 252 
ILE OXT HXT  sing N N 253 
LEU N   CA   sing N N 254 
LEU N   H    sing N N 255 
LEU N   H2   sing N N 256 
LEU CA  C    sing N N 257 
LEU CA  CB   sing N N 258 
LEU CA  HA   sing N N 259 
LEU C   O    doub N N 260 
LEU C   OXT  sing N N 261 
LEU CB  CG   sing N N 262 
LEU CB  HB2  sing N N 263 
LEU CB  HB3  sing N N 264 
LEU CG  CD1  sing N N 265 
LEU CG  CD2  sing N N 266 
LEU CG  HG   sing N N 267 
LEU CD1 HD11 sing N N 268 
LEU CD1 HD12 sing N N 269 
LEU CD1 HD13 sing N N 270 
LEU CD2 HD21 sing N N 271 
LEU CD2 HD22 sing N N 272 
LEU CD2 HD23 sing N N 273 
LEU OXT HXT  sing N N 274 
LYS N   CA   sing N N 275 
LYS N   H    sing N N 276 
LYS N   H2   sing N N 277 
LYS CA  C    sing N N 278 
LYS CA  CB   sing N N 279 
LYS CA  HA   sing N N 280 
LYS C   O    doub N N 281 
LYS C   OXT  sing N N 282 
LYS CB  CG   sing N N 283 
LYS CB  HB2  sing N N 284 
LYS CB  HB3  sing N N 285 
LYS CG  CD   sing N N 286 
LYS CG  HG2  sing N N 287 
LYS CG  HG3  sing N N 288 
LYS CD  CE   sing N N 289 
LYS CD  HD2  sing N N 290 
LYS CD  HD3  sing N N 291 
LYS CE  NZ   sing N N 292 
LYS CE  HE2  sing N N 293 
LYS CE  HE3  sing N N 294 
LYS NZ  HZ1  sing N N 295 
LYS NZ  HZ2  sing N N 296 
LYS NZ  HZ3  sing N N 297 
LYS OXT HXT  sing N N 298 
PHE N   CA   sing N N 299 
PHE N   H    sing N N 300 
PHE N   H2   sing N N 301 
PHE CA  C    sing N N 302 
PHE CA  CB   sing N N 303 
PHE CA  HA   sing N N 304 
PHE C   O    doub N N 305 
PHE C   OXT  sing N N 306 
PHE CB  CG   sing N N 307 
PHE CB  HB2  sing N N 308 
PHE CB  HB3  sing N N 309 
PHE CG  CD1  doub Y N 310 
PHE CG  CD2  sing Y N 311 
PHE CD1 CE1  sing Y N 312 
PHE CD1 HD1  sing N N 313 
PHE CD2 CE2  doub Y N 314 
PHE CD2 HD2  sing N N 315 
PHE CE1 CZ   doub Y N 316 
PHE CE1 HE1  sing N N 317 
PHE CE2 CZ   sing Y N 318 
PHE CE2 HE2  sing N N 319 
PHE CZ  HZ   sing N N 320 
PHE OXT HXT  sing N N 321 
PRO N   CA   sing N N 322 
PRO N   CD   sing N N 323 
PRO N   H    sing N N 324 
PRO CA  C    sing N N 325 
PRO CA  CB   sing N N 326 
PRO CA  HA   sing N N 327 
PRO C   O    doub N N 328 
PRO C   OXT  sing N N 329 
PRO CB  CG   sing N N 330 
PRO CB  HB2  sing N N 331 
PRO CB  HB3  sing N N 332 
PRO CG  CD   sing N N 333 
PRO CG  HG2  sing N N 334 
PRO CG  HG3  sing N N 335 
PRO CD  HD2  sing N N 336 
PRO CD  HD3  sing N N 337 
PRO OXT HXT  sing N N 338 
SER N   CA   sing N N 339 
SER N   H    sing N N 340 
SER N   H2   sing N N 341 
SER CA  C    sing N N 342 
SER CA  CB   sing N N 343 
SER CA  HA   sing N N 344 
SER C   O    doub N N 345 
SER C   OXT  sing N N 346 
SER CB  OG   sing N N 347 
SER CB  HB2  sing N N 348 
SER CB  HB3  sing N N 349 
SER OG  HG   sing N N 350 
SER OXT HXT  sing N N 351 
THR N   CA   sing N N 352 
THR N   H    sing N N 353 
THR N   H2   sing N N 354 
THR CA  C    sing N N 355 
THR CA  CB   sing N N 356 
THR CA  HA   sing N N 357 
THR C   O    doub N N 358 
THR C   OXT  sing N N 359 
THR CB  OG1  sing N N 360 
THR CB  CG2  sing N N 361 
THR CB  HB   sing N N 362 
THR OG1 HG1  sing N N 363 
THR CG2 HG21 sing N N 364 
THR CG2 HG22 sing N N 365 
THR CG2 HG23 sing N N 366 
THR OXT HXT  sing N N 367 
TRP N   CA   sing N N 368 
TRP N   H    sing N N 369 
TRP N   H2   sing N N 370 
TRP CA  C    sing N N 371 
TRP CA  CB   sing N N 372 
TRP CA  HA   sing N N 373 
TRP C   O    doub N N 374 
TRP C   OXT  sing N N 375 
TRP CB  CG   sing N N 376 
TRP CB  HB2  sing N N 377 
TRP CB  HB3  sing N N 378 
TRP CG  CD1  doub Y N 379 
TRP CG  CD2  sing Y N 380 
TRP CD1 NE1  sing Y N 381 
TRP CD1 HD1  sing N N 382 
TRP CD2 CE2  doub Y N 383 
TRP CD2 CE3  sing Y N 384 
TRP NE1 CE2  sing Y N 385 
TRP NE1 HE1  sing N N 386 
TRP CE2 CZ2  sing Y N 387 
TRP CE3 CZ3  doub Y N 388 
TRP CE3 HE3  sing N N 389 
TRP CZ2 CH2  doub Y N 390 
TRP CZ2 HZ2  sing N N 391 
TRP CZ3 CH2  sing Y N 392 
TRP CZ3 HZ3  sing N N 393 
TRP CH2 HH2  sing N N 394 
TRP OXT HXT  sing N N 395 
TYR N   CA   sing N N 396 
TYR N   H    sing N N 397 
TYR N   H2   sing N N 398 
TYR CA  C    sing N N 399 
TYR CA  CB   sing N N 400 
TYR CA  HA   sing N N 401 
TYR C   O    doub N N 402 
TYR C   OXT  sing N N 403 
TYR CB  CG   sing N N 404 
TYR CB  HB2  sing N N 405 
TYR CB  HB3  sing N N 406 
TYR CG  CD1  doub Y N 407 
TYR CG  CD2  sing Y N 408 
TYR CD1 CE1  sing Y N 409 
TYR CD1 HD1  sing N N 410 
TYR CD2 CE2  doub Y N 411 
TYR CD2 HD2  sing N N 412 
TYR CE1 CZ   doub Y N 413 
TYR CE1 HE1  sing N N 414 
TYR CE2 CZ   sing Y N 415 
TYR CE2 HE2  sing N N 416 
TYR CZ  OH   sing N N 417 
TYR OH  HH   sing N N 418 
TYR OXT HXT  sing N N 419 
VAL N   CA   sing N N 420 
VAL N   H    sing N N 421 
VAL N   H2   sing N N 422 
VAL CA  C    sing N N 423 
VAL CA  CB   sing N N 424 
VAL CA  HA   sing N N 425 
VAL C   O    doub N N 426 
VAL C   OXT  sing N N 427 
VAL CB  CG1  sing N N 428 
VAL CB  CG2  sing N N 429 
VAL CB  HB   sing N N 430 
VAL CG1 HG11 sing N N 431 
VAL CG1 HG12 sing N N 432 
VAL CG1 HG13 sing N N 433 
VAL CG2 HG21 sing N N 434 
VAL CG2 HG22 sing N N 435 
VAL CG2 HG23 sing N N 436 
VAL OXT HXT  sing N N 437 
# 
_atom_sites.entry_id                    1IJR 
_atom_sites.fract_transf_matrix[1][1]   0.00938771 
_atom_sites.fract_transf_matrix[1][2]   -0.01322022 
_atom_sites.fract_transf_matrix[1][3]   -0.00079965 
_atom_sites.fract_transf_matrix[2][1]   -0.01208789 
_atom_sites.fract_transf_matrix[2][2]   -0.00815178 
_atom_sites.fract_transf_matrix[2][3]   -0.00713961 
_atom_sites.fract_transf_matrix[3][1]   0.00356586 
_atom_sites.fract_transf_matrix[3][2]   0.00311223 
_atom_sites.fract_transf_matrix[3][3]   -0.00959071 
_atom_sites.fract_transf_vector[1]      0.962984 
_atom_sites.fract_transf_vector[2]      0.320981 
_atom_sites.fract_transf_vector[3]      0.278090 
# 
loop_
_atom_type.symbol 
C 
N 
O 
P 
S 
# 
loop_
_atom_site.group_PDB 
_atom_site.id 
_atom_site.type_symbol 
_atom_site.label_atom_id 
_atom_site.label_alt_id 
_atom_site.label_comp_id 
_atom_site.label_asym_id 
_atom_site.label_entity_id 
_atom_site.label_seq_id 
_atom_site.pdbx_PDB_ins_code 
_atom_site.Cartn_x 
_atom_site.Cartn_y 
_atom_site.Cartn_z 
_atom_site.occupancy 
_atom_site.B_iso_or_equiv 
_atom_site.pdbx_formal_charge 
_atom_site.auth_seq_id 
_atom_site.auth_comp_id 
_atom_site.auth_asym_id 
_atom_site.auth_atom_id 
_atom_site.pdbx_PDB_model_num 
ATOM   1   N N   . ALA A 1 1   ? 10.247  4.768   15.442  1.00 92.15  ? 1   ALA A N   1 
ATOM   2   C CA  . ALA A 1 1   ? 8.763   4.841   15.268  1.00 91.00  ? 1   ALA A CA  1 
ATOM   3   C C   . ALA A 1 1   ? 8.237   3.696   14.383  1.00 88.96  ? 1   ALA A C   1 
ATOM   4   O O   . ALA A 1 1   ? 7.831   3.930   13.231  1.00 91.22  ? 1   ALA A O   1 
ATOM   5   C CB  . ALA A 1 1   ? 8.369   6.209   14.666  1.00 91.11  ? 1   ALA A CB  1 
ATOM   6   N N   . PRO A 1 2   ? 8.220   2.447   14.916  1.00 84.90  ? 2   PRO A N   1 
ATOM   7   C CA  . PRO A 1 2   ? 7.741   1.265   14.176  1.00 80.74  ? 2   PRO A CA  1 
ATOM   8   C C   . PRO A 1 2   ? 6.361   1.541   13.575  1.00 75.74  ? 2   PRO A C   1 
ATOM   9   O O   . PRO A 1 2   ? 5.341   1.497   14.287  1.00 77.46  ? 2   PRO A O   1 
ATOM   10  C CB  . PRO A 1 2   ? 7.680   0.186   15.261  1.00 81.97  ? 2   PRO A CB  1 
ATOM   11  C CG  . PRO A 1 2   ? 8.790   0.586   16.199  1.00 83.45  ? 2   PRO A CG  1 
ATOM   12  C CD  . PRO A 1 2   ? 8.577   2.085   16.303  1.00 84.62  ? 2   PRO A CD  1 
ATOM   13  N N   . GLU A 1 3   ? 6.351   1.865   12.276  1.00 64.83  ? 3   GLU A N   1 
ATOM   14  C CA  . GLU A 1 3   ? 5.126   2.187   11.549  1.00 51.84  ? 3   GLU A CA  1 
ATOM   15  C C   . GLU A 1 3   ? 4.176   1.007   11.379  1.00 43.01  ? 3   GLU A C   1 
ATOM   16  O O   . GLU A 1 3   ? 4.513   -0.003  10.751  1.00 36.00  ? 3   GLU A O   1 
ATOM   17  C CB  . GLU A 1 3   ? 5.443   2.837   10.206  1.00 53.66  ? 3   GLU A CB  1 
ATOM   18  C CG  . GLU A 1 3   ? 6.551   2.158   9.417   1.00 60.93  ? 3   GLU A CG  1 
ATOM   19  C CD  . GLU A 1 3   ? 7.944   2.672   9.766   1.00 62.22  ? 3   GLU A CD  1 
ATOM   20  O OE1 . GLU A 1 3   ? 8.935   2.051   9.307   1.00 59.53  ? 3   GLU A OE1 1 
ATOM   21  O OE2 . GLU A 1 3   ? 8.047   3.693   10.489  1.00 62.48  ? 3   GLU A OE2 1 
ATOM   22  N N   . PRO A 1 4   ? 2.951   1.151   11.923  1.00 36.35  ? 4   PRO A N   1 
ATOM   23  C CA  . PRO A 1 4   ? 1.833   0.203   11.934  1.00 34.05  ? 4   PRO A CA  1 
ATOM   24  C C   . PRO A 1 4   ? 1.414   -0.314  10.576  1.00 34.66  ? 4   PRO A C   1 
ATOM   25  O O   . PRO A 1 4   ? 0.826   -1.391  10.479  1.00 35.29  ? 4   PRO A O   1 
ATOM   26  C CB  . PRO A 1 4   ? 0.714   1.014   12.573  1.00 31.62  ? 4   PRO A CB  1 
ATOM   27  C CG  . PRO A 1 4   ? 1.045   2.404   12.183  1.00 30.07  ? 4   PRO A CG  1 
ATOM   28  C CD  . PRO A 1 4   ? 2.509   2.453   12.445  1.00 29.06  ? 4   PRO A CD  1 
ATOM   29  N N   . TRP A 1 5   ? 1.691   0.468   9.538   1.00 35.04  ? 5   TRP A N   1 
ATOM   30  C CA  . TRP A 1 5   ? 1.333   0.090   8.177   1.00 29.90  ? 5   TRP A CA  1 
ATOM   31  C C   . TRP A 1 5   ? 2.414   -0.708  7.465   1.00 32.26  ? 5   TRP A C   1 
ATOM   32  O O   . TRP A 1 5   ? 2.256   -1.056  6.300   1.00 35.37  ? 5   TRP A O   1 
ATOM   33  C CB  . TRP A 1 5   ? 0.967   1.331   7.349   1.00 26.32  ? 5   TRP A CB  1 
ATOM   34  C CG  . TRP A 1 5   ? 1.899   2.498   7.499   1.00 21.61  ? 5   TRP A CG  1 
ATOM   35  C CD1 . TRP A 1 5   ? 1.666   3.646   8.202   1.00 21.37  ? 5   TRP A CD1 1 
ATOM   36  C CD2 . TRP A 1 5   ? 3.214   2.627   6.942   1.00 19.13  ? 5   TRP A CD2 1 
ATOM   37  N NE1 . TRP A 1 5   ? 2.756   4.478   8.123   1.00 21.82  ? 5   TRP A NE1 1 
ATOM   38  C CE2 . TRP A 1 5   ? 3.721   3.878   7.358   1.00 19.50  ? 5   TRP A CE2 1 
ATOM   39  C CE3 . TRP A 1 5   ? 4.015   1.804   6.141   1.00 17.23  ? 5   TRP A CE3 1 
ATOM   40  C CZ2 . TRP A 1 5   ? 4.999   4.327   6.998   1.00 19.58  ? 5   TRP A CZ2 1 
ATOM   41  C CZ3 . TRP A 1 5   ? 5.286   2.250   5.785   1.00 17.07  ? 5   TRP A CZ3 1 
ATOM   42  C CH2 . TRP A 1 5   ? 5.765   3.501   6.218   1.00 15.37  ? 5   TRP A CH2 1 
ATOM   43  N N   . PHE A 1 6   ? 3.504   -1.014  8.164   1.00 33.45  ? 6   PHE A N   1 
ATOM   44  C CA  . PHE A 1 6   ? 4.592   -1.758  7.550   1.00 34.21  ? 6   PHE A CA  1 
ATOM   45  C C   . PHE A 1 6   ? 4.681   -3.200  8.012   1.00 33.81  ? 6   PHE A C   1 
ATOM   46  O O   . PHE A 1 6   ? 5.077   -3.478  9.136   1.00 36.53  ? 6   PHE A O   1 
ATOM   47  C CB  . PHE A 1 6   ? 5.928   -1.055  7.784   1.00 34.88  ? 6   PHE A CB  1 
ATOM   48  C CG  . PHE A 1 6   ? 7.053   -1.635  6.983   1.00 42.88  ? 6   PHE A CG  1 
ATOM   49  C CD1 . PHE A 1 6   ? 6.963   -1.708  5.595   1.00 43.97  ? 6   PHE A CD1 1 
ATOM   50  C CD2 . PHE A 1 6   ? 8.190   -2.133  7.608   1.00 46.66  ? 6   PHE A CD2 1 
ATOM   51  C CE1 . PHE A 1 6   ? 7.986   -2.269  4.839   1.00 45.69  ? 6   PHE A CE1 1 
ATOM   52  C CE2 . PHE A 1 6   ? 9.221   -2.697  6.861   1.00 50.03  ? 6   PHE A CE2 1 
ATOM   53  C CZ  . PHE A 1 6   ? 9.118   -2.766  5.470   1.00 49.68  ? 6   PHE A CZ  1 
ATOM   54  N N   . PHE A 1 7   ? 4.331   -4.118  7.121   1.00 35.62  ? 7   PHE A N   1 
ATOM   55  C CA  . PHE A 1 7   ? 4.367   -5.538  7.437   1.00 38.67  ? 7   PHE A CA  1 
ATOM   56  C C   . PHE A 1 7   ? 5.520   -6.239  6.717   1.00 43.76  ? 7   PHE A C   1 
ATOM   57  O O   . PHE A 1 7   ? 5.359   -6.753  5.613   1.00 43.53  ? 7   PHE A O   1 
ATOM   58  C CB  . PHE A 1 7   ? 3.019   -6.182  7.101   1.00 36.07  ? 7   PHE A CB  1 
ATOM   59  C CG  . PHE A 1 7   ? 1.873   -5.673  7.949   1.00 37.09  ? 7   PHE A CG  1 
ATOM   60  C CD1 . PHE A 1 7   ? 1.504   -4.334  7.923   1.00 35.98  ? 7   PHE A CD1 1 
ATOM   61  C CD2 . PHE A 1 7   ? 1.174   -6.535  8.786   1.00 42.51  ? 7   PHE A CD2 1 
ATOM   62  C CE1 . PHE A 1 7   ? 0.462   -3.861  8.716   1.00 37.44  ? 7   PHE A CE1 1 
ATOM   63  C CE2 . PHE A 1 7   ? 0.122   -6.068  9.587   1.00 41.42  ? 7   PHE A CE2 1 
ATOM   64  C CZ  . PHE A 1 7   ? -0.231  -4.729  9.550   1.00 37.88  ? 7   PHE A CZ  1 
ATOM   65  N N   . LYS A 1 8   ? 6.685   -6.228  7.363   1.00 53.06  ? 8   LYS A N   1 
ATOM   66  C CA  . LYS A 1 8   ? 7.918   -6.841  6.850   1.00 60.51  ? 8   LYS A CA  1 
ATOM   67  C C   . LYS A 1 8   ? 7.658   -8.172  6.133   1.00 62.85  ? 8   LYS A C   1 
ATOM   68  O O   . LYS A 1 8   ? 7.591   -8.221  4.898   1.00 64.45  ? 8   LYS A O   1 
ATOM   69  C CB  . LYS A 1 8   ? 8.906   -7.094  8.000   1.00 66.11  ? 8   LYS A CB  1 
ATOM   70  C CG  . LYS A 1 8   ? 8.832   -6.106  9.166   1.00 72.32  ? 8   LYS A CG  1 
ATOM   71  C CD  . LYS A 1 8   ? 9.487   -6.686  10.421  1.00 75.61  ? 8   LYS A CD  1 
ATOM   72  C CE  . LYS A 1 8   ? 8.803   -7.980  10.875  1.00 76.10  ? 8   LYS A CE  1 
ATOM   73  N NZ  . LYS A 1 8   ? 9.481   -8.593  12.057  1.00 74.17  ? 8   LYS A NZ  1 
ATOM   74  N N   . ASN A 1 9   ? 7.520   -9.242  6.919   1.00 61.36  ? 9   ASN A N   1 
ATOM   75  C CA  . ASN A 1 9   ? 7.266   -10.578 6.391   1.00 61.19  ? 9   ASN A CA  1 
ATOM   76  C C   . ASN A 1 9   ? 5.783   -10.858 6.225   1.00 58.25  ? 9   ASN A C   1 
ATOM   77  O O   . ASN A 1 9   ? 5.080   -11.143 7.194   1.00 63.64  ? 9   ASN A O   1 
ATOM   78  C CB  . ASN A 1 9   ? 7.900   -11.638 7.293   1.00 66.95  ? 9   ASN A CB  1 
ATOM   79  C CG  . ASN A 1 9   ? 9.308   -12.000 6.865   1.00 75.32  ? 9   ASN A CG  1 
ATOM   80  O OD1 . ASN A 1 9   ? 9.626   -13.178 6.674   1.00 77.15  ? 9   ASN A OD1 1 
ATOM   81  N ND2 . ASN A 1 9   ? 10.158  -10.985 6.691   1.00 78.72  ? 9   ASN A ND2 1 
ATOM   82  N N   . LEU A 1 10  ? 5.319   -10.800 4.984   1.00 51.61  ? 10  LEU A N   1 
ATOM   83  C CA  . LEU A 1 10  ? 3.916   -11.033 4.672   1.00 46.53  ? 10  LEU A CA  1 
ATOM   84  C C   . LEU A 1 10  ? 3.804   -11.183 3.162   1.00 43.21  ? 10  LEU A C   1 
ATOM   85  O O   . LEU A 1 10  ? 4.072   -10.240 2.420   1.00 48.33  ? 10  LEU A O   1 
ATOM   86  C CB  . LEU A 1 10  ? 3.076   -9.837  5.133   1.00 43.33  ? 10  LEU A CB  1 
ATOM   87  C CG  . LEU A 1 10  ? 1.661   -10.135 5.625   1.00 44.94  ? 10  LEU A CG  1 
ATOM   88  C CD1 . LEU A 1 10  ? 1.744   -10.986 6.880   1.00 42.40  ? 10  LEU A CD1 1 
ATOM   89  C CD2 . LEU A 1 10  ? 0.921   -8.848  5.913   1.00 43.00  ? 10  LEU A CD2 1 
ATOM   90  N N   . SER A 1 11  ? 3.424   -12.368 2.701   1.00 39.19  ? 11  SER A N   1 
ATOM   91  C CA  . SER A 1 11  ? 3.301   -12.604 1.267   1.00 38.43  ? 11  SER A CA  1 
ATOM   92  C C   . SER A 1 11  ? 2.140   -11.817 0.649   1.00 35.77  ? 11  SER A C   1 
ATOM   93  O O   . SER A 1 11  ? 1.424   -11.097 1.347   1.00 35.70  ? 11  SER A O   1 
ATOM   94  C CB  . SER A 1 11  ? 3.141   -14.103 0.989   1.00 37.48  ? 11  SER A CB  1 
ATOM   95  O OG  . SER A 1 11  ? 1.889   -14.582 1.442   1.00 40.81  ? 11  SER A OG  1 
ATOM   96  N N   . ARG A 1 12  ? 1.987   -11.925 -0.669  1.00 33.48  ? 12  ARG A N   1 
ATOM   97  C CA  . ARG A 1 12  ? 0.909   -11.239 -1.372  1.00 32.78  ? 12  ARG A CA  1 
ATOM   98  C C   . ARG A 1 12  ? -0.423  -11.817 -0.908  1.00 31.34  ? 12  ARG A C   1 
ATOM   99  O O   . ARG A 1 12  ? -1.402  -11.092 -0.734  1.00 31.99  ? 12  ARG A O   1 
ATOM   100 C CB  . ARG A 1 12  ? 1.050   -11.422 -2.887  1.00 35.25  ? 12  ARG A CB  1 
ATOM   101 C CG  . ARG A 1 12  ? -0.109  -10.843 -3.683  1.00 34.89  ? 12  ARG A CG  1 
ATOM   102 C CD  . ARG A 1 12  ? -0.132  -11.358 -5.109  1.00 36.07  ? 12  ARG A CD  1 
ATOM   103 N NE  . ARG A 1 12  ? 0.066   -10.270 -6.056  1.00 40.45  ? 12  ARG A NE  1 
ATOM   104 C CZ  . ARG A 1 12  ? -0.879  -9.771  -6.842  1.00 37.77  ? 12  ARG A CZ  1 
ATOM   105 N NH1 . ARG A 1 12  ? -0.590  -8.776  -7.660  1.00 42.24  ? 12  ARG A NH1 1 
ATOM   106 N NH2 . ARG A 1 12  ? -2.104  -10.270 -6.826  1.00 39.99  ? 12  ARG A NH2 1 
ATOM   107 N N   . LYS A 1 13  ? -0.450  -13.133 -0.720  1.00 31.98  ? 13  LYS A N   1 
ATOM   108 C CA  . LYS A 1 13  ? -1.648  -13.824 -0.264  1.00 32.46  ? 13  LYS A CA  1 
ATOM   109 C C   . LYS A 1 13  ? -2.011  -13.411 1.165   1.00 28.90  ? 13  LYS A C   1 
ATOM   110 O O   . LYS A 1 13  ? -3.177  -13.145 1.463   1.00 25.09  ? 13  LYS A O   1 
ATOM   111 C CB  . LYS A 1 13  ? -1.432  -15.335 -0.329  1.00 38.35  ? 13  LYS A CB  1 
ATOM   112 C CG  . LYS A 1 13  ? -2.395  -16.055 -1.250  1.00 44.02  ? 13  LYS A CG  1 
ATOM   113 C CD  . LYS A 1 13  ? -2.238  -15.598 -2.686  1.00 50.70  ? 13  LYS A CD  1 
ATOM   114 C CE  . LYS A 1 13  ? -3.231  -16.308 -3.594  1.00 55.01  ? 13  LYS A CE  1 
ATOM   115 N NZ  . LYS A 1 13  ? -4.637  -15.986 -3.229  1.00 55.54  ? 13  LYS A NZ  1 
ATOM   116 N N   . ASP A 1 14  ? -1.002  -13.337 2.029   1.00 25.76  ? 14  ASP A N   1 
ATOM   117 C CA  . ASP A 1 14  ? -1.200  -12.942 3.423   1.00 27.32  ? 14  ASP A CA  1 
ATOM   118 C C   . ASP A 1 14  ? -1.812  -11.554 3.507   1.00 28.80  ? 14  ASP A C   1 
ATOM   119 O O   . ASP A 1 14  ? -2.764  -11.331 4.248   1.00 29.06  ? 14  ASP A O   1 
ATOM   120 C CB  . ASP A 1 14  ? 0.129   -12.961 4.192   1.00 22.61  ? 14  ASP A CB  1 
ATOM   121 C CG  . ASP A 1 14  ? 0.705   -14.356 4.337   1.00 21.35  ? 14  ASP A CG  1 
ATOM   122 O OD1 . ASP A 1 14  ? -0.063  -15.340 4.319   1.00 28.74  ? 14  ASP A OD1 1 
ATOM   123 O OD2 . ASP A 1 14  ? 1.939   -14.465 4.465   1.00 26.90  ? 14  ASP A OD2 1 
ATOM   124 N N   . ALA A 1 15  ? -1.285  -10.639 2.700   1.00 29.29  ? 15  ALA A N   1 
ATOM   125 C CA  . ALA A 1 15  ? -1.765  -9.266  2.670   1.00 27.46  ? 15  ALA A CA  1 
ATOM   126 C C   . ALA A 1 15  ? -3.231  -9.179  2.260   1.00 27.60  ? 15  ALA A C   1 
ATOM   127 O O   . ALA A 1 15  ? -3.997  -8.411  2.844   1.00 31.06  ? 15  ALA A O   1 
ATOM   128 C CB  . ALA A 1 15  ? -0.903  -8.431  1.738   1.00 27.17  ? 15  ALA A CB  1 
ATOM   129 N N   . GLU A 1 16  ? -3.624  -9.967  1.263   1.00 26.15  ? 16  GLU A N   1 
ATOM   130 C CA  . GLU A 1 16  ? -5.007  -9.955  0.794   1.00 30.62  ? 16  GLU A CA  1 
ATOM   131 C C   . GLU A 1 16  ? -5.955  -10.466 1.876   1.00 30.65  ? 16  GLU A C   1 
ATOM   132 O O   . GLU A 1 16  ? -6.998  -9.863  2.146   1.00 29.17  ? 16  GLU A O   1 
ATOM   133 C CB  . GLU A 1 16  ? -5.141  -10.773 -0.496  1.00 31.77  ? 16  GLU A CB  1 
ATOM   134 C CG  . GLU A 1 16  ? -4.287  -10.213 -1.638  1.00 42.92  ? 16  GLU A CG  1 
ATOM   135 C CD  . GLU A 1 16  ? -4.541  -10.867 -2.992  1.00 43.73  ? 16  GLU A CD  1 
ATOM   136 O OE1 . GLU A 1 16  ? -5.141  -10.202 -3.870  1.00 40.64  ? 16  GLU A OE1 1 
ATOM   137 O OE2 . GLU A 1 16  ? -4.116  -12.028 -3.190  1.00 50.03  ? 16  GLU A OE2 1 
ATOM   138 N N   . ARG A 1 17  ? -5.547  -11.551 2.528   1.00 30.35  ? 17  ARG A N   1 
ATOM   139 C CA  . ARG A 1 17  ? -6.329  -12.164 3.596   1.00 28.22  ? 17  ARG A CA  1 
ATOM   140 C C   . ARG A 1 17  ? -6.416  -11.263 4.814   1.00 26.29  ? 17  ARG A C   1 
ATOM   141 O O   . ARG A 1 17  ? -7.500  -11.027 5.345   1.00 27.75  ? 17  ARG A O   1 
ATOM   142 C CB  . ARG A 1 17  ? -5.720  -13.511 3.967   1.00 25.23  ? 17  ARG A CB  1 
ATOM   143 C CG  . ARG A 1 17  ? -5.917  -14.532 2.875   1.00 23.34  ? 17  ARG A CG  1 
ATOM   144 C CD  . ARG A 1 17  ? -5.147  -15.787 3.127   1.00 22.96  ? 17  ARG A CD  1 
ATOM   145 N NE  . ARG A 1 17  ? -5.354  -16.741 2.043   1.00 27.21  ? 17  ARG A NE  1 
ATOM   146 C CZ  . ARG A 1 17  ? -4.437  -17.611 1.640   1.00 29.05  ? 17  ARG A CZ  1 
ATOM   147 N NH1 . ARG A 1 17  ? -3.247  -17.650 2.232   1.00 29.29  ? 17  ARG A NH1 1 
ATOM   148 N NH2 . ARG A 1 17  ? -4.708  -18.443 0.648   1.00 34.09  ? 17  ARG A NH2 1 
ATOM   149 N N   . GLN A 1 18  ? -5.273  -10.720 5.210   1.00 25.54  ? 18  GLN A N   1 
ATOM   150 C CA  . GLN A 1 18  ? -5.184  -9.822  6.353   1.00 27.12  ? 18  GLN A CA  1 
ATOM   151 C C   . GLN A 1 18  ? -6.062  -8.598  6.129   1.00 30.22  ? 18  GLN A C   1 
ATOM   152 O O   . GLN A 1 18  ? -6.796  -8.181  7.028   1.00 31.74  ? 18  GLN A O   1 
ATOM   153 C CB  . GLN A 1 18  ? -3.733  -9.377  6.554   1.00 31.37  ? 18  GLN A CB  1 
ATOM   154 C CG  . GLN A 1 18  ? -3.442  -8.807  7.929   1.00 36.49  ? 18  GLN A CG  1 
ATOM   155 C CD  . GLN A 1 18  ? -3.768  -9.802  9.026   1.00 42.94  ? 18  GLN A CD  1 
ATOM   156 O OE1 . GLN A 1 18  ? -4.906  -9.878  9.488   1.00 50.35  ? 18  GLN A OE1 1 
ATOM   157 N NE2 . GLN A 1 18  ? -2.777  -10.591 9.427   1.00 45.89  ? 18  GLN A NE2 1 
ATOM   158 N N   . LEU A 1 19  ? -5.997  -8.038  4.918   1.00 29.06  ? 19  LEU A N   1 
ATOM   159 C CA  . LEU A 1 19  ? -6.781  -6.856  4.573   1.00 26.45  ? 19  LEU A CA  1 
ATOM   160 C C   . LEU A 1 19  ? -8.266  -7.125  4.426   1.00 26.81  ? 19  LEU A C   1 
ATOM   161 O O   . LEU A 1 19  ? -9.081  -6.259  4.739   1.00 26.64  ? 19  LEU A O   1 
ATOM   162 C CB  . LEU A 1 19  ? -6.247  -6.185  3.307   1.00 26.52  ? 19  LEU A CB  1 
ATOM   163 C CG  . LEU A 1 19  ? -5.001  -5.314  3.488   1.00 25.52  ? 19  LEU A CG  1 
ATOM   164 C CD1 . LEU A 1 19  ? -4.493  -4.829  2.143   1.00 20.66  ? 19  LEU A CD1 1 
ATOM   165 C CD2 . LEU A 1 19  ? -5.333  -4.142  4.383   1.00 22.89  ? 19  LEU A CD2 1 
ATOM   166 N N   . LEU A 1 20  ? -8.621  -8.319  3.965   1.00 27.43  ? 20  LEU A N   1 
ATOM   167 C CA  . LEU A 1 20  ? -10.029 -8.661  3.790   1.00 29.95  ? 20  LEU A CA  1 
ATOM   168 C C   . LEU A 1 20  ? -10.694 -9.144  5.087   1.00 33.72  ? 20  LEU A C   1 
ATOM   169 O O   . LEU A 1 20  ? -11.919 -9.235  5.174   1.00 33.86  ? 20  LEU A O   1 
ATOM   170 C CB  . LEU A 1 20  ? -10.199 -9.682  2.652   1.00 31.82  ? 20  LEU A CB  1 
ATOM   171 C CG  . LEU A 1 20  ? -9.931  -9.170  1.227   1.00 27.31  ? 20  LEU A CG  1 
ATOM   172 C CD1 . LEU A 1 20  ? -10.062 -10.310 0.234   1.00 24.48  ? 20  LEU A CD1 1 
ATOM   173 C CD2 . LEU A 1 20  ? -10.901 -8.047  0.875   1.00 23.27  ? 20  LEU A CD2 1 
ATOM   174 N N   . ALA A 1 21  ? -9.878  -9.401  6.105   1.00 34.47  ? 21  ALA A N   1 
ATOM   175 C CA  . ALA A 1 21  ? -10.367 -9.848  7.408   1.00 34.12  ? 21  ALA A CA  1 
ATOM   176 C C   . ALA A 1 21  ? -11.285 -8.799  8.043   1.00 35.31  ? 21  ALA A C   1 
ATOM   177 O O   . ALA A 1 21  ? -11.242 -7.618  7.680   1.00 34.00  ? 21  ALA A O   1 
ATOM   178 C CB  . ALA A 1 21  ? -9.193  -10.131 8.331   1.00 33.44  ? 21  ALA A CB  1 
ATOM   179 N N   . PRO A 1 22  ? -12.150 -9.225  8.985   1.00 32.50  ? 22  PRO A N   1 
ATOM   180 C CA  . PRO A 1 22  ? -13.075 -8.313  9.666   1.00 30.83  ? 22  PRO A CA  1 
ATOM   181 C C   . PRO A 1 22  ? -12.302 -7.266  10.470  1.00 31.10  ? 22  PRO A C   1 
ATOM   182 O O   . PRO A 1 22  ? -11.228 -7.544  10.997  1.00 35.25  ? 22  PRO A O   1 
ATOM   183 C CB  . PRO A 1 22  ? -13.856 -9.253  10.586  1.00 32.44  ? 22  PRO A CB  1 
ATOM   184 C CG  . PRO A 1 22  ? -13.807 -10.566 9.862   1.00 31.24  ? 22  PRO A CG  1 
ATOM   185 C CD  . PRO A 1 22  ? -12.385 -10.616 9.410   1.00 29.98  ? 22  PRO A CD  1 
ATOM   186 N N   . GLY A 1 23  ? -12.846 -6.061  10.565  1.00 30.08  ? 23  GLY A N   1 
ATOM   187 C CA  . GLY A 1 23  ? -12.159 -5.024  11.309  1.00 30.92  ? 23  GLY A CA  1 
ATOM   188 C C   . GLY A 1 23  ? -11.575 -3.967  10.396  1.00 33.40  ? 23  GLY A C   1 
ATOM   189 O O   . GLY A 1 23  ? -11.378 -2.826  10.809  1.00 36.56  ? 23  GLY A O   1 
ATOM   190 N N   . ASN A 1 24  ? -11.279 -4.353  9.159   1.00 35.50  ? 24  ASN A N   1 
ATOM   191 C CA  . ASN A 1 24  ? -10.727 -3.427  8.174   1.00 32.49  ? 24  ASN A CA  1 
ATOM   192 C C   . ASN A 1 24  ? -11.821 -3.007  7.211   1.00 31.89  ? 24  ASN A C   1 
ATOM   193 O O   . ASN A 1 24  ? -12.786 -3.743  7.007   1.00 35.76  ? 24  ASN A O   1 
ATOM   194 C CB  . ASN A 1 24  ? -9.592  -4.087  7.392   1.00 31.13  ? 24  ASN A CB  1 
ATOM   195 C CG  . ASN A 1 24  ? -8.374  -4.349  8.241   1.00 30.84  ? 24  ASN A CG  1 
ATOM   196 O OD1 . ASN A 1 24  ? -7.847  -3.445  8.891   1.00 35.98  ? 24  ASN A OD1 1 
ATOM   197 N ND2 . ASN A 1 24  ? -7.907  -5.591  8.232   1.00 33.95  ? 24  ASN A ND2 1 
ATOM   198 N N   . THR A 1 25  ? -11.670 -1.826  6.621   1.00 31.64  ? 25  THR A N   1 
ATOM   199 C CA  . THR A 1 25  ? -12.646 -1.313  5.669   1.00 33.53  ? 25  THR A CA  1 
ATOM   200 C C   . THR A 1 25  ? -12.004 -0.661  4.439   1.00 37.00  ? 25  THR A C   1 
ATOM   201 O O   . THR A 1 25  ? -10.825 -0.874  4.139   1.00 37.47  ? 25  THR A O   1 
ATOM   202 C CB  . THR A 1 25  ? -13.587 -0.294  6.327   1.00 34.23  ? 25  THR A CB  1 
ATOM   203 O OG1 . THR A 1 25  ? -12.815 0.622   7.103   1.00 35.71  ? 25  THR A OG1 1 
ATOM   204 C CG2 . THR A 1 25  ? -14.609 -0.989  7.213   1.00 42.37  ? 25  THR A CG2 1 
ATOM   205 N N   . HIS A 1 26  ? -12.802 0.130   3.730   1.00 38.74  ? 26  HIS A N   1 
ATOM   206 C CA  . HIS A 1 26  ? -12.370 0.830   2.535   1.00 35.20  ? 26  HIS A CA  1 
ATOM   207 C C   . HIS A 1 26  ? -11.188 1.737   2.843   1.00 32.07  ? 26  HIS A C   1 
ATOM   208 O O   . HIS A 1 26  ? -11.257 2.567   3.751   1.00 36.79  ? 26  HIS A O   1 
ATOM   209 C CB  . HIS A 1 26  ? -13.531 1.673   2.010   1.00 40.88  ? 26  HIS A CB  1 
ATOM   210 C CG  . HIS A 1 26  ? -13.383 2.085   0.580   1.00 49.61  ? 26  HIS A CG  1 
ATOM   211 N ND1 . HIS A 1 26  ? -13.305 3.404   0.189   1.00 52.35  ? 26  HIS A ND1 1 
ATOM   212 C CD2 . HIS A 1 26  ? -13.329 1.351   -0.553  1.00 51.72  ? 26  HIS A CD2 1 
ATOM   213 C CE1 . HIS A 1 26  ? -13.213 3.466   -1.127  1.00 53.18  ? 26  HIS A CE1 1 
ATOM   214 N NE2 . HIS A 1 26  ? -13.225 2.232   -1.601  1.00 55.93  ? 26  HIS A NE2 1 
ATOM   215 N N   . GLY A 1 27  ? -10.095 1.566   2.105   1.00 23.45  ? 27  GLY A N   1 
ATOM   216 C CA  . GLY A 1 27  ? -8.938  2.411   2.321   1.00 18.74  ? 27  GLY A CA  1 
ATOM   217 C C   . GLY A 1 27  ? -7.882  1.851   3.244   1.00 21.58  ? 27  GLY A C   1 
ATOM   218 O O   . GLY A 1 27  ? -6.841  2.476   3.424   1.00 21.62  ? 27  GLY A O   1 
ATOM   219 N N   . SER A 1 28  ? -8.154  0.707   3.871   1.00 21.95  ? 28  SER A N   1 
ATOM   220 C CA  . SER A 1 28  ? -7.170  0.095   4.759   1.00 21.52  ? 28  SER A CA  1 
ATOM   221 C C   . SER A 1 28  ? -6.024  -0.335  3.874   1.00 20.11  ? 28  SER A C   1 
ATOM   222 O O   . SER A 1 28  ? -6.241  -0.771  2.747   1.00 21.18  ? 28  SER A O   1 
ATOM   223 C CB  . SER A 1 28  ? -7.752  -1.108  5.512   1.00 23.09  ? 28  SER A CB  1 
ATOM   224 O OG  . SER A 1 28  ? -8.557  -0.681  6.602   1.00 26.92  ? 28  SER A OG  1 
ATOM   225 N N   . PHE A 1 29  ? -4.810  -0.267  4.397   1.00 19.00  ? 29  PHE A N   1 
ATOM   226 C CA  . PHE A 1 29  ? -3.656  -0.592  3.591   1.00 17.74  ? 29  PHE A CA  1 
ATOM   227 C C   . PHE A 1 29  ? -2.489  -1.103  4.396   1.00 15.88  ? 29  PHE A C   1 
ATOM   228 O O   . PHE A 1 29  ? -2.455  -0.997  5.612   1.00 20.87  ? 29  PHE A O   1 
ATOM   229 C CB  . PHE A 1 29  ? -3.201  0.688   2.869   1.00 19.77  ? 29  PHE A CB  1 
ATOM   230 C CG  . PHE A 1 29  ? -2.670  1.761   3.808   1.00 15.32  ? 29  PHE A CG  1 
ATOM   231 C CD1 . PHE A 1 29  ? -1.300  1.925   3.998   1.00 14.77  ? 29  PHE A CD1 1 
ATOM   232 C CD2 . PHE A 1 29  ? -3.537  2.565   4.536   1.00 13.86  ? 29  PHE A CD2 1 
ATOM   233 C CE1 . PHE A 1 29  ? -0.810  2.866   4.902   1.00 14.28  ? 29  PHE A CE1 1 
ATOM   234 C CE2 . PHE A 1 29  ? -3.055  3.507   5.441   1.00 11.96  ? 29  PHE A CE2 1 
ATOM   235 C CZ  . PHE A 1 29  ? -1.691  3.658   5.625   1.00 11.12  ? 29  PHE A CZ  1 
ATOM   236 N N   . LEU A 1 30  ? -1.486  -1.576  3.679   1.00 17.97  ? 30  LEU A N   1 
ATOM   237 C CA  . LEU A 1 30  ? -0.261  -2.051  4.290   1.00 22.06  ? 30  LEU A CA  1 
ATOM   238 C C   . LEU A 1 30  ? 0.816   -2.024  3.225   1.00 22.40  ? 30  LEU A C   1 
ATOM   239 O O   . LEU A 1 30  ? 0.522   -2.055  2.031   1.00 22.21  ? 30  LEU A O   1 
ATOM   240 C CB  . LEU A 1 30  ? -0.423  -3.471  4.860   1.00 17.73  ? 30  LEU A CB  1 
ATOM   241 C CG  . LEU A 1 30  ? -0.701  -4.662  3.937   1.00 19.45  ? 30  LEU A CG  1 
ATOM   242 C CD1 . LEU A 1 30  ? 0.586   -5.206  3.347   1.00 21.52  ? 30  LEU A CD1 1 
ATOM   243 C CD2 . LEU A 1 30  ? -1.376  -5.747  4.739   1.00 20.58  ? 30  LEU A CD2 1 
ATOM   244 N N   . ILE A 1 31  ? 2.058   -1.896  3.663   1.00 23.14  ? 31  ILE A N   1 
ATOM   245 C CA  . ILE A 1 31  ? 3.176   -1.901  2.751   1.00 25.35  ? 31  ILE A CA  1 
ATOM   246 C C   . ILE A 1 31  ? 4.023   -3.115  3.109   1.00 26.24  ? 31  ILE A C   1 
ATOM   247 O O   . ILE A 1 31  ? 4.333   -3.349  4.273   1.00 22.84  ? 31  ILE A O   1 
ATOM   248 C CB  . ILE A 1 31  ? 3.956   -0.568  2.796   1.00 26.16  ? 31  ILE A CB  1 
ATOM   249 C CG1 . ILE A 1 31  ? 3.143   0.512   2.066   1.00 22.94  ? 31  ILE A CG1 1 
ATOM   250 C CG2 . ILE A 1 31  ? 5.331   -0.725  2.157   1.00 29.74  ? 31  ILE A CG2 1 
ATOM   251 C CD1 . ILE A 1 31  ? 3.780   1.873   2.051   1.00 22.18  ? 31  ILE A CD1 1 
ATOM   252 N N   . ARG A 1 32  ? 4.305   -3.927  2.095   1.00 27.08  ? 32  ARG A N   1 
ATOM   253 C CA  . ARG A 1 32  ? 5.078   -5.156  2.239   1.00 29.97  ? 32  ARG A CA  1 
ATOM   254 C C   . ARG A 1 32  ? 6.198   -5.199  1.202   1.00 33.54  ? 32  ARG A C   1 
ATOM   255 O O   . ARG A 1 32  ? 6.288   -4.328  0.344   1.00 37.83  ? 32  ARG A O   1 
ATOM   256 C CB  . ARG A 1 32  ? 4.149   -6.344  1.996   1.00 25.90  ? 32  ARG A CB  1 
ATOM   257 C CG  . ARG A 1 32  ? 3.433   -6.250  0.658   1.00 27.69  ? 32  ARG A CG  1 
ATOM   258 C CD  . ARG A 1 32  ? 2.367   -7.302  0.467   1.00 26.08  ? 32  ARG A CD  1 
ATOM   259 N NE  . ARG A 1 32  ? 1.671   -7.119  -0.805  1.00 25.72  ? 32  ARG A NE  1 
ATOM   260 C CZ  . ARG A 1 32  ? 2.035   -7.694  -1.948  1.00 27.41  ? 32  ARG A CZ  1 
ATOM   261 N NH1 . ARG A 1 32  ? 3.088   -8.495  -1.989  1.00 27.21  ? 32  ARG A NH1 1 
ATOM   262 N NH2 . ARG A 1 32  ? 1.337   -7.472  -3.050  1.00 24.35  ? 32  ARG A NH2 1 
ATOM   263 N N   . GLU A 1 33  ? 7.056   -6.213  1.287   1.00 36.88  ? 33  GLU A N   1 
ATOM   264 C CA  . GLU A 1 33  ? 8.129   -6.377  0.313   1.00 38.14  ? 33  GLU A CA  1 
ATOM   265 C C   . GLU A 1 33  ? 7.520   -7.028  -0.928  1.00 37.11  ? 33  GLU A C   1 
ATOM   266 O O   . GLU A 1 33  ? 6.537   -7.765  -0.834  1.00 40.46  ? 33  GLU A O   1 
ATOM   267 C CB  . GLU A 1 33  ? 9.243   -7.274  0.865   1.00 42.85  ? 33  GLU A CB  1 
ATOM   268 C CG  . GLU A 1 33  ? 10.049  -6.677  2.015   1.00 52.60  ? 33  GLU A CG  1 
ATOM   269 C CD  . GLU A 1 33  ? 11.277  -7.517  2.372   1.00 56.67  ? 33  GLU A CD  1 
ATOM   270 O OE1 . GLU A 1 33  ? 12.227  -7.567  1.557   1.00 62.99  ? 33  GLU A OE1 1 
ATOM   271 O OE2 . GLU A 1 33  ? 11.302  -8.122  3.468   1.00 57.13  ? 33  GLU A OE2 1 
ATOM   272 N N   . SER A 1 34  ? 8.085   -6.738  -2.091  1.00 38.62  ? 34  SER A N   1 
ATOM   273 C CA  . SER A 1 34  ? 7.593   -7.317  -3.338  1.00 44.41  ? 34  SER A CA  1 
ATOM   274 C C   . SER A 1 34  ? 8.077   -8.764  -3.466  1.00 47.57  ? 34  SER A C   1 
ATOM   275 O O   . SER A 1 34  ? 9.119   -9.125  -2.919  1.00 50.98  ? 34  SER A O   1 
ATOM   276 C CB  . SER A 1 34  ? 8.085   -6.487  -4.533  1.00 42.25  ? 34  SER A CB  1 
ATOM   277 O OG  . SER A 1 34  ? 7.598   -6.995  -5.769  1.00 40.17  ? 34  SER A OG  1 
ATOM   278 N N   . GLU A 1 35  ? 7.299   -9.601  -4.144  1.00 50.48  ? 35  GLU A N   1 
ATOM   279 C CA  . GLU A 1 35  ? 7.688   -10.994 -4.348  1.00 53.46  ? 35  GLU A CA  1 
ATOM   280 C C   . GLU A 1 35  ? 8.462   -11.110 -5.664  1.00 54.74  ? 35  GLU A C   1 
ATOM   281 O O   . GLU A 1 35  ? 9.357   -11.948 -5.806  1.00 54.32  ? 35  GLU A O   1 
ATOM   282 C CB  . GLU A 1 35  ? 6.456   -11.899 -4.391  1.00 52.82  ? 35  GLU A CB  1 
ATOM   283 C CG  . GLU A 1 35  ? 5.633   -11.905 -3.117  1.00 55.15  ? 35  GLU A CG  1 
ATOM   284 C CD  . GLU A 1 35  ? 4.536   -12.965 -3.129  1.00 58.02  ? 35  GLU A CD  1 
ATOM   285 O OE1 . GLU A 1 35  ? 4.157   -13.437 -2.038  1.00 58.16  ? 35  GLU A OE1 1 
ATOM   286 O OE2 . GLU A 1 35  ? 4.053   -13.333 -4.224  1.00 55.21  ? 35  GLU A OE2 1 
ATOM   287 N N   . SER A 1 36  ? 8.113   -10.241 -6.610  1.00 57.17  ? 36  SER A N   1 
ATOM   288 C CA  . SER A 1 36  ? 8.740   -10.210 -7.924  1.00 59.40  ? 36  SER A CA  1 
ATOM   289 C C   . SER A 1 36  ? 10.162  -9.666  -7.875  1.00 59.77  ? 36  SER A C   1 
ATOM   290 O O   . SER A 1 36  ? 11.072  -10.233 -8.483  1.00 61.02  ? 36  SER A O   1 
ATOM   291 C CB  . SER A 1 36  ? 7.908   -9.355  -8.890  1.00 62.01  ? 36  SER A CB  1 
ATOM   292 O OG  . SER A 1 36  ? 6.603   -9.882  -9.066  1.00 63.49  ? 36  SER A OG  1 
ATOM   293 N N   . THR A 1 37  ? 10.344  -8.572  -7.142  1.00 61.72  ? 37  THR A N   1 
ATOM   294 C CA  . THR A 1 37  ? 11.647  -7.924  -7.024  1.00 63.26  ? 37  THR A CA  1 
ATOM   295 C C   . THR A 1 37  ? 12.108  -7.817  -5.579  1.00 65.48  ? 37  THR A C   1 
ATOM   296 O O   . THR A 1 37  ? 11.459  -7.157  -4.766  1.00 68.17  ? 37  THR A O   1 
ATOM   297 C CB  . THR A 1 37  ? 11.597  -6.485  -7.574  1.00 60.93  ? 37  THR A CB  1 
ATOM   298 O OG1 . THR A 1 37  ? 10.869  -6.460  -8.806  1.00 60.33  ? 37  THR A OG1 1 
ATOM   299 C CG2 . THR A 1 37  ? 13.005  -5.949  -7.794  1.00 57.69  ? 37  THR A CG2 1 
ATOM   300 N N   . ALA A 1 38  ? 13.236  -8.442  -5.258  1.00 66.54  ? 38  ALA A N   1 
ATOM   301 C CA  . ALA A 1 38  ? 13.767  -8.362  -3.902  1.00 67.58  ? 38  ALA A CA  1 
ATOM   302 C C   . ALA A 1 38  ? 14.318  -6.949  -3.668  1.00 66.59  ? 38  ALA A C   1 
ATOM   303 O O   . ALA A 1 38  ? 15.002  -6.391  -4.531  1.00 67.06  ? 38  ALA A O   1 
ATOM   304 C CB  . ALA A 1 38  ? 14.856  -9.405  -3.697  1.00 68.20  ? 38  ALA A CB  1 
ATOM   305 N N   . GLY A 1 39  ? 13.971  -6.353  -2.531  1.00 65.33  ? 39  GLY A N   1 
ATOM   306 C CA  . GLY A 1 39  ? 14.443  -5.012  -2.229  1.00 61.88  ? 39  GLY A CA  1 
ATOM   307 C C   . GLY A 1 39  ? 13.426  -3.911  -2.501  1.00 58.97  ? 39  GLY A C   1 
ATOM   308 O O   . GLY A 1 39  ? 13.630  -2.761  -2.105  1.00 57.46  ? 39  GLY A O   1 
ATOM   309 N N   . SER A 1 40  ? 12.348  -4.248  -3.207  1.00 53.96  ? 40  SER A N   1 
ATOM   310 C CA  . SER A 1 40  ? 11.298  -3.280  -3.505  1.00 49.95  ? 40  SER A CA  1 
ATOM   311 C C   . SER A 1 40  ? 10.088  -3.549  -2.623  1.00 46.06  ? 40  SER A C   1 
ATOM   312 O O   . SER A 1 40  ? 10.029  -4.560  -1.926  1.00 46.92  ? 40  SER A O   1 
ATOM   313 C CB  . SER A 1 40  ? 10.892  -3.344  -4.974  1.00 49.39  ? 40  SER A CB  1 
ATOM   314 O OG  . SER A 1 40  ? 11.950  -2.910  -5.803  1.00 53.88  ? 40  SER A OG  1 
ATOM   315 N N   . PHE A 1 41  ? 9.119   -2.644  -2.661  1.00 42.27  ? 41  PHE A N   1 
ATOM   316 C CA  . PHE A 1 41  ? 7.923   -2.795  -1.848  1.00 36.03  ? 41  PHE A CA  1 
ATOM   317 C C   . PHE A 1 41  ? 6.650   -2.724  -2.677  1.00 34.79  ? 41  PHE A C   1 
ATOM   318 O O   . PHE A 1 41  ? 6.679   -2.402  -3.865  1.00 36.60  ? 41  PHE A O   1 
ATOM   319 C CB  . PHE A 1 41  ? 7.898   -1.722  -0.758  1.00 32.26  ? 41  PHE A CB  1 
ATOM   320 C CG  . PHE A 1 41  ? 9.126   -1.712  0.105   1.00 36.21  ? 41  PHE A CG  1 
ATOM   321 C CD1 . PHE A 1 41  ? 10.098  -0.727  -0.057  1.00 38.44  ? 41  PHE A CD1 1 
ATOM   322 C CD2 . PHE A 1 41  ? 9.322   -2.692  1.073   1.00 37.46  ? 41  PHE A CD2 1 
ATOM   323 C CE1 . PHE A 1 41  ? 11.251  -0.718  0.735   1.00 33.32  ? 41  PHE A CE1 1 
ATOM   324 C CE2 . PHE A 1 41  ? 10.470  -2.692  1.869   1.00 36.34  ? 41  PHE A CE2 1 
ATOM   325 C CZ  . PHE A 1 41  ? 11.435  -1.702  1.697   1.00 36.86  ? 41  PHE A CZ  1 
ATOM   326 N N   . CYS A 1 42  ? 5.537   -3.077  -2.048  1.00 33.16  ? 42  CYS A N   1 
ATOM   327 C CA  . CYS A 1 42  ? 4.235   -3.031  -2.689  1.00 30.82  ? 42  CYS A CA  1 
ATOM   328 C C   . CYS A 1 42  ? 3.261   -2.402  -1.717  1.00 29.07  ? 42  CYS A C   1 
ATOM   329 O O   . CYS A 1 42  ? 3.418   -2.510  -0.504  1.00 29.03  ? 42  CYS A O   1 
ATOM   330 C CB  . CYS A 1 42  ? 3.745   -4.431  -3.063  1.00 30.49  ? 42  CYS A CB  1 
ATOM   331 S SG  . CYS A 1 42  ? 4.517   -5.140  -4.521  1.00 35.75  ? 42  CYS A SG  1 
ATOM   332 N N   . LEU A 1 43  ? 2.279   -1.702  -2.263  1.00 27.55  ? 43  LEU A N   1 
ATOM   333 C CA  . LEU A 1 43  ? 1.256   -1.064  -1.462  1.00 23.91  ? 43  LEU A CA  1 
ATOM   334 C C   . LEU A 1 43  ? -0.026  -1.822  -1.741  1.00 27.41  ? 43  LEU A C   1 
ATOM   335 O O   . LEU A 1 43  ? -0.473  -1.892  -2.886  1.00 27.65  ? 43  LEU A O   1 
ATOM   336 C CB  . LEU A 1 43  ? 1.093   0.399   -1.874  1.00 23.86  ? 43  LEU A CB  1 
ATOM   337 C CG  . LEU A 1 43  ? -0.122  1.146   -1.326  1.00 24.77  ? 43  LEU A CG  1 
ATOM   338 C CD1 . LEU A 1 43  ? 0.038   1.385   0.159   1.00 25.53  ? 43  LEU A CD1 1 
ATOM   339 C CD2 . LEU A 1 43  ? -0.266  2.460   -2.058  1.00 24.70  ? 43  LEU A CD2 1 
ATOM   340 N N   . SER A 1 44  ? -0.573  -2.459  -0.709  1.00 27.08  ? 44  SER A N   1 
ATOM   341 C CA  . SER A 1 44  ? -1.818  -3.195  -0.860  1.00 20.92  ? 44  SER A CA  1 
ATOM   342 C C   . SER A 1 44  ? -2.907  -2.386  -0.179  1.00 22.79  ? 44  SER A C   1 
ATOM   343 O O   . SER A 1 44  ? -2.794  -2.030  0.990   1.00 24.75  ? 44  SER A O   1 
ATOM   344 C CB  . SER A 1 44  ? -1.694  -4.583  -0.255  1.00 22.56  ? 44  SER A CB  1 
ATOM   345 O OG  . SER A 1 44  ? -0.623  -5.291  -0.857  1.00 23.15  ? 44  SER A OG  1 
ATOM   346 N N   . VAL A 1 45  ? -3.946  -2.056  -0.933  1.00 25.43  ? 45  VAL A N   1 
ATOM   347 C CA  . VAL A 1 45  ? -5.038  -1.251  -0.412  1.00 26.48  ? 45  VAL A CA  1 
ATOM   348 C C   . VAL A 1 45  ? -6.383  -1.917  -0.680  1.00 27.69  ? 45  VAL A C   1 
ATOM   349 O O   . VAL A 1 45  ? -6.588  -2.533  -1.725  1.00 28.86  ? 45  VAL A O   1 
ATOM   350 C CB  . VAL A 1 45  ? -4.993  0.194   -1.023  1.00 26.98  ? 45  VAL A CB  1 
ATOM   351 C CG1 . VAL A 1 45  ? -5.058  0.136   -2.528  1.00 23.72  ? 45  VAL A CG1 1 
ATOM   352 C CG2 . VAL A 1 45  ? -6.114  1.062   -0.478  1.00 25.37  ? 45  VAL A CG2 1 
ATOM   353 N N   . ARG A 1 46  ? -7.274  -1.843  0.300   1.00 28.79  ? 46  ARG A N   1 
ATOM   354 C CA  . ARG A 1 46  ? -8.601  -2.423  0.173   1.00 31.32  ? 46  ARG A CA  1 
ATOM   355 C C   . ARG A 1 46  ? -9.534  -1.397  -0.459  1.00 32.83  ? 46  ARG A C   1 
ATOM   356 O O   . ARG A 1 46  ? -9.718  -0.305  0.069   1.00 29.75  ? 46  ARG A O   1 
ATOM   357 C CB  . ARG A 1 46  ? -9.117  -2.871  1.546   1.00 34.13  ? 46  ARG A CB  1 
ATOM   358 C CG  . ARG A 1 46  ? -10.563 -3.335  1.564   1.00 32.77  ? 46  ARG A CG  1 
ATOM   359 C CD  . ARG A 1 46  ? -10.801 -4.236  2.748   1.00 34.41  ? 46  ARG A CD  1 
ATOM   360 N NE  . ARG A 1 46  ? -12.205 -4.295  3.131   1.00 33.53  ? 46  ARG A NE  1 
ATOM   361 C CZ  . ARG A 1 46  ? -12.677 -5.068  4.102   1.00 34.60  ? 46  ARG A CZ  1 
ATOM   362 N NH1 . ARG A 1 46  ? -11.860 -5.858  4.784   1.00 37.54  ? 46  ARG A NH1 1 
ATOM   363 N NH2 . ARG A 1 46  ? -13.958 -5.015  4.432   1.00 42.82  ? 46  ARG A NH2 1 
ATOM   364 N N   . ASP A 1 47  ? -10.099 -1.756  -1.607  1.00 38.46  ? 47  ASP A N   1 
ATOM   365 C CA  . ASP A 1 47  ? -11.000 -0.874  -2.340  1.00 46.44  ? 47  ASP A CA  1 
ATOM   366 C C   . ASP A 1 47  ? -12.346 -1.559  -2.599  1.00 52.86  ? 47  ASP A C   1 
ATOM   367 O O   . ASP A 1 47  ? -12.431 -2.785  -2.681  1.00 51.36  ? 47  ASP A O   1 
ATOM   368 C CB  . ASP A 1 47  ? -10.338 -0.457  -3.667  1.00 44.83  ? 47  ASP A CB  1 
ATOM   369 C CG  . ASP A 1 47  ? -11.101 0.644   -4.405  1.00 43.84  ? 47  ASP A CG  1 
ATOM   370 O OD1 . ASP A 1 47  ? -11.519 1.636   -3.775  1.00 42.29  ? 47  ASP A OD1 1 
ATOM   371 O OD2 . ASP A 1 47  ? -11.265 0.524   -5.634  1.00 45.90  ? 47  ASP A OD2 1 
ATOM   372 N N   . PHE A 1 48  ? -13.397 -0.753  -2.698  1.00 61.55  ? 48  PHE A N   1 
ATOM   373 C CA  . PHE A 1 48  ? -14.743 -1.247  -2.956  1.00 70.65  ? 48  PHE A CA  1 
ATOM   374 C C   . PHE A 1 48  ? -14.962 -1.286  -4.468  1.00 75.56  ? 48  PHE A C   1 
ATOM   375 O O   . PHE A 1 48  ? -14.976 -0.243  -5.122  1.00 77.37  ? 48  PHE A O   1 
ATOM   376 C CB  . PHE A 1 48  ? -15.768 -0.330  -2.274  1.00 73.10  ? 48  PHE A CB  1 
ATOM   377 C CG  . PHE A 1 48  ? -17.174 -0.499  -2.777  1.00 81.04  ? 48  PHE A CG  1 
ATOM   378 C CD1 . PHE A 1 48  ? -17.816 -1.734  -2.705  1.00 82.84  ? 48  PHE A CD1 1 
ATOM   379 C CD2 . PHE A 1 48  ? -17.856 0.580   -3.342  1.00 83.41  ? 48  PHE A CD2 1 
ATOM   380 C CE1 . PHE A 1 48  ? -19.122 -1.892  -3.191  1.00 84.33  ? 48  PHE A CE1 1 
ATOM   381 C CE2 . PHE A 1 48  ? -19.161 0.433   -3.831  1.00 83.44  ? 48  PHE A CE2 1 
ATOM   382 C CZ  . PHE A 1 48  ? -19.793 -0.804  -3.755  1.00 82.87  ? 48  PHE A CZ  1 
ATOM   383 N N   . ASP A 1 49  ? -15.113 -2.488  -5.021  1.00 81.75  ? 49  ASP A N   1 
ATOM   384 C CA  . ASP A 1 49  ? -15.329 -2.654  -6.459  1.00 88.86  ? 49  ASP A CA  1 
ATOM   385 C C   . ASP A 1 49  ? -16.812 -2.803  -6.830  1.00 93.69  ? 49  ASP A C   1 
ATOM   386 O O   . ASP A 1 49  ? -17.660 -3.070  -5.970  1.00 94.36  ? 49  ASP A O   1 
ATOM   387 C CB  . ASP A 1 49  ? -14.527 -3.846  -6.992  1.00 89.12  ? 49  ASP A CB  1 
ATOM   388 C CG  . ASP A 1 49  ? -14.514 -3.908  -8.507  1.00 90.41  ? 49  ASP A CG  1 
ATOM   389 O OD1 . ASP A 1 49  ? -15.169 -4.807  -9.077  1.00 88.23  ? 49  ASP A OD1 1 
ATOM   390 O OD2 . ASP A 1 49  ? -13.867 -3.041  -9.129  1.00 92.09  ? 49  ASP A OD2 1 
ATOM   391 N N   . GLN A 1 50  ? -17.108 -2.644  -8.120  1.00 96.49  ? 50  GLN A N   1 
ATOM   392 C CA  . GLN A 1 50  ? -18.472 -2.735  -8.636  1.00 98.43  ? 50  GLN A CA  1 
ATOM   393 C C   . GLN A 1 50  ? -19.037 -4.160  -8.722  1.00 98.05  ? 50  GLN A C   1 
ATOM   394 O O   . GLN A 1 50  ? -20.166 -4.402  -8.292  1.00 97.42  ? 50  GLN A O   1 
ATOM   395 C CB  . GLN A 1 50  ? -18.562 -2.028  -9.997  1.00 99.02  ? 50  GLN A CB  1 
ATOM   396 C CG  . GLN A 1 50  ? -19.974 -1.884  -10.567 1.00 99.45  ? 50  GLN A CG  1 
ATOM   397 C CD  . GLN A 1 50  ? -20.277 -2.880  -11.682 1.00 100.00 ? 50  GLN A CD  1 
ATOM   398 O OE1 . GLN A 1 50  ? -19.505 -3.807  -11.937 1.00 100.00 ? 50  GLN A OE1 1 
ATOM   399 N NE2 . GLN A 1 50  ? -21.404 -2.681  -12.359 1.00 100.00 ? 50  GLN A NE2 1 
ATOM   400 N N   . ASN A 1 51  ? -18.261 -5.099  -9.265  1.00 97.94  ? 51  ASN A N   1 
ATOM   401 C CA  . ASN A 1 51  ? -18.726 -6.481  -9.396  1.00 98.16  ? 51  ASN A CA  1 
ATOM   402 C C   . ASN A 1 51  ? -18.822 -7.192  -8.041  1.00 98.66  ? 51  ASN A C   1 
ATOM   403 O O   . ASN A 1 51  ? -19.792 -6.996  -7.306  1.00 100.00 ? 51  ASN A O   1 
ATOM   404 C CB  . ASN A 1 51  ? -17.830 -7.269  -10.364 1.00 99.89  ? 51  ASN A CB  1 
ATOM   405 C CG  . ASN A 1 51  ? -18.342 -8.685  -10.623 1.00 100.00 ? 51  ASN A CG  1 
ATOM   406 O OD1 . ASN A 1 51  ? -19.525 -8.890  -10.908 1.00 100.00 ? 51  ASN A OD1 1 
ATOM   407 N ND2 . ASN A 1 51  ? -17.450 -9.666  -10.520 1.00 98.16  ? 51  ASN A ND2 1 
ATOM   408 N N   . GLN A 1 52  ? -17.821 -8.012  -7.718  1.00 97.41  ? 52  GLN A N   1 
ATOM   409 C CA  . GLN A 1 52  ? -17.790 -8.756  -6.458  1.00 94.44  ? 52  GLN A CA  1 
ATOM   410 C C   . GLN A 1 52  ? -17.735 -7.835  -5.239  1.00 92.28  ? 52  GLN A C   1 
ATOM   411 O O   . GLN A 1 52  ? -18.114 -8.235  -4.137  1.00 94.45  ? 52  GLN A O   1 
ATOM   412 C CB  . GLN A 1 52  ? -16.608 -9.740  -6.435  1.00 94.02  ? 52  GLN A CB  1 
ATOM   413 C CG  . GLN A 1 52  ? -15.220 -9.099  -6.428  1.00 91.28  ? 52  GLN A CG  1 
ATOM   414 C CD  . GLN A 1 52  ? -14.935 -8.285  -7.681  1.00 90.46  ? 52  GLN A CD  1 
ATOM   415 O OE1 . GLN A 1 52  ? -15.138 -7.070  -7.703  1.00 86.53  ? 52  GLN A OE1 1 
ATOM   416 N NE2 . GLN A 1 52  ? -14.486 -8.958  -8.737  1.00 87.85  ? 52  GLN A NE2 1 
ATOM   417 N N   . GLY A 1 53  ? -17.274 -6.602  -5.444  1.00 86.99  ? 53  GLY A N   1 
ATOM   418 C CA  . GLY A 1 53  ? -17.191 -5.654  -4.348  1.00 79.20  ? 53  GLY A CA  1 
ATOM   419 C C   . GLY A 1 53  ? -15.824 -5.613  -3.698  1.00 74.22  ? 53  GLY A C   1 
ATOM   420 O O   . GLY A 1 53  ? -14.841 -5.242  -4.338  1.00 75.41  ? 53  GLY A O   1 
ATOM   421 N N   . GLU A 1 54  ? -15.758 -6.025  -2.435  1.00 66.18  ? 54  GLU A N   1 
ATOM   422 C CA  . GLU A 1 54  ? -14.512 -6.026  -1.677  1.00 57.93  ? 54  GLU A CA  1 
ATOM   423 C C   . GLU A 1 54  ? -13.341 -6.741  -2.359  1.00 52.05  ? 54  GLU A C   1 
ATOM   424 O O   . GLU A 1 54  ? -13.346 -7.963  -2.507  1.00 50.04  ? 54  GLU A O   1 
ATOM   425 C CB  . GLU A 1 54  ? -14.746 -6.600  -0.275  1.00 62.46  ? 54  GLU A CB  1 
ATOM   426 C CG  . GLU A 1 54  ? -15.749 -5.814  0.569   1.00 67.13  ? 54  GLU A CG  1 
ATOM   427 C CD  . GLU A 1 54  ? -15.315 -4.377  0.830   1.00 73.80  ? 54  GLU A CD  1 
ATOM   428 O OE1 . GLU A 1 54  ? -14.820 -4.093  1.939   1.00 72.44  ? 54  GLU A OE1 1 
ATOM   429 O OE2 . GLU A 1 54  ? -15.480 -3.523  -0.069  1.00 80.04  ? 54  GLU A OE2 1 
ATOM   430 N N   . VAL A 1 55  ? -12.355 -5.953  -2.791  1.00 44.12  ? 55  VAL A N   1 
ATOM   431 C CA  . VAL A 1 55  ? -11.153 -6.467  -3.450  1.00 38.17  ? 55  VAL A CA  1 
ATOM   432 C C   . VAL A 1 55  ? -9.907  -5.755  -2.938  1.00 31.07  ? 55  VAL A C   1 
ATOM   433 O O   . VAL A 1 55  ? -9.987  -4.667  -2.381  1.00 32.87  ? 55  VAL A O   1 
ATOM   434 C CB  . VAL A 1 55  ? -11.197 -6.286  -4.995  1.00 38.05  ? 55  VAL A CB  1 
ATOM   435 C CG1 . VAL A 1 55  ? -12.330 -7.091  -5.590  1.00 40.67  ? 55  VAL A CG1 1 
ATOM   436 C CG2 . VAL A 1 55  ? -11.325 -4.813  -5.367  1.00 36.45  ? 55  VAL A CG2 1 
ATOM   437 N N   . VAL A 1 56  ? -8.755  -6.386  -3.121  1.00 26.39  ? 56  VAL A N   1 
ATOM   438 C CA  . VAL A 1 56  ? -7.493  -5.799  -2.696  1.00 24.58  ? 56  VAL A CA  1 
ATOM   439 C C   . VAL A 1 56  ? -6.644  -5.515  -3.939  1.00 23.83  ? 56  VAL A C   1 
ATOM   440 O O   . VAL A 1 56  ? -6.438  -6.396  -4.777  1.00 23.70  ? 56  VAL A O   1 
ATOM   441 C CB  . VAL A 1 56  ? -6.736  -6.744  -1.725  1.00 22.50  ? 56  VAL A CB  1 
ATOM   442 C CG1 . VAL A 1 56  ? -5.406  -6.147  -1.314  1.00 18.43  ? 56  VAL A CG1 1 
ATOM   443 C CG2 . VAL A 1 56  ? -7.582  -7.012  -0.499  1.00 23.40  ? 56  VAL A CG2 1 
ATOM   444 N N   . LYS A 1 57  ? -6.185  -4.274  -4.065  1.00 24.00  ? 57  LYS A N   1 
ATOM   445 C CA  . LYS A 1 57  ? -5.365  -3.862  -5.203  1.00 25.25  ? 57  LYS A CA  1 
ATOM   446 C C   . LYS A 1 57  ? -3.916  -3.638  -4.790  1.00 25.55  ? 57  LYS A C   1 
ATOM   447 O O   . LYS A 1 57  ? -3.654  -3.086  -3.726  1.00 28.73  ? 57  LYS A O   1 
ATOM   448 C CB  . LYS A 1 57  ? -5.955  -2.602  -5.837  1.00 21.92  ? 57  LYS A CB  1 
ATOM   449 C CG  . LYS A 1 57  ? -7.351  -2.846  -6.385  1.00 20.90  ? 57  LYS A CG  1 
ATOM   450 C CD  . LYS A 1 57  ? -7.994  -1.600  -6.931  1.00 17.69  ? 57  LYS A CD  1 
ATOM   451 C CE  . LYS A 1 57  ? -9.405  -1.918  -7.373  1.00 19.46  ? 57  LYS A CE  1 
ATOM   452 N NZ  . LYS A 1 57  ? -10.110 -0.682  -7.757  1.00 26.86  ? 57  LYS A NZ  1 
ATOM   453 N N   . HIS A 1 58  ? -2.982  -4.081  -5.633  1.00 26.78  ? 58  HIS A N   1 
ATOM   454 C CA  . HIS A 1 58  ? -1.554  -3.947  -5.352  1.00 25.70  ? 58  HIS A CA  1 
ATOM   455 C C   . HIS A 1 58  ? -0.839  -2.995  -6.308  1.00 30.51  ? 58  HIS A C   1 
ATOM   456 O O   . HIS A 1 58  ? -0.980  -3.099  -7.524  1.00 35.21  ? 58  HIS A O   1 
ATOM   457 C CB  . HIS A 1 58  ? -0.874  -5.309  -5.426  1.00 22.28  ? 58  HIS A CB  1 
ATOM   458 C CG  . HIS A 1 58  ? -1.586  -6.382  -4.669  1.00 29.00  ? 58  HIS A CG  1 
ATOM   459 N ND1 . HIS A 1 58  ? -1.375  -6.612  -3.326  1.00 31.78  ? 58  HIS A ND1 1 
ATOM   460 C CD2 . HIS A 1 58  ? -2.511  -7.287  -5.067  1.00 29.18  ? 58  HIS A CD2 1 
ATOM   461 C CE1 . HIS A 1 58  ? -2.140  -7.615  -2.929  1.00 30.16  ? 58  HIS A CE1 1 
ATOM   462 N NE2 . HIS A 1 58  ? -2.836  -8.042  -3.965  1.00 31.30  ? 58  HIS A NE2 1 
ATOM   463 N N   . TYR A 1 59  ? -0.048  -2.088  -5.745  1.00 28.86  ? 59  TYR A N   1 
ATOM   464 C CA  . TYR A 1 59  ? 0.714   -1.120  -6.519  1.00 27.25  ? 59  TYR A CA  1 
ATOM   465 C C   . TYR A 1 59  ? 2.183   -1.371  -6.260  1.00 30.14  ? 59  TYR A C   1 
ATOM   466 O O   . TYR A 1 59  ? 2.574   -1.652  -5.129  1.00 33.60  ? 59  TYR A O   1 
ATOM   467 C CB  . TYR A 1 59  ? 0.389   0.301   -6.073  1.00 21.06  ? 59  TYR A CB  1 
ATOM   468 C CG  . TYR A 1 59  ? -0.977  0.771   -6.482  1.00 25.54  ? 59  TYR A CG  1 
ATOM   469 C CD1 . TYR A 1 59  ? -2.103  0.489   -5.702  1.00 26.92  ? 59  TYR A CD1 1 
ATOM   470 C CD2 . TYR A 1 59  ? -1.149  1.519   -7.643  1.00 23.78  ? 59  TYR A CD2 1 
ATOM   471 C CE1 . TYR A 1 59  ? -3.372  0.949   -6.081  1.00 27.51  ? 59  TYR A CE1 1 
ATOM   472 C CE2 . TYR A 1 59  ? -2.403  1.981   -8.028  1.00 25.80  ? 59  TYR A CE2 1 
ATOM   473 C CZ  . TYR A 1 59  ? -3.506  1.698   -7.246  1.00 26.12  ? 59  TYR A CZ  1 
ATOM   474 O OH  . TYR A 1 59  ? -4.730  2.180   -7.636  1.00 29.87  ? 59  TYR A OH  1 
ATOM   475 N N   . LYS A 1 60  ? 2.997   -1.302  -7.304  1.00 28.17  ? 60  LYS A N   1 
ATOM   476 C CA  . LYS A 1 60  ? 4.425   -1.499  -7.131  1.00 24.94  ? 60  LYS A CA  1 
ATOM   477 C C   . LYS A 1 60  ? 5.050   -0.181  -6.709  1.00 26.68  ? 60  LYS A C   1 
ATOM   478 O O   . LYS A 1 60  ? 4.677   0.879   -7.210  1.00 27.63  ? 60  LYS A O   1 
ATOM   479 C CB  . LYS A 1 60  ? 5.076   -1.982  -8.429  1.00 25.59  ? 60  LYS A CB  1 
ATOM   480 C CG  . LYS A 1 60  ? 4.686   -3.387  -8.827  1.00 33.18  ? 60  LYS A CG  1 
ATOM   481 C CD  . LYS A 1 60  ? 5.498   -3.887  -10.004 1.00 34.97  ? 60  LYS A CD  1 
ATOM   482 C CE  . LYS A 1 60  ? 5.253   -5.362  -10.218 1.00 37.42  ? 60  LYS A CE  1 
ATOM   483 N NZ  . LYS A 1 60  ? 6.002   -5.900  -11.368 1.00 46.82  ? 60  LYS A NZ  1 
ATOM   484 N N   . ILE A 1 61  ? 5.942   -0.239  -5.729  1.00 26.22  ? 61  ILE A N   1 
ATOM   485 C CA  . ILE A 1 61  ? 6.633   0.957   -5.283  1.00 26.16  ? 61  ILE A CA  1 
ATOM   486 C C   . ILE A 1 61  ? 8.044   0.817   -5.838  1.00 31.06  ? 61  ILE A C   1 
ATOM   487 O O   . ILE A 1 61  ? 8.818   -0.043  -5.410  1.00 30.80  ? 61  ILE A O   1 
ATOM   488 C CB  . ILE A 1 61  ? 6.647   1.091   -3.744  1.00 26.30  ? 61  ILE A CB  1 
ATOM   489 C CG1 . ILE A 1 61  ? 5.213   1.253   -3.224  1.00 23.15  ? 61  ILE A CG1 1 
ATOM   490 C CG2 . ILE A 1 61  ? 7.486   2.293   -3.325  1.00 22.46  ? 61  ILE A CG2 1 
ATOM   491 C CD1 . ILE A 1 61  ? 5.122   1.376   -1.724  1.00 17.81  ? 61  ILE A CD1 1 
ATOM   492 N N   . ARG A 1 62  ? 8.332   1.622   -6.855  1.00 34.09  ? 62  ARG A N   1 
ATOM   493 C CA  . ARG A 1 62  ? 9.623   1.605   -7.524  1.00 34.91  ? 62  ARG A CA  1 
ATOM   494 C C   . ARG A 1 62  ? 10.628  2.530   -6.864  1.00 37.92  ? 62  ARG A C   1 
ATOM   495 O O   . ARG A 1 62  ? 10.282  3.607   -6.379  1.00 40.47  ? 62  ARG A O   1 
ATOM   496 C CB  . ARG A 1 62  ? 9.435   1.933   -9.008  1.00 29.50  ? 62  ARG A CB  1 
ATOM   497 C CG  . ARG A 1 62  ? 8.518   0.923   -9.686  1.00 29.78  ? 62  ARG A CG  1 
ATOM   498 C CD  . ARG A 1 62  ? 8.325   1.151   -11.167 1.00 27.91  ? 62  ARG A CD  1 
ATOM   499 N NE  . ARG A 1 62  ? 8.095   -0.125  -11.842 1.00 25.30  ? 62  ARG A NE  1 
ATOM   500 C CZ  . ARG A 1 62  ? 6.901   -0.645  -12.099 1.00 23.29  ? 62  ARG A CZ  1 
ATOM   501 N NH1 . ARG A 1 62  ? 5.798   -0.005  -11.747 1.00 28.32  ? 62  ARG A NH1 1 
ATOM   502 N NH2 . ARG A 1 62  ? 6.813   -1.824  -12.692 1.00 26.45  ? 62  ARG A NH2 1 
ATOM   503 N N   . ASN A 1 63  ? 11.874  2.078   -6.821  1.00 43.87  ? 63  ASN A N   1 
ATOM   504 C CA  . ASN A 1 63  ? 12.959  2.832   -6.208  1.00 47.88  ? 63  ASN A CA  1 
ATOM   505 C C   . ASN A 1 63  ? 13.597  3.800   -7.185  1.00 49.28  ? 63  ASN A C   1 
ATOM   506 O O   . ASN A 1 63  ? 13.673  3.532   -8.378  1.00 50.34  ? 63  ASN A O   1 
ATOM   507 C CB  . ASN A 1 63  ? 14.026  1.875   -5.681  1.00 50.24  ? 63  ASN A CB  1 
ATOM   508 C CG  . ASN A 1 63  ? 13.454  0.818   -4.758  1.00 57.02  ? 63  ASN A CG  1 
ATOM   509 O OD1 . ASN A 1 63  ? 12.928  1.132   -3.689  1.00 63.15  ? 63  ASN A OD1 1 
ATOM   510 N ND2 . ASN A 1 63  ? 13.539  -0.440  -5.172  1.00 56.70  ? 63  ASN A ND2 1 
ATOM   511 N N   . LEU A 1 64  ? 14.037  4.940   -6.668  1.00 52.80  ? 64  LEU A N   1 
ATOM   512 C CA  . LEU A 1 64  ? 14.695  5.943   -7.488  1.00 57.76  ? 64  LEU A CA  1 
ATOM   513 C C   . LEU A 1 64  ? 16.203  5.730   -7.305  1.00 62.60  ? 64  LEU A C   1 
ATOM   514 O O   . LEU A 1 64  ? 16.638  5.223   -6.267  1.00 63.82  ? 64  LEU A O   1 
ATOM   515 C CB  . LEU A 1 64  ? 14.271  7.346   -7.038  1.00 56.81  ? 64  LEU A CB  1 
ATOM   516 C CG  . LEU A 1 64  ? 14.222  8.443   -8.107  1.00 56.61  ? 64  LEU A CG  1 
ATOM   517 C CD1 . LEU A 1 64  ? 13.344  7.997   -9.273  1.00 52.57  ? 64  LEU A CD1 1 
ATOM   518 C CD2 . LEU A 1 64  ? 13.706  9.743   -7.499  1.00 51.15  ? 64  LEU A CD2 1 
ATOM   519 N N   . ASP A 1 65  ? 16.990  6.091   -8.318  1.00 67.68  ? 65  ASP A N   1 
ATOM   520 C CA  . ASP A 1 65  ? 18.446  5.922   -8.281  1.00 70.70  ? 65  ASP A CA  1 
ATOM   521 C C   . ASP A 1 65  ? 19.145  6.606   -7.099  1.00 68.95  ? 65  ASP A C   1 
ATOM   522 O O   . ASP A 1 65  ? 20.154  6.106   -6.602  1.00 65.68  ? 65  ASP A O   1 
ATOM   523 C CB  . ASP A 1 65  ? 19.073  6.378   -9.606  1.00 77.19  ? 65  ASP A CB  1 
ATOM   524 C CG  . ASP A 1 65  ? 18.837  7.860   -9.903  1.00 86.74  ? 65  ASP A CG  1 
ATOM   525 O OD1 . ASP A 1 65  ? 17.701  8.353   -9.711  1.00 88.60  ? 65  ASP A OD1 1 
ATOM   526 O OD2 . ASP A 1 65  ? 19.796  8.535   -10.340 1.00 91.06  ? 65  ASP A OD2 1 
ATOM   527 N N   . ASN A 1 66  ? 18.597  7.736   -6.650  1.00 68.91  ? 66  ASN A N   1 
ATOM   528 C CA  . ASN A 1 66  ? 19.155  8.489   -5.525  1.00 68.90  ? 66  ASN A CA  1 
ATOM   529 C C   . ASN A 1 66  ? 18.652  8.011   -4.156  1.00 67.77  ? 66  ASN A C   1 
ATOM   530 O O   . ASN A 1 66  ? 19.131  8.471   -3.116  1.00 66.01  ? 66  ASN A O   1 
ATOM   531 C CB  . ASN A 1 66  ? 18.881  9.989   -5.700  1.00 71.55  ? 66  ASN A CB  1 
ATOM   532 C CG  . ASN A 1 66  ? 17.432  10.287  -6.042  1.00 74.25  ? 66  ASN A CG  1 
ATOM   533 O OD1 . ASN A 1 66  ? 17.129  10.770  -7.132  1.00 76.31  ? 66  ASN A OD1 1 
ATOM   534 N ND2 . ASN A 1 66  ? 16.526  9.993   -5.111  1.00 76.05  ? 66  ASN A ND2 1 
ATOM   535 N N   . GLY A 1 67  ? 17.674  7.108   -4.163  1.00 66.73  ? 67  GLY A N   1 
ATOM   536 C CA  . GLY A 1 67  ? 17.144  6.583   -2.915  1.00 64.76  ? 67  GLY A CA  1 
ATOM   537 C C   . GLY A 1 67  ? 15.673  6.854   -2.648  1.00 63.61  ? 67  GLY A C   1 
ATOM   538 O O   . GLY A 1 67  ? 15.134  6.366   -1.649  1.00 64.15  ? 67  GLY A O   1 
ATOM   539 N N   . GLY A 1 68  ? 15.018  7.614   -3.525  1.00 57.60  ? 68  GLY A N   1 
ATOM   540 C CA  . GLY A 1 68  ? 13.609  7.923   -3.337  1.00 50.34  ? 68  GLY A CA  1 
ATOM   541 C C   . GLY A 1 68  ? 12.645  6.782   -3.640  1.00 46.26  ? 68  GLY A C   1 
ATOM   542 O O   . GLY A 1 68  ? 13.059  5.641   -3.870  1.00 48.15  ? 68  GLY A O   1 
ATOM   543 N N   . PHE A 1 69  ? 11.351  7.089   -3.621  1.00 39.38  ? 69  PHE A N   1 
ATOM   544 C CA  . PHE A 1 69  ? 10.309  6.102   -3.900  1.00 34.83  ? 69  PHE A CA  1 
ATOM   545 C C   . PHE A 1 69  ? 9.182   6.760   -4.683  1.00 31.40  ? 69  PHE A C   1 
ATOM   546 O O   . PHE A 1 69  ? 8.938   7.958   -4.543  1.00 29.27  ? 69  PHE A O   1 
ATOM   547 C CB  . PHE A 1 69  ? 9.712   5.550   -2.605  1.00 38.11  ? 69  PHE A CB  1 
ATOM   548 C CG  . PHE A 1 69  ? 10.654  4.701   -1.800  1.00 38.24  ? 69  PHE A CG  1 
ATOM   549 C CD1 . PHE A 1 69  ? 11.276  5.214   -0.665  1.00 36.40  ? 69  PHE A CD1 1 
ATOM   550 C CD2 . PHE A 1 69  ? 10.881  3.374   -2.146  1.00 38.94  ? 69  PHE A CD2 1 
ATOM   551 C CE1 . PHE A 1 69  ? 12.104  4.421   0.113   1.00 33.52  ? 69  PHE A CE1 1 
ATOM   552 C CE2 . PHE A 1 69  ? 11.709  2.571   -1.372  1.00 35.99  ? 69  PHE A CE2 1 
ATOM   553 C CZ  . PHE A 1 69  ? 12.319  3.094   -0.242  1.00 34.65  ? 69  PHE A CZ  1 
ATOM   554 N N   . TYR A 1 70  ? 8.490   5.971   -5.500  1.00 29.26  ? 70  TYR A N   1 
ATOM   555 C CA  . TYR A 1 70  ? 7.370   6.476   -6.286  1.00 28.78  ? 70  TYR A CA  1 
ATOM   556 C C   . TYR A 1 70  ? 6.525   5.326   -6.808  1.00 27.55  ? 70  TYR A C   1 
ATOM   557 O O   . TYR A 1 70  ? 6.994   4.196   -6.910  1.00 25.61  ? 70  TYR A O   1 
ATOM   558 C CB  . TYR A 1 70  ? 7.859   7.341   -7.471  1.00 30.88  ? 70  TYR A CB  1 
ATOM   559 C CG  . TYR A 1 70  ? 8.526   6.570   -8.600  1.00 31.38  ? 70  TYR A CG  1 
ATOM   560 C CD1 . TYR A 1 70  ? 7.776   6.047   -9.654  1.00 31.57  ? 70  TYR A CD1 1 
ATOM   561 C CD2 . TYR A 1 70  ? 9.896   6.315   -8.584  1.00 35.50  ? 70  TYR A CD2 1 
ATOM   562 C CE1 . TYR A 1 70  ? 8.368   5.284   -10.652 1.00 33.93  ? 70  TYR A CE1 1 
ATOM   563 C CE2 . TYR A 1 70  ? 10.500  5.553   -9.583  1.00 32.53  ? 70  TYR A CE2 1 
ATOM   564 C CZ  . TYR A 1 70  ? 9.730   5.037   -10.608 1.00 34.07  ? 70  TYR A CZ  1 
ATOM   565 O OH  . TYR A 1 70  ? 10.309  4.237   -11.561 1.00 34.33  ? 70  TYR A OH  1 
ATOM   566 N N   . ILE A 1 71  ? 5.260   5.620   -7.083  1.00 29.89  ? 71  ILE A N   1 
ATOM   567 C CA  . ILE A 1 71  ? 4.341   4.639   -7.650  1.00 33.65  ? 71  ILE A CA  1 
ATOM   568 C C   . ILE A 1 71  ? 4.187   5.092   -9.107  1.00 32.28  ? 71  ILE A C   1 
ATOM   569 O O   . ILE A 1 71  ? 4.212   4.283   -10.041 1.00 36.08  ? 71  ILE A O   1 
ATOM   570 C CB  . ILE A 1 71  ? 2.965   4.648   -6.933  1.00 32.33  ? 71  ILE A CB  1 
ATOM   571 C CG1 . ILE A 1 71  ? 3.139   4.314   -5.447  1.00 31.57  ? 71  ILE A CG1 1 
ATOM   572 C CG2 . ILE A 1 71  ? 2.030   3.640   -7.594  1.00 33.51  ? 71  ILE A CG2 1 
ATOM   573 C CD1 . ILE A 1 71  ? 1.841   4.192   -4.675  1.00 26.16  ? 71  ILE A CD1 1 
ATOM   574 N N   . SER A 1 72  ? 4.065   6.407   -9.267  1.00 31.74  ? 72  SER A N   1 
ATOM   575 C CA  . SER A 1 72  ? 3.959   7.069   -10.560 1.00 34.29  ? 72  SER A CA  1 
ATOM   576 C C   . SER A 1 72  ? 5.152   8.023   -10.652 1.00 34.24  ? 72  SER A C   1 
ATOM   577 O O   . SER A 1 72  ? 5.348   8.857   -9.769  1.00 36.89  ? 72  SER A O   1 
ATOM   578 C CB  . SER A 1 72  ? 2.666   7.875   -10.642 1.00 34.36  ? 72  SER A CB  1 
ATOM   579 O OG  . SER A 1 72  ? 2.732   8.831   -11.687 1.00 36.87  ? 72  SER A OG  1 
ATOM   580 N N   . PRO A 1 73  ? 5.947   7.933   -11.729 1.00 34.72  ? 73  PRO A N   1 
ATOM   581 C CA  . PRO A 1 73  ? 7.115   8.804   -11.895 1.00 34.50  ? 73  PRO A CA  1 
ATOM   582 C C   . PRO A 1 73  ? 6.871   10.312  -11.790 1.00 33.97  ? 73  PRO A C   1 
ATOM   583 O O   . PRO A 1 73  ? 7.822   11.075  -11.634 1.00 37.32  ? 73  PRO A O   1 
ATOM   584 C CB  . PRO A 1 73  ? 7.654   8.394   -13.265 1.00 34.36  ? 73  PRO A CB  1 
ATOM   585 C CG  . PRO A 1 73  ? 6.447   7.847   -13.970 1.00 36.93  ? 73  PRO A CG  1 
ATOM   586 C CD  . PRO A 1 73  ? 5.792   7.044   -12.890 1.00 35.79  ? 73  PRO A CD  1 
ATOM   587 N N   . ARG A 1 74  ? 5.607   10.732  -11.820 1.00 33.63  ? 74  ARG A N   1 
ATOM   588 C CA  . ARG A 1 74  ? 5.265   12.152  -11.720 1.00 34.52  ? 74  ARG A CA  1 
ATOM   589 C C   . ARG A 1 74  ? 5.463   12.756  -10.329 1.00 33.45  ? 74  ARG A C   1 
ATOM   590 O O   . ARG A 1 74  ? 5.671   13.960  -10.207 1.00 35.25  ? 74  ARG A O   1 
ATOM   591 C CB  . ARG A 1 74  ? 3.830   12.397  -12.175 1.00 40.56  ? 74  ARG A CB  1 
ATOM   592 C CG  . ARG A 1 74  ? 3.557   12.114  -13.642 1.00 48.10  ? 74  ARG A CG  1 
ATOM   593 C CD  . ARG A 1 74  ? 2.070   12.286  -13.939 1.00 64.08  ? 74  ARG A CD  1 
ATOM   594 N NE  . ARG A 1 74  ? 1.230   11.332  -13.200 1.00 75.53  ? 74  ARG A NE  1 
ATOM   595 C CZ  . ARG A 1 74  ? 0.535   11.614  -12.095 1.00 78.77  ? 74  ARG A CZ  1 
ATOM   596 N NH1 . ARG A 1 74  ? -0.190  10.667  -11.511 1.00 75.37  ? 74  ARG A NH1 1 
ATOM   597 N NH2 . ARG A 1 74  ? 0.560   12.838  -11.569 1.00 79.59  ? 74  ARG A NH2 1 
ATOM   598 N N   . ILE A 1 75  ? 5.313   11.947  -9.282  1.00 34.27  ? 75  ILE A N   1 
ATOM   599 C CA  . ILE A 1 75  ? 5.508   12.419  -7.903  1.00 32.04  ? 75  ILE A CA  1 
ATOM   600 C C   . ILE A 1 75  ? 6.422   11.436  -7.194  1.00 28.63  ? 75  ILE A C   1 
ATOM   601 O O   . ILE A 1 75  ? 6.112   10.247  -7.094  1.00 30.68  ? 75  ILE A O   1 
ATOM   602 C CB  . ILE A 1 75  ? 4.195   12.498  -7.066  1.00 33.76  ? 75  ILE A CB  1 
ATOM   603 C CG1 . ILE A 1 75  ? 2.990   12.805  -7.943  1.00 38.05  ? 75  ILE A CG1 1 
ATOM   604 C CG2 . ILE A 1 75  ? 4.321   13.580  -6.001  1.00 33.97  ? 75  ILE A CG2 1 
ATOM   605 C CD1 . ILE A 1 75  ? 2.171   11.578  -8.275  1.00 45.95  ? 75  ILE A CD1 1 
ATOM   606 N N   . THR A 1 76  ? 7.566   11.922  -6.736  1.00 25.10  ? 76  THR A N   1 
ATOM   607 C CA  . THR A 1 76  ? 8.514   11.069  -6.036  1.00 25.70  ? 76  THR A CA  1 
ATOM   608 C C   . THR A 1 76  ? 8.565   11.469  -4.564  1.00 25.18  ? 76  THR A C   1 
ATOM   609 O O   . THR A 1 76  ? 8.129   12.557  -4.188  1.00 23.36  ? 76  THR A O   1 
ATOM   610 C CB  . THR A 1 76  ? 9.915   11.159  -6.658  1.00 27.96  ? 76  THR A CB  1 
ATOM   611 O OG1 . THR A 1 76  ? 10.314  12.533  -6.738  1.00 35.18  ? 76  THR A OG1 1 
ATOM   612 C CG2 . THR A 1 76  ? 9.919   10.544  -8.050  1.00 27.03  ? 76  THR A CG2 1 
ATOM   613 N N   . PHE A 1 77  ? 9.104   10.586  -3.733  1.00 25.46  ? 77  PHE A N   1 
ATOM   614 C CA  . PHE A 1 77  ? 9.182   10.847  -2.303  1.00 25.64  ? 77  PHE A CA  1 
ATOM   615 C C   . PHE A 1 77  ? 10.541  10.437  -1.763  1.00 26.24  ? 77  PHE A C   1 
ATOM   616 O O   . PHE A 1 77  ? 11.153  9.487   -2.251  1.00 29.58  ? 77  PHE A O   1 
ATOM   617 C CB  . PHE A 1 77  ? 8.089   10.061  -1.568  1.00 26.89  ? 77  PHE A CB  1 
ATOM   618 C CG  . PHE A 1 77  ? 6.731   10.173  -2.201  1.00 22.88  ? 77  PHE A CG  1 
ATOM   619 C CD1 . PHE A 1 77  ? 6.285   9.202   -3.090  1.00 19.96  ? 77  PHE A CD1 1 
ATOM   620 C CD2 . PHE A 1 77  ? 5.912   11.262  -1.928  1.00 20.28  ? 77  PHE A CD2 1 
ATOM   621 C CE1 . PHE A 1 77  ? 5.037   9.312   -3.704  1.00 21.06  ? 77  PHE A CE1 1 
ATOM   622 C CE2 . PHE A 1 77  ? 4.664   11.382  -2.537  1.00 19.45  ? 77  PHE A CE2 1 
ATOM   623 C CZ  . PHE A 1 77  ? 4.227   10.406  -3.425  1.00 19.16  ? 77  PHE A CZ  1 
ATOM   624 N N   . PRO A 1 78  ? 11.022  11.143  -0.731  1.00 26.12  ? 78  PRO A N   1 
ATOM   625 C CA  . PRO A 1 78  ? 12.315  10.868  -0.099  1.00 28.74  ? 78  PRO A CA  1 
ATOM   626 C C   . PRO A 1 78  ? 12.298  9.624   0.793   1.00 32.79  ? 78  PRO A C   1 
ATOM   627 O O   . PRO A 1 78  ? 13.356  9.123   1.179   1.00 37.62  ? 78  PRO A O   1 
ATOM   628 C CB  . PRO A 1 78  ? 12.560  12.128  0.716   1.00 29.19  ? 78  PRO A CB  1 
ATOM   629 C CG  . PRO A 1 78  ? 11.177  12.520  1.125   1.00 30.51  ? 78  PRO A CG  1 
ATOM   630 C CD  . PRO A 1 78  ? 10.397  12.342  -0.147  1.00 25.69  ? 78  PRO A CD  1 
ATOM   631 N N   . GLY A 1 79  ? 11.096  9.139   1.112   1.00 32.65  ? 79  GLY A N   1 
ATOM   632 C CA  . GLY A 1 79  ? 10.939  7.960   1.953   1.00 33.15  ? 79  GLY A CA  1 
ATOM   633 C C   . GLY A 1 79  ? 9.524   7.400   1.910   1.00 34.42  ? 79  GLY A C   1 
ATOM   634 O O   . GLY A 1 79  ? 8.629   8.028   1.341   1.00 36.89  ? 79  GLY A O   1 
ATOM   635 N N   . LEU A 1 80  ? 9.309   6.224   2.503   1.00 31.88  ? 80  LEU A N   1 
ATOM   636 C CA  . LEU A 1 80  ? 7.983   5.601   2.509   1.00 28.72  ? 80  LEU A CA  1 
ATOM   637 C C   . LEU A 1 80  ? 6.956   6.357   3.346   1.00 27.24  ? 80  LEU A C   1 
ATOM   638 O O   . LEU A 1 80  ? 5.768   6.356   3.027   1.00 24.95  ? 80  LEU A O   1 
ATOM   639 C CB  . LEU A 1 80  ? 8.059   4.154   2.998   1.00 26.57  ? 80  LEU A CB  1 
ATOM   640 C CG  . LEU A 1 80  ? 8.751   3.113   2.123   1.00 27.18  ? 80  LEU A CG  1 
ATOM   641 C CD1 . LEU A 1 80  ? 8.643   1.756   2.801   1.00 25.58  ? 80  LEU A CD1 1 
ATOM   642 C CD2 . LEU A 1 80  ? 8.104   3.065   0.746   1.00 29.02  ? 80  LEU A CD2 1 
ATOM   643 N N   . HIS A 1 81  ? 7.425   6.999   4.411   1.00 30.48  ? 81  HIS A N   1 
ATOM   644 C CA  . HIS A 1 81  ? 6.560   7.762   5.305   1.00 33.07  ? 81  HIS A CA  1 
ATOM   645 C C   . HIS A 1 81  ? 5.825   8.852   4.538   1.00 32.90  ? 81  HIS A C   1 
ATOM   646 O O   . HIS A 1 81  ? 4.603   9.009   4.661   1.00 30.17  ? 81  HIS A O   1 
ATOM   647 C CB  . HIS A 1 81  ? 7.385   8.414   6.423   1.00 41.44  ? 81  HIS A CB  1 
ATOM   648 C CG  . HIS A 1 81  ? 7.978   7.442   7.394   1.00 51.97  ? 81  HIS A CG  1 
ATOM   649 N ND1 . HIS A 1 81  ? 9.050   6.632   7.080   1.00 59.73  ? 81  HIS A ND1 1 
ATOM   650 C CD2 . HIS A 1 81  ? 7.659   7.160   8.681   1.00 54.62  ? 81  HIS A CD2 1 
ATOM   651 C CE1 . HIS A 1 81  ? 9.367   5.895   8.130   1.00 58.75  ? 81  HIS A CE1 1 
ATOM   652 N NE2 . HIS A 1 81  ? 8.539   6.196   9.114   1.00 59.20  ? 81  HIS A NE2 1 
ATOM   653 N N   . GLU A 1 82  ? 6.588   9.589   3.732   1.00 32.20  ? 82  GLU A N   1 
ATOM   654 C CA  . GLU A 1 82  ? 6.054   10.687  2.937   1.00 31.38  ? 82  GLU A CA  1 
ATOM   655 C C   . GLU A 1 82  ? 5.117   10.198  1.835   1.00 27.35  ? 82  GLU A C   1 
ATOM   656 O O   . GLU A 1 82  ? 4.146   10.871  1.501   1.00 27.55  ? 82  GLU A O   1 
ATOM   657 C CB  . GLU A 1 82  ? 7.204   11.521  2.360   1.00 33.44  ? 82  GLU A CB  1 
ATOM   658 C CG  . GLU A 1 82  ? 6.824   12.955  2.014   1.00 39.94  ? 82  GLU A CG  1 
ATOM   659 C CD  . GLU A 1 82  ? 6.256   13.737  3.197   1.00 40.90  ? 82  GLU A CD  1 
ATOM   660 O OE1 . GLU A 1 82  ? 5.496   14.696  2.948   1.00 43.97  ? 82  GLU A OE1 1 
ATOM   661 O OE2 . GLU A 1 82  ? 6.562   13.412  4.366   1.00 40.95  ? 82  GLU A OE2 1 
ATOM   662 N N   . LEU A 1 83  ? 5.408   9.024   1.280   1.00 23.10  ? 83  LEU A N   1 
ATOM   663 C CA  . LEU A 1 83  ? 4.567   8.438   0.242   1.00 24.32  ? 83  LEU A CA  1 
ATOM   664 C C   . LEU A 1 83  ? 3.207   8.101   0.875   1.00 25.76  ? 83  LEU A C   1 
ATOM   665 O O   . LEU A 1 83  ? 2.153   8.377   0.297   1.00 28.49  ? 83  LEU A O   1 
ATOM   666 C CB  . LEU A 1 83  ? 5.248   7.180   -0.328  1.00 19.42  ? 83  LEU A CB  1 
ATOM   667 C CG  . LEU A 1 83  ? 4.641   6.365   -1.480  1.00 17.87  ? 83  LEU A CG  1 
ATOM   668 C CD1 . LEU A 1 83  ? 5.702   5.473   -2.079  1.00 15.35  ? 83  LEU A CD1 1 
ATOM   669 C CD2 . LEU A 1 83  ? 3.479   5.524   -1.009  1.00 19.67  ? 83  LEU A CD2 1 
ATOM   670 N N   . VAL A 1 84  ? 3.240   7.542   2.083   1.00 24.47  ? 84  VAL A N   1 
ATOM   671 C CA  . VAL A 1 84  ? 2.015   7.189   2.797   1.00 26.18  ? 84  VAL A CA  1 
ATOM   672 C C   . VAL A 1 84  ? 1.191   8.425   3.159   1.00 24.51  ? 84  VAL A C   1 
ATOM   673 O O   . VAL A 1 84  ? -0.022  8.441   2.973   1.00 26.41  ? 84  VAL A O   1 
ATOM   674 C CB  . VAL A 1 84  ? 2.316   6.361   4.084   1.00 27.37  ? 84  VAL A CB  1 
ATOM   675 C CG1 . VAL A 1 84  ? 1.058   6.198   4.927   1.00 22.34  ? 84  VAL A CG1 1 
ATOM   676 C CG2 . VAL A 1 84  ? 2.846   4.992   3.705   1.00 23.53  ? 84  VAL A CG2 1 
ATOM   677 N N   . ARG A 1 85  ? 1.853   9.469   3.647   1.00 25.65  ? 85  ARG A N   1 
ATOM   678 C CA  . ARG A 1 85  ? 1.161   10.700  4.030   1.00 28.19  ? 85  ARG A CA  1 
ATOM   679 C C   . ARG A 1 85  ? 0.502   11.410  2.840   1.00 27.56  ? 85  ARG A C   1 
ATOM   680 O O   . ARG A 1 85  ? -0.601  11.949  2.950   1.00 26.46  ? 85  ARG A O   1 
ATOM   681 C CB  . ARG A 1 85  ? 2.135   11.657  4.721   1.00 28.81  ? 85  ARG A CB  1 
ATOM   682 C CG  . ARG A 1 85  ? 1.462   12.852  5.373   1.00 27.62  ? 85  ARG A CG  1 
ATOM   683 C CD  . ARG A 1 85  ? 2.445   13.986  5.565   1.00 31.43  ? 85  ARG A CD  1 
ATOM   684 N NE  . ARG A 1 85  ? 2.962   14.444  4.281   1.00 30.00  ? 85  ARG A NE  1 
ATOM   685 C CZ  . ARG A 1 85  ? 2.241   15.092  3.368   1.00 28.56  ? 85  ARG A CZ  1 
ATOM   686 N NH1 . ARG A 1 85  ? 0.963   15.377  3.597   1.00 34.06  ? 85  ARG A NH1 1 
ATOM   687 N NH2 . ARG A 1 85  ? 2.787   15.400  2.202   1.00 30.01  ? 85  ARG A NH2 1 
ATOM   688 N N   . HIS A 1 86  ? 1.184   11.394  1.700   1.00 28.21  ? 86  HIS A N   1 
ATOM   689 C CA  . HIS A 1 86  ? 0.688   12.030  0.483   1.00 24.68  ? 86  HIS A CA  1 
ATOM   690 C C   . HIS A 1 86  ? -0.602  11.389  -0.017  1.00 21.24  ? 86  HIS A C   1 
ATOM   691 O O   . HIS A 1 86  ? -1.558  12.088  -0.363  1.00 21.32  ? 86  HIS A O   1 
ATOM   692 C CB  . HIS A 1 86  ? 1.762   11.971  -0.610  1.00 25.46  ? 86  HIS A CB  1 
ATOM   693 C CG  . HIS A 1 86  ? 1.319   12.536  -1.921  1.00 23.87  ? 86  HIS A CG  1 
ATOM   694 N ND1 . HIS A 1 86  ? 1.397   13.880  -2.215  1.00 24.79  ? 86  HIS A ND1 1 
ATOM   695 C CD2 . HIS A 1 86  ? 0.771   11.942  -3.008  1.00 24.12  ? 86  HIS A CD2 1 
ATOM   696 C CE1 . HIS A 1 86  ? 0.916   14.092  -3.427  1.00 27.57  ? 86  HIS A CE1 1 
ATOM   697 N NE2 . HIS A 1 86  ? 0.528   12.933  -3.929  1.00 26.64  ? 86  HIS A NE2 1 
ATOM   698 N N   . TYR A 1 87  ? -0.617  10.059  -0.065  1.00 24.45  ? 87  TYR A N   1 
ATOM   699 C CA  . TYR A 1 87  ? -1.791  9.330   -0.530  1.00 22.34  ? 87  TYR A CA  1 
ATOM   700 C C   . TYR A 1 87  ? -2.879  9.193   0.523   1.00 20.90  ? 87  TYR A C   1 
ATOM   701 O O   . TYR A 1 87  ? -3.955  8.664   0.250   1.00 20.00  ? 87  TYR A O   1 
ATOM   702 C CB  . TYR A 1 87  ? -1.394  7.980   -1.112  1.00 24.92  ? 87  TYR A CB  1 
ATOM   703 C CG  . TYR A 1 87  ? -0.651  8.112   -2.424  1.00 27.57  ? 87  TYR A CG  1 
ATOM   704 C CD1 . TYR A 1 87  ? 0.719   7.859   -2.503  1.00 29.17  ? 87  TYR A CD1 1 
ATOM   705 C CD2 . TYR A 1 87  ? -1.318  8.503   -3.584  1.00 24.06  ? 87  TYR A CD2 1 
ATOM   706 C CE1 . TYR A 1 87  ? 1.412   7.997   -3.708  1.00 33.74  ? 87  TYR A CE1 1 
ATOM   707 C CE2 . TYR A 1 87  ? -0.638  8.642   -4.796  1.00 32.52  ? 87  TYR A CE2 1 
ATOM   708 C CZ  . TYR A 1 87  ? 0.727   8.388   -4.853  1.00 36.19  ? 87  TYR A CZ  1 
ATOM   709 O OH  . TYR A 1 87  ? 1.405   8.534   -6.049  1.00 33.92  ? 87  TYR A OH  1 
ATOM   710 N N   . THR A 1 88  ? -2.580  9.670   1.730   1.00 23.11  ? 88  THR A N   1 
ATOM   711 C CA  . THR A 1 88  ? -3.542  9.662   2.828   1.00 22.57  ? 88  THR A CA  1 
ATOM   712 C C   . THR A 1 88  ? -4.320  10.957  2.676   1.00 20.31  ? 88  THR A C   1 
ATOM   713 O O   . THR A 1 88  ? -5.508  11.012  2.965   1.00 24.85  ? 88  THR A O   1 
ATOM   714 C CB  . THR A 1 88  ? -2.850  9.618   4.222   1.00 24.04  ? 88  THR A CB  1 
ATOM   715 O OG1 . THR A 1 88  ? -2.248  8.332   4.423   1.00 24.38  ? 88  THR A OG1 1 
ATOM   716 C CG2 . THR A 1 88  ? -3.857  9.866   5.337   1.00 17.77  ? 88  THR A CG2 1 
ATOM   717 N N   . ASN A 1 89  ? -3.640  11.990  2.192   1.00 22.61  ? 89  ASN A N   1 
ATOM   718 C CA  . ASN A 1 89  ? -4.256  13.293  1.965   1.00 24.58  ? 89  ASN A CA  1 
ATOM   719 C C   . ASN A 1 89  ? -5.127  13.313  0.701   1.00 25.16  ? 89  ASN A C   1 
ATOM   720 O O   . ASN A 1 89  ? -6.196  13.921  0.687   1.00 29.20  ? 89  ASN A O   1 
ATOM   721 C CB  . ASN A 1 89  ? -3.177  14.376  1.886   1.00 24.46  ? 89  ASN A CB  1 
ATOM   722 C CG  . ASN A 1 89  ? -3.748  15.752  1.610   1.00 28.39  ? 89  ASN A CG  1 
ATOM   723 O OD1 . ASN A 1 89  ? -3.411  16.372  0.614   1.00 30.75  ? 89  ASN A OD1 1 
ATOM   724 N ND2 . ASN A 1 89  ? -4.609  16.236  2.497   1.00 28.52  ? 89  ASN A ND2 1 
ATOM   725 N N   . ALA A 1 90  ? -4.686  12.633  -0.354  1.00 26.90  ? 90  ALA A N   1 
ATOM   726 C CA  . ALA A 1 90  ? -5.443  12.603  -1.602  1.00 27.49  ? 90  ALA A CA  1 
ATOM   727 C C   . ALA A 1 90  ? -5.114  11.370  -2.420  1.00 27.33  ? 90  ALA A C   1 
ATOM   728 O O   . ALA A 1 90  ? -3.948  11.007  -2.538  1.00 31.94  ? 90  ALA A O   1 
ATOM   729 C CB  . ALA A 1 90  ? -5.144  13.855  -2.421  1.00 28.12  ? 90  ALA A CB  1 
ATOM   730 N N   . SER A 1 91  ? -6.138  10.750  -3.009  1.00 27.51  ? 91  SER A N   1 
ATOM   731 C CA  . SER A 1 91  ? -5.957  9.557   -3.843  1.00 28.19  ? 91  SER A CA  1 
ATOM   732 C C   . SER A 1 91  ? -4.923  9.826   -4.937  1.00 28.11  ? 91  SER A C   1 
ATOM   733 O O   . SER A 1 91  ? -4.063  8.981   -5.196  1.00 28.81  ? 91  SER A O   1 
ATOM   734 C CB  . SER A 1 91  ? -7.282  9.124   -4.467  1.00 24.41  ? 91  SER A CB  1 
ATOM   735 O OG  . SER A 1 91  ? -7.862  10.187  -5.196  1.00 31.78  ? 91  SER A OG  1 
ATOM   736 N N   . ASP A 1 92  ? -5.033  10.992  -5.583  1.00 27.00  ? 92  ASP A N   1 
ATOM   737 C CA  . ASP A 1 92  ? -4.094  11.433  -6.622  1.00 25.94  ? 92  ASP A CA  1 
ATOM   738 C C   . ASP A 1 92  ? -3.727  10.324  -7.633  1.00 23.50  ? 92  ASP A C   1 
ATOM   739 O O   . ASP A 1 92  ? -2.548  10.027  -7.854  1.00 25.59  ? 92  ASP A O   1 
ATOM   740 C CB  . ASP A 1 92  ? -2.842  11.998  -5.922  1.00 31.31  ? 92  ASP A CB  1 
ATOM   741 C CG  . ASP A 1 92  ? -1.951  12.823  -6.840  1.00 38.06  ? 92  ASP A CG  1 
ATOM   742 O OD1 . ASP A 1 92  ? -2.465  13.462  -7.780  1.00 43.88  ? 92  ASP A OD1 1 
ATOM   743 O OD2 . ASP A 1 92  ? -0.722  12.854  -6.599  1.00 40.61  ? 92  ASP A OD2 1 
ATOM   744 N N   . GLY A 1 93  ? -4.748  9.700   -8.215  1.00 17.13  ? 93  GLY A N   1 
ATOM   745 C CA  . GLY A 1 93  ? -4.520  8.632   -9.172  1.00 19.47  ? 93  GLY A CA  1 
ATOM   746 C C   . GLY A 1 93  ? -4.799  7.246   -8.621  1.00 23.81  ? 93  GLY A C   1 
ATOM   747 O O   . GLY A 1 93  ? -5.164  6.328   -9.367  1.00 25.05  ? 93  GLY A O   1 
ATOM   748 N N   . LEU A 1 94  ? -4.592  7.075   -7.318  1.00 25.14  ? 94  LEU A N   1 
ATOM   749 C CA  . LEU A 1 94  ? -4.839  5.791   -6.663  1.00 26.35  ? 94  LEU A CA  1 
ATOM   750 C C   . LEU A 1 94  ? -6.325  5.414   -6.717  1.00 23.22  ? 94  LEU A C   1 
ATOM   751 O O   . LEU A 1 94  ? -7.182  6.286   -6.847  1.00 21.68  ? 94  LEU A O   1 
ATOM   752 C CB  . LEU A 1 94  ? -4.366  5.848   -5.208  1.00 27.45  ? 94  LEU A CB  1 
ATOM   753 C CG  . LEU A 1 94  ? -3.228  4.905   -4.814  1.00 26.69  ? 94  LEU A CG  1 
ATOM   754 C CD1 . LEU A 1 94  ? -2.056  5.050   -5.766  1.00 25.16  ? 94  LEU A CD1 1 
ATOM   755 C CD2 . LEU A 1 94  ? -2.805  5.205   -3.390  1.00 27.98  ? 94  LEU A CD2 1 
ATOM   756 N N   . CYS A 1 95  ? -6.625  4.121   -6.616  1.00 22.85  ? 95  CYS A N   1 
ATOM   757 C CA  . CYS A 1 95  ? -8.009  3.650   -6.657  1.00 24.81  ? 95  CYS A CA  1 
ATOM   758 C C   . CYS A 1 95  ? -8.830  4.356   -5.590  1.00 30.05  ? 95  CYS A C   1 
ATOM   759 O O   . CYS A 1 95  ? -10.008 4.653   -5.795  1.00 31.38  ? 95  CYS A O   1 
ATOM   760 C CB  . CYS A 1 95  ? -8.073  2.142   -6.433  1.00 27.46  ? 95  CYS A CB  1 
ATOM   761 S SG  . CYS A 1 95  ? -7.283  1.604   -4.906  1.00 30.74  ? 95  CYS A SG  1 
ATOM   762 N N   . THR A 1 96  ? -8.192  4.610   -4.448  1.00 30.90  ? 96  THR A N   1 
ATOM   763 C CA  . THR A 1 96  ? -8.820  5.309   -3.332  1.00 27.78  ? 96  THR A CA  1 
ATOM   764 C C   . THR A 1 96  ? -7.778  5.928   -2.401  1.00 25.82  ? 96  THR A C   1 
ATOM   765 O O   . THR A 1 96  ? -6.594  5.588   -2.432  1.00 23.92  ? 96  THR A O   1 
ATOM   766 C CB  . THR A 1 96  ? -9.775  4.390   -2.503  1.00 27.79  ? 96  THR A CB  1 
ATOM   767 O OG1 . THR A 1 96  ? -10.503 5.186   -1.560  1.00 26.55  ? 96  THR A OG1 1 
ATOM   768 C CG2 . THR A 1 96  ? -8.997  3.327   -1.738  1.00 25.70  ? 96  THR A CG2 1 
ATOM   769 N N   . ARG A 1 97  ? -8.246  6.856   -1.584  1.00 25.32  ? 97  ARG A N   1 
ATOM   770 C CA  . ARG A 1 97  ? -7.430  7.560   -0.614  1.00 25.59  ? 97  ARG A CA  1 
ATOM   771 C C   . ARG A 1 97  ? -7.019  6.590   0.514   1.00 30.25  ? 97  ARG A C   1 
ATOM   772 O O   . ARG A 1 97  ? -7.845  5.814   1.010   1.00 31.32  ? 97  ARG A O   1 
ATOM   773 C CB  . ARG A 1 97  ? -8.284  8.699   -0.071  1.00 26.71  ? 97  ARG A CB  1 
ATOM   774 C CG  . ARG A 1 97  ? -7.651  9.604   0.923   1.00 29.95  ? 97  ARG A CG  1 
ATOM   775 C CD  . ARG A 1 97  ? -8.693  10.587  1.410   1.00 33.97  ? 97  ARG A CD  1 
ATOM   776 N NE  . ARG A 1 97  ? -8.452  10.966  2.795   1.00 50.11  ? 97  ARG A NE  1 
ATOM   777 C CZ  . ARG A 1 97  ? -8.614  10.148  3.833   1.00 53.80  ? 97  ARG A CZ  1 
ATOM   778 N NH1 . ARG A 1 97  ? -8.365  10.580  5.058   1.00 57.19  ? 97  ARG A NH1 1 
ATOM   779 N NH2 . ARG A 1 97  ? -9.033  8.902   3.654   1.00 56.00  ? 97  ARG A NH2 1 
ATOM   780 N N   . LEU A 1 98  ? -5.733  6.575   0.865   1.00 27.68  ? 98  LEU A N   1 
ATOM   781 C CA  . LEU A 1 98  ? -5.258  5.701   1.941   1.00 26.53  ? 98  LEU A CA  1 
ATOM   782 C C   . LEU A 1 98  ? -5.873  6.170   3.254   1.00 27.30  ? 98  LEU A C   1 
ATOM   783 O O   . LEU A 1 98  ? -5.891  7.366   3.555   1.00 22.71  ? 98  LEU A O   1 
ATOM   784 C CB  . LEU A 1 98  ? -3.733  5.719   2.053   1.00 22.79  ? 98  LEU A CB  1 
ATOM   785 C CG  . LEU A 1 98  ? -2.907  5.194   0.879   1.00 20.58  ? 98  LEU A CG  1 
ATOM   786 C CD1 . LEU A 1 98  ? -1.449  5.163   1.305   1.00 17.35  ? 98  LEU A CD1 1 
ATOM   787 C CD2 . LEU A 1 98  ? -3.363  3.799   0.449   1.00 14.90  ? 98  LEU A CD2 1 
ATOM   788 N N   . SER A 1 99  ? -6.369  5.226   4.043   1.00 31.01  ? 99  SER A N   1 
ATOM   789 C CA  . SER A 1 99  ? -7.000  5.591   5.293   1.00 32.47  ? 99  SER A CA  1 
ATOM   790 C C   . SER A 1 99  ? -6.283  5.088   6.546   1.00 33.44  ? 99  SER A C   1 
ATOM   791 O O   . SER A 1 99  ? -5.228  5.609   6.926   1.00 33.61  ? 99  SER A O   1 
ATOM   792 C CB  . SER A 1 99  ? -8.463  5.144   5.278   1.00 29.15  ? 99  SER A CB  1 
ATOM   793 O OG  . SER A 1 99  ? -9.153  5.667   6.398   1.00 41.67  ? 99  SER A OG  1 
ATOM   794 N N   . ARG A 1 100 ? -6.858  4.065   7.171   1.00 34.36  ? 100 ARG A N   1 
ATOM   795 C CA  . ARG A 1 100 ? -6.326  3.494   8.396   1.00 33.14  ? 100 ARG A CA  1 
ATOM   796 C C   . ARG A 1 100 ? -5.468  2.262   8.119   1.00 26.01  ? 100 ARG A C   1 
ATOM   797 O O   . ARG A 1 100 ? -5.833  1.419   7.305   1.00 27.43  ? 100 ARG A O   1 
ATOM   798 C CB  . ARG A 1 100 ? -7.504  3.150   9.323   1.00 39.95  ? 100 ARG A CB  1 
ATOM   799 C CG  . ARG A 1 100 ? -7.120  2.599   10.696  1.00 59.40  ? 100 ARG A CG  1 
ATOM   800 C CD  . ARG A 1 100 ? -8.317  2.509   11.660  1.00 64.98  ? 100 ARG A CD  1 
ATOM   801 N NE  . ARG A 1 100 ? -9.458  1.776   11.105  1.00 73.30  ? 100 ARG A NE  1 
ATOM   802 C CZ  . ARG A 1 100 ? -9.456  0.481   10.784  1.00 78.59  ? 100 ARG A CZ  1 
ATOM   803 N NH1 . ARG A 1 100 ? -8.367  -0.267  10.956  1.00 82.24  ? 100 ARG A NH1 1 
ATOM   804 N NH2 . ARG A 1 100 ? -10.554 -0.070  10.280  1.00 76.86  ? 100 ARG A NH2 1 
ATOM   805 N N   . PRO A 1 101 ? -4.292  2.166   8.764   1.00 20.65  ? 101 PRO A N   1 
ATOM   806 C CA  . PRO A 1 101 ? -3.397  1.019   8.574   1.00 22.09  ? 101 PRO A CA  1 
ATOM   807 C C   . PRO A 1 101 ? -4.099  -0.318  8.845   1.00 26.63  ? 101 PRO A C   1 
ATOM   808 O O   . PRO A 1 101 ? -5.081  -0.382  9.589   1.00 33.79  ? 101 PRO A O   1 
ATOM   809 C CB  . PRO A 1 101 ? -2.291  1.285   9.592   1.00 18.72  ? 101 PRO A CB  1 
ATOM   810 C CG  . PRO A 1 101 ? -2.209  2.763   9.613   1.00 16.32  ? 101 PRO A CG  1 
ATOM   811 C CD  . PRO A 1 101 ? -3.668  3.169   9.644   1.00 17.85  ? 101 PRO A CD  1 
ATOM   812 N N   . CYS A 1 102 ? -3.596  -1.381  8.230   1.00 27.46  ? 102 CYS A N   1 
ATOM   813 C CA  . CYS A 1 102 ? -4.171  -2.704  8.389   1.00 27.01  ? 102 CYS A CA  1 
ATOM   814 C C   . CYS A 1 102 ? -4.181  -3.150  9.835   1.00 30.12  ? 102 CYS A C   1 
ATOM   815 O O   . CYS A 1 102 ? -3.177  -3.044  10.538  1.00 30.42  ? 102 CYS A O   1 
ATOM   816 C CB  . CYS A 1 102 ? -3.387  -3.720  7.574   1.00 28.65  ? 102 CYS A CB  1 
ATOM   817 S SG  . CYS A 1 102 ? -4.122  -5.364  7.576   1.00 34.79  ? 102 CYS A SG  1 
ATOM   818 N N   . GLN A 1 103 ? -5.325  -3.661  10.263  1.00 34.87  ? 103 GLN A N   1 
ATOM   819 C CA  . GLN A 1 103 ? -5.495  -4.150  11.620  1.00 41.82  ? 103 GLN A CA  1 
ATOM   820 C C   . GLN A 1 103 ? -5.512  -5.672  11.647  1.00 42.61  ? 103 GLN A C   1 
ATOM   821 O O   . GLN A 1 103 ? -6.051  -6.313  10.740  1.00 43.57  ? 103 GLN A O   1 
ATOM   822 C CB  . GLN A 1 103 ? -6.792  -3.605  12.229  1.00 45.64  ? 103 GLN A CB  1 
ATOM   823 C CG  . GLN A 1 103 ? -6.605  -2.319  13.015  1.00 54.23  ? 103 GLN A CG  1 
ATOM   824 C CD  . GLN A 1 103 ? -5.584  -2.470  14.141  1.00 62.82  ? 103 GLN A CD  1 
ATOM   825 O OE1 . GLN A 1 103 ? -5.310  -3.582  14.613  1.00 68.37  ? 103 GLN A OE1 1 
ATOM   826 N NE2 . GLN A 1 103 ? -5.011  -1.350  14.574  1.00 61.46  ? 103 GLN A NE2 1 
ATOM   827 N N   . THR A 1 104 ? -4.875  -6.248  12.663  1.00 42.85  ? 104 THR A N   1 
ATOM   828 C CA  . THR A 1 104 ? -4.843  -7.698  12.815  1.00 39.50  ? 104 THR A CA  1 
ATOM   829 C C   . THR A 1 104 ? -5.925  -8.120  13.803  1.00 38.86  ? 104 THR A C   1 
ATOM   830 O O   . THR A 1 104 ? -6.338  -9.300  13.761  1.00 40.17  ? 104 THR A O   1 
ATOM   831 C CB  . THR A 1 104 ? -3.475  -8.203  13.314  1.00 39.53  ? 104 THR A CB  1 
ATOM   832 O OG1 . THR A 1 104 ? -3.141  -7.557  14.549  1.00 44.30  ? 104 THR A OG1 1 
ATOM   833 C CG2 . THR A 1 104 ? -2.394  -7.930  12.283  1.00 36.90  ? 104 THR A CG2 1 
ATOM   834 O OXT . THR A 1 104 ? -6.361  -7.255  14.589  1.00 36.61  ? 104 THR A OXT 1 
HETATM 835 P P1  . CC0 B 2 .   ? 3.367   -8.932  -10.819 1.00 44.42  ? 150 CC0 A P1  1 
HETATM 836 O OR1 . CC0 B 2 .   ? 2.834   -8.814  -12.220 1.00 46.94  ? 150 CC0 A OR1 1 
HETATM 837 O OR2 . CC0 B 2 .   ? 2.916   -10.237 -10.242 1.00 43.27  ? 150 CC0 A OR2 1 
HETATM 838 O O10 . CC0 B 2 .   ? 4.870   -8.867  -10.833 1.00 36.41  ? 150 CC0 A O10 1 
HETATM 839 C C1  . CC0 B 2 .   ? -3.184  -2.026  -10.303 1.00 23.80  ? 150 CC0 A C1  1 
HETATM 840 N N1  . CC0 B 2 .   ? -2.562  -3.257  -9.858  1.00 28.23  ? 150 CC0 A N1  1 
HETATM 841 C C0  . CC0 B 2 .   ? -0.962  -5.067  -10.098 1.00 28.23  ? 150 CC0 A C0  1 
HETATM 842 C C3  . CC0 B 2 .   ? -1.905  -4.069  -10.701 1.00 27.70  ? 150 CC0 A C3  1 
HETATM 843 O O2  . CC0 B 2 .   ? -2.047  -4.062  -11.922 1.00 30.69  ? 150 CC0 A O2  1 
HETATM 844 N N2  . CC0 B 2 .   ? -1.148  -6.371  -10.729 1.00 32.55  ? 150 CC0 A N2  1 
HETATM 845 C C4  . CC0 B 2 .   ? 0.464   -4.508  -10.256 1.00 27.10  ? 150 CC0 A C4  1 
HETATM 846 C C5  . CC0 B 2 .   ? 1.402   -5.539  -9.616  1.00 30.77  ? 150 CC0 A C5  1 
HETATM 847 C C6  . CC0 B 2 .   ? 1.897   -6.610  -10.377 1.00 37.66  ? 150 CC0 A C6  1 
HETATM 848 C C7  . CC0 B 2 .   ? 1.763   -5.417  -8.265  1.00 30.07  ? 150 CC0 A C7  1 
HETATM 849 C C8  . CC0 B 2 .   ? 2.750   -7.575  -9.806  1.00 40.68  ? 150 CC0 A C8  1 
HETATM 850 C C9  . CC0 B 2 .   ? 2.614   -6.372  -7.687  1.00 32.48  ? 150 CC0 A C9  1 
HETATM 851 C C10 . CC0 B 2 .   ? 3.109   -7.450  -8.440  1.00 36.50  ? 150 CC0 A C10 1 
HETATM 852 O O3  . CC0 B 2 .   ? 3.967   -8.423  -7.860  1.00 36.94  ? 150 CC0 A O3  1 
HETATM 853 C C11 . CC0 B 2 .   ? -4.226  -1.545  -9.228  1.00 23.76  ? 150 CC0 A C11 1 
HETATM 854 C C12 . CC0 B 2 .   ? -1.841  -7.348  -10.097 1.00 31.55  ? 150 CC0 A C12 1 
HETATM 855 C C13 . CC0 B 2 .   ? -1.990  -8.669  -10.788 1.00 30.08  ? 150 CC0 A C13 1 
HETATM 856 O O4  . CC0 B 2 .   ? -2.346  -7.211  -8.998  1.00 41.64  ? 150 CC0 A O4  1 
HETATM 857 O O5  . CC0 B 2 .   ? -0.005  2.490   -11.973 1.00 30.65  ? 150 CC0 A O5  1 
HETATM 858 C C14 . CC0 B 2 .   ? -2.172  -0.897  -10.583 1.00 21.90  ? 150 CC0 A C14 1 
HETATM 859 C C15 . CC0 B 2 .   ? -0.806  -0.771  -10.315 1.00 23.94  ? 150 CC0 A C15 1 
HETATM 860 C C16 . CC0 B 2 .   ? -0.064  0.325   -10.796 1.00 24.63  ? 150 CC0 A C16 1 
HETATM 861 C C17 . CC0 B 2 .   ? -0.707  1.338   -11.556 1.00 26.47  ? 150 CC0 A C17 1 
HETATM 862 C C18 . CC0 B 2 .   ? -2.066  1.129   -11.905 1.00 21.73  ? 150 CC0 A C18 1 
HETATM 863 C C19 . CC0 B 2 .   ? -2.802  0.115   -11.317 1.00 22.07  ? 150 CC0 A C19 1 
HETATM 864 C C20 . CC0 B 2 .   ? -0.725  3.597   -12.562 1.00 24.30  ? 150 CC0 A C20 1 
HETATM 865 C C21 . CC0 B 2 .   ? -0.588  4.863   -11.694 1.00 23.44  ? 150 CC0 A C21 1 
HETATM 866 C C22 . CC0 B 2 .   ? -1.821  5.788   -11.959 1.00 20.01  ? 150 CC0 A C22 1 
HETATM 867 C C23 . CC0 B 2 .   ? -1.707  7.062   -11.108 1.00 22.89  ? 150 CC0 A C23 1 
HETATM 868 C C24 . CC0 B 2 .   ? -1.591  6.688   -9.599  1.00 25.10  ? 150 CC0 A C24 1 
HETATM 869 C C25 . CC0 B 2 .   ? -0.408  5.730   -9.319  1.00 19.73  ? 150 CC0 A C25 1 
HETATM 870 C C26 . CC0 B 2 .   ? -0.553  4.465   -10.187 1.00 23.06  ? 150 CC0 A C26 1 
HETATM 871 C C27 . CC0 B 2 .   ? 1.434   0.331   -10.513 1.00 24.34  ? 150 CC0 A C27 1 
HETATM 872 N N3  . CC0 B 2 .   ? 2.191   1.455   -10.497 1.00 27.00  ? 150 CC0 A N3  1 
HETATM 873 O O6  . CC0 B 2 .   ? 1.974   -0.745  -10.268 1.00 28.48  ? 150 CC0 A O6  1 
HETATM 874 C C28 . CC0 B 2 .   ? 4.526   -8.016  -6.599  1.00 37.39  ? 150 CC0 A C28 1 
HETATM 875 C C29 . CC0 B 2 .   ? 3.789   -8.673  -5.463  1.00 37.10  ? 150 CC0 A C29 1 
HETATM 876 O O7  . CC0 B 2 .   ? 4.520   -9.008  -4.391  1.00 41.17  ? 150 CC0 A O7  1 
HETATM 877 O O8  . CC0 B 2 .   ? 2.578   -8.870  -5.543  1.00 37.76  ? 150 CC0 A O8  1 
# 
